data_9VPW
#
_entry.id   9VPW
#
_cell.length_a   139.424
_cell.length_b   147.770
_cell.length_c   65.577
_cell.angle_alpha   90.00
_cell.angle_beta   90.00
_cell.angle_gamma   90.00
#
_symmetry.space_group_name_H-M   'P 21 21 2'
#
loop_
_entity.id
_entity.type
_entity.pdbx_description
1 polymer 'Dihydroorotate dehydrogenase (fumarate)'
2 non-polymer 1-DEOXY-1-(7,8-DIMETHYL-2,4-DIOXO-3,4-DIHYDRO-2H-BENZO[G]PTERIDIN-1-ID-10(5H)-YL)-5-O-PHOSPHONATO-D-RIBITOL
3 non-polymer 'OROTIC ACID'
4 non-polymer 'MALONATE ION'
5 water water
#
_entity_poly.entity_id   1
_entity_poly.type   'polypeptide(L)'
_entity_poly.pdbx_seq_one_letter_code
;GPGSMSLKVNILGHEFSNPFMNAAGVLCTTEEDLRRMTESESGSLIGKSCTLAPRTGNPEPRYFGLPLGSINSMGLPNLG
VDFYLSYAAQTHDYSRKPLFLSMSGLSVEESVEMVKKLVPITKEKGTILELNLSAPNVPGKPQVGYDFDTTRTYLQKVSE
AYGLPFGVKMPPYFDIAHFDMAAAVLNDFPLVKFITCVNSIGNGLVIDPANETVVIKPKQGFGGLGGKYVLPTALANVNA
FFRRCPDKLVFGCGGVYSGEEAFLHILAGASMVQVGTALHDEGPIIFARLNKELQEIMTNKGYKTLDEFRGRVKTMD
;
_entity_poly.pdbx_strand_id   A,B,C,D
#
loop_
_chem_comp.id
_chem_comp.type
_chem_comp.name
_chem_comp.formula
FNR non-polymer 1-DEOXY-1-(7,8-DIMETHYL-2,4-DIOXO-3,4-DIHYDRO-2H-BENZO[G]PTERIDIN-1-ID-10(5H)-YL)-5-O-PHOSPHONATO-D-RIBITOL 'C17 H23 N4 O9 P'
MLI non-polymer 'MALONATE ION' 'C3 H2 O4 -2'
ORO non-polymer 'OROTIC ACID' 'C5 H4 N2 O4'
#
# COMPACT_ATOMS: atom_id res chain seq x y z
N MET A 5 -19.92 -22.18 20.08
CA MET A 5 -18.58 -21.55 20.20
C MET A 5 -17.56 -22.55 20.78
N SER A 6 -16.52 -22.90 19.99
CA SER A 6 -15.58 -23.97 20.32
C SER A 6 -14.16 -23.68 19.84
N LEU A 7 -13.16 -24.02 20.67
CA LEU A 7 -11.74 -23.87 20.30
C LEU A 7 -11.04 -25.21 20.03
N LYS A 8 -11.83 -26.31 19.98
CA LYS A 8 -11.31 -27.67 19.90
C LYS A 8 -10.53 -27.89 18.60
N VAL A 9 -9.44 -28.67 18.68
CA VAL A 9 -8.60 -29.03 17.54
C VAL A 9 -8.50 -30.56 17.48
N ASN A 10 -8.85 -31.15 16.33
CA ASN A 10 -8.93 -32.59 16.14
C ASN A 10 -7.89 -33.01 15.11
N ILE A 11 -6.70 -33.39 15.59
CA ILE A 11 -5.56 -33.80 14.79
C ILE A 11 -4.86 -34.97 15.47
N LEU A 12 -4.06 -35.74 14.69
CA LEU A 12 -3.22 -36.82 15.18
C LEU A 12 -4.03 -37.89 15.91
N GLY A 13 -5.31 -38.03 15.54
CA GLY A 13 -6.27 -38.86 16.24
C GLY A 13 -6.69 -38.34 17.63
N HIS A 14 -6.14 -37.19 18.06
CA HIS A 14 -6.36 -36.66 19.40
C HIS A 14 -7.32 -35.47 19.38
N GLU A 15 -8.07 -35.30 20.48
CA GLU A 15 -8.85 -34.09 20.78
C GLU A 15 -8.03 -33.18 21.69
N PHE A 16 -7.91 -31.90 21.29
CA PHE A 16 -7.27 -30.83 22.05
C PHE A 16 -8.36 -29.84 22.44
N SER A 17 -8.41 -29.42 23.71
CA SER A 17 -9.45 -28.53 24.21
C SER A 17 -9.28 -27.11 23.66
N ASN A 18 -8.03 -26.72 23.30
CA ASN A 18 -7.73 -25.48 22.57
C ASN A 18 -6.45 -25.66 21.76
N PRO A 19 -6.04 -24.70 20.90
CA PRO A 19 -4.85 -24.88 20.08
C PRO A 19 -3.54 -24.47 20.75
N PHE A 20 -3.58 -24.01 22.01
CA PHE A 20 -2.44 -23.36 22.64
C PHE A 20 -1.61 -24.37 23.43
N MET A 21 -0.27 -24.22 23.35
CA MET A 21 0.66 -24.97 24.19
C MET A 21 1.91 -24.11 24.47
N ASN A 22 2.80 -24.58 25.37
CA ASN A 22 4.08 -23.94 25.62
C ASN A 22 4.98 -24.21 24.41
N ALA A 23 5.93 -23.31 24.12
CA ALA A 23 7.03 -23.62 23.22
C ALA A 23 8.04 -24.47 23.99
N ALA A 24 8.83 -25.30 23.29
CA ALA A 24 9.85 -26.15 23.89
C ALA A 24 10.90 -25.24 24.50
N GLY A 25 11.42 -25.60 25.70
CA GLY A 25 12.35 -24.75 26.42
C GLY A 25 11.72 -23.99 27.59
N VAL A 26 10.42 -23.66 27.50
CA VAL A 26 9.77 -22.74 28.44
C VAL A 26 8.77 -23.50 29.32
N LEU A 27 8.92 -23.40 30.64
CA LEU A 27 8.09 -24.02 31.67
C LEU A 27 7.85 -25.52 31.39
N CYS A 28 8.94 -26.28 31.24
CA CYS A 28 8.83 -27.67 30.83
C CYS A 28 10.09 -28.49 31.12
N THR A 29 10.96 -28.03 32.04
CA THR A 29 12.25 -28.67 32.29
C THR A 29 12.14 -29.63 33.49
N THR A 30 11.40 -29.24 34.54
CA THR A 30 11.29 -30.00 35.79
C THR A 30 9.89 -30.57 35.96
N GLU A 31 9.72 -31.44 36.98
CA GLU A 31 8.44 -32.06 37.29
C GLU A 31 7.43 -30.97 37.69
N GLU A 32 7.87 -29.94 38.41
CA GLU A 32 6.98 -28.86 38.84
C GLU A 32 6.50 -28.03 37.63
N ASP A 33 7.45 -27.67 36.74
CA ASP A 33 7.21 -27.01 35.45
C ASP A 33 6.10 -27.71 34.66
N LEU A 34 6.19 -29.05 34.52
CA LEU A 34 5.27 -29.83 33.70
C LEU A 34 3.92 -30.03 34.38
N ARG A 35 3.90 -30.19 35.71
CA ARG A 35 2.65 -30.17 36.45
C ARG A 35 1.91 -28.86 36.21
N ARG A 36 2.62 -27.73 36.32
CA ARG A 36 1.98 -26.42 36.21
C ARG A 36 1.39 -26.24 34.81
N MET A 37 2.13 -26.70 33.77
CA MET A 37 1.64 -26.65 32.40
C MET A 37 0.38 -27.52 32.27
N THR A 38 0.44 -28.70 32.88
CA THR A 38 -0.67 -29.65 32.94
C THR A 38 -1.89 -29.07 33.69
N GLU A 39 -1.70 -28.29 34.77
CA GLU A 39 -2.82 -27.68 35.50
C GLU A 39 -3.30 -26.39 34.85
N SER A 40 -2.52 -25.85 33.89
CA SER A 40 -2.92 -24.68 33.12
C SER A 40 -4.13 -25.02 32.23
N GLU A 41 -4.67 -23.99 31.56
CA GLU A 41 -5.72 -24.17 30.56
C GLU A 41 -5.16 -24.48 29.16
N SER A 42 -3.83 -24.60 29.02
CA SER A 42 -3.23 -24.91 27.71
C SER A 42 -3.92 -26.14 27.12
N GLY A 43 -4.11 -26.16 25.81
CA GLY A 43 -4.62 -27.36 25.16
C GLY A 43 -3.67 -28.56 25.28
N SER A 44 -2.35 -28.28 25.28
CA SER A 44 -1.31 -29.30 25.36
C SER A 44 -0.05 -28.75 26.05
N LEU A 45 0.98 -29.60 26.14
CA LEU A 45 2.29 -29.22 26.65
C LEU A 45 3.35 -30.05 25.93
N ILE A 46 4.59 -29.56 25.95
CA ILE A 46 5.74 -30.27 25.41
C ILE A 46 6.87 -30.19 26.44
N GLY A 47 7.58 -31.30 26.69
CA GLY A 47 8.73 -31.32 27.58
C GLY A 47 9.94 -30.63 26.94
N LYS A 48 10.91 -30.22 27.78
CA LYS A 48 12.12 -29.57 27.31
C LYS A 48 12.84 -30.51 26.34
N SER A 49 13.36 -29.96 25.23
CA SER A 49 14.28 -30.66 24.35
C SER A 49 15.37 -31.31 25.21
N CYS A 50 15.37 -32.65 25.25
CA CYS A 50 16.27 -33.44 26.07
C CYS A 50 17.38 -34.07 25.22
N THR A 51 18.41 -34.57 25.94
CA THR A 51 19.52 -35.34 25.40
C THR A 51 19.59 -36.66 26.20
N LEU A 52 20.49 -37.57 25.79
CA LEU A 52 20.63 -38.89 26.38
C LEU A 52 21.10 -38.78 27.84
N ALA A 53 22.15 -37.97 28.08
CA ALA A 53 22.67 -37.67 29.41
C ALA A 53 22.14 -36.30 29.89
N PRO A 54 21.92 -36.10 31.21
CA PRO A 54 21.58 -34.77 31.71
C PRO A 54 22.57 -33.69 31.29
N ARG A 55 22.08 -32.43 31.24
CA ARG A 55 22.84 -31.21 30.94
C ARG A 55 22.40 -30.10 31.89
N THR A 56 23.35 -29.26 32.34
CA THR A 56 23.07 -28.07 33.15
C THR A 56 23.10 -26.80 32.29
N GLY A 57 23.71 -26.87 31.10
CA GLY A 57 23.60 -25.85 30.06
C GLY A 57 24.73 -24.83 30.13
N ASN A 58 24.53 -23.63 29.55
CA ASN A 58 25.60 -22.66 29.43
C ASN A 58 25.79 -21.90 30.75
N PRO A 59 26.96 -21.24 30.94
CA PRO A 59 27.18 -20.37 32.10
C PRO A 59 26.31 -19.11 32.06
N GLU A 60 26.02 -18.55 33.25
CA GLU A 60 25.20 -17.36 33.44
C GLU A 60 25.98 -16.05 33.23
N PRO A 61 25.33 -14.93 32.86
CA PRO A 61 23.92 -14.90 32.45
C PRO A 61 23.65 -15.42 31.04
N ARG A 62 22.49 -16.08 30.83
CA ARG A 62 22.18 -16.77 29.59
C ARG A 62 20.75 -16.51 29.06
N TYR A 63 20.00 -15.63 29.74
CA TYR A 63 18.68 -15.18 29.32
C TYR A 63 18.57 -13.69 29.64
N PHE A 64 18.20 -12.88 28.66
CA PHE A 64 18.03 -11.44 28.87
C PHE A 64 16.72 -11.01 28.24
N GLY A 65 15.75 -10.61 29.10
CA GLY A 65 14.49 -10.04 28.66
C GLY A 65 14.74 -8.70 27.96
N LEU A 66 13.98 -8.44 26.88
CA LEU A 66 14.12 -7.23 26.09
C LEU A 66 12.74 -6.60 25.90
N PRO A 67 12.66 -5.27 25.63
CA PRO A 67 11.41 -4.62 25.30
C PRO A 67 10.59 -5.33 24.24
N LEU A 68 11.26 -5.77 23.15
CA LEU A 68 10.57 -6.39 22.02
C LEU A 68 10.67 -7.92 22.08
N GLY A 69 11.12 -8.49 23.20
CA GLY A 69 11.17 -9.94 23.33
C GLY A 69 12.23 -10.44 24.30
N SER A 70 13.15 -11.29 23.80
CA SER A 70 14.16 -11.97 24.61
C SER A 70 15.35 -12.40 23.73
N ILE A 71 16.52 -12.56 24.37
CA ILE A 71 17.71 -13.16 23.76
C ILE A 71 18.16 -14.26 24.73
N ASN A 72 18.65 -15.40 24.22
CA ASN A 72 19.02 -16.49 25.13
C ASN A 72 20.04 -17.43 24.51
N SER A 73 20.90 -17.99 25.37
CA SER A 73 21.79 -19.10 25.06
C SER A 73 21.79 -20.09 26.22
N MET A 74 20.63 -20.69 26.52
CA MET A 74 20.41 -21.59 27.66
C MET A 74 21.35 -22.81 27.59
N GLY A 75 21.45 -23.43 26.40
CA GLY A 75 22.37 -24.53 26.13
C GLY A 75 21.78 -25.92 26.40
N LEU A 76 20.48 -26.10 26.19
CA LEU A 76 19.80 -27.38 26.35
C LEU A 76 19.92 -27.92 27.79
N PRO A 77 19.73 -27.10 28.85
CA PRO A 77 19.56 -27.64 30.20
C PRO A 77 18.41 -28.64 30.27
N ASN A 78 18.64 -29.88 30.75
CA ASN A 78 17.59 -30.91 30.80
C ASN A 78 18.01 -32.06 31.72
N LEU A 79 17.00 -32.72 32.35
CA LEU A 79 17.22 -33.79 33.32
C LEU A 79 17.51 -35.14 32.66
N GLY A 80 17.78 -35.14 31.33
CA GLY A 80 18.10 -36.34 30.59
C GLY A 80 16.85 -37.10 30.12
N VAL A 81 16.97 -37.78 28.97
CA VAL A 81 15.85 -38.47 28.31
C VAL A 81 15.07 -39.37 29.28
N ASP A 82 15.76 -40.10 30.16
CA ASP A 82 15.15 -41.05 31.10
C ASP A 82 14.14 -40.32 32.00
N PHE A 83 14.43 -39.06 32.35
CA PHE A 83 13.56 -38.29 33.24
C PHE A 83 12.19 -38.04 32.59
N TYR A 84 12.21 -37.66 31.29
CA TYR A 84 11.02 -37.20 30.58
C TYR A 84 10.23 -38.43 30.13
N LEU A 85 10.95 -39.49 29.72
CA LEU A 85 10.33 -40.78 29.40
C LEU A 85 9.56 -41.29 30.62
N SER A 86 10.18 -41.20 31.80
CA SER A 86 9.56 -41.63 33.05
C SER A 86 8.35 -40.76 33.38
N TYR A 87 8.43 -39.44 33.10
CA TYR A 87 7.30 -38.51 33.31
C TYR A 87 6.09 -38.91 32.46
N ALA A 88 6.37 -39.24 31.19
CA ALA A 88 5.36 -39.57 30.18
C ALA A 88 4.63 -40.88 30.51
N ALA A 89 5.35 -41.85 31.09
CA ALA A 89 4.85 -43.20 31.32
C ALA A 89 4.11 -43.31 32.64
N GLN A 90 4.50 -42.52 33.66
CA GLN A 90 4.08 -42.76 35.05
C GLN A 90 3.41 -41.53 35.70
N THR A 91 3.84 -40.31 35.37
CA THR A 91 3.42 -39.11 36.09
C THR A 91 2.27 -38.41 35.35
N HIS A 92 2.42 -38.17 34.03
CA HIS A 92 1.55 -37.27 33.29
C HIS A 92 0.10 -37.77 33.29
N ASP A 93 -0.86 -36.81 33.26
CA ASP A 93 -2.29 -37.09 33.35
C ASP A 93 -2.94 -36.83 31.99
N TYR A 94 -3.10 -37.91 31.20
CA TYR A 94 -3.48 -37.88 29.80
C TYR A 94 -4.98 -37.56 29.63
N SER A 95 -5.74 -37.64 30.73
CA SER A 95 -7.15 -37.25 30.75
C SER A 95 -7.28 -35.72 30.71
N ARG A 96 -6.22 -35.03 31.11
CA ARG A 96 -6.18 -33.57 31.16
C ARG A 96 -5.85 -33.03 29.78
N LYS A 97 -4.84 -33.62 29.14
CA LYS A 97 -4.40 -33.16 27.83
C LYS A 97 -3.30 -34.08 27.31
N PRO A 98 -3.10 -34.12 25.97
CA PRO A 98 -1.98 -34.83 25.37
C PRO A 98 -0.62 -34.23 25.71
N LEU A 99 0.42 -35.07 25.60
CA LEU A 99 1.81 -34.70 25.86
C LEU A 99 2.68 -34.88 24.61
N PHE A 100 3.53 -33.88 24.35
CA PHE A 100 4.63 -34.00 23.40
C PHE A 100 5.94 -34.08 24.21
N LEU A 101 6.95 -34.75 23.65
CA LEU A 101 8.32 -34.67 24.13
C LEU A 101 9.16 -34.15 22.98
N SER A 102 9.99 -33.14 23.27
CA SER A 102 10.98 -32.67 22.34
C SER A 102 12.26 -33.47 22.55
N MET A 103 12.88 -33.95 21.47
CA MET A 103 14.15 -34.63 21.60
C MET A 103 15.14 -33.95 20.66
N SER A 104 16.29 -33.59 21.24
CA SER A 104 17.37 -32.90 20.56
C SER A 104 18.68 -33.62 20.90
N GLY A 105 18.81 -34.86 20.43
CA GLY A 105 20.12 -35.50 20.35
C GLY A 105 21.06 -34.64 19.51
N LEU A 106 22.35 -34.60 19.89
CA LEU A 106 23.35 -33.74 19.28
C LEU A 106 24.11 -34.45 18.15
N SER A 107 23.72 -35.69 17.84
CA SER A 107 24.21 -36.47 16.71
C SER A 107 23.09 -37.42 16.31
N VAL A 108 23.12 -37.90 15.06
CA VAL A 108 22.10 -38.81 14.57
C VAL A 108 22.09 -40.08 15.42
N GLU A 109 23.29 -40.53 15.79
CA GLU A 109 23.51 -41.72 16.61
C GLU A 109 22.83 -41.57 17.99
N GLU A 110 22.99 -40.40 18.64
CA GLU A 110 22.37 -40.11 19.93
C GLU A 110 20.84 -40.10 19.79
N SER A 111 20.33 -39.50 18.70
CA SER A 111 18.90 -39.34 18.49
C SER A 111 18.25 -40.72 18.33
N VAL A 112 18.83 -41.53 17.44
CA VAL A 112 18.34 -42.88 17.15
C VAL A 112 18.11 -43.66 18.45
N GLU A 113 19.06 -43.62 19.38
CA GLU A 113 18.96 -44.37 20.61
C GLU A 113 17.80 -43.83 21.46
N MET A 114 17.61 -42.51 21.41
CA MET A 114 16.59 -41.81 22.20
C MET A 114 15.20 -42.15 21.69
N VAL A 115 15.02 -42.15 20.35
CA VAL A 115 13.69 -42.33 19.76
C VAL A 115 13.22 -43.78 19.96
N LYS A 116 14.15 -44.76 19.86
CA LYS A 116 13.85 -46.16 20.14
C LYS A 116 13.15 -46.29 21.50
N LYS A 117 13.70 -45.63 22.53
CA LYS A 117 13.20 -45.67 23.89
C LYS A 117 11.77 -45.14 24.03
N LEU A 118 11.34 -44.28 23.09
CA LEU A 118 10.01 -43.67 23.16
C LEU A 118 8.94 -44.63 22.65
N VAL A 119 9.27 -45.38 21.59
CA VAL A 119 8.35 -46.30 20.91
C VAL A 119 7.39 -46.96 21.89
N PRO A 120 7.83 -47.71 22.92
CA PRO A 120 6.91 -48.41 23.81
C PRO A 120 6.06 -47.50 24.68
N ILE A 121 6.45 -46.22 24.86
CA ILE A 121 5.66 -45.30 25.65
C ILE A 121 4.58 -44.63 24.79
N THR A 122 4.90 -44.34 23.51
CA THR A 122 3.92 -43.85 22.53
C THR A 122 2.82 -44.91 22.34
N LYS A 123 3.23 -46.17 22.10
CA LYS A 123 2.32 -47.30 21.91
C LYS A 123 1.39 -47.46 23.12
N GLU A 124 1.95 -47.38 24.34
CA GLU A 124 1.17 -47.54 25.55
C GLU A 124 0.27 -46.32 25.78
N LYS A 125 0.80 -45.09 25.61
CA LYS A 125 0.24 -43.87 26.20
C LYS A 125 -0.21 -42.82 25.18
N GLY A 126 0.41 -42.79 24.00
CA GLY A 126 0.04 -41.87 22.95
C GLY A 126 0.88 -40.60 22.94
N THR A 127 2.00 -40.61 23.68
CA THR A 127 2.97 -39.53 23.70
C THR A 127 3.50 -39.26 22.28
N ILE A 128 3.60 -37.97 21.91
CA ILE A 128 3.97 -37.51 20.58
C ILE A 128 5.42 -37.02 20.63
N LEU A 129 6.19 -37.25 19.55
CA LEU A 129 7.58 -36.84 19.41
C LEU A 129 7.67 -35.55 18.58
N GLU A 130 8.43 -34.54 19.05
CA GLU A 130 8.89 -33.41 18.25
C GLU A 130 10.41 -33.52 18.14
N LEU A 131 10.93 -33.97 16.98
CA LEU A 131 12.35 -33.99 16.66
C LEU A 131 12.87 -32.55 16.46
N ASN A 132 13.83 -32.12 17.30
CA ASN A 132 14.32 -30.73 17.27
C ASN A 132 15.53 -30.65 16.34
N LEU A 133 15.38 -29.93 15.22
CA LEU A 133 16.42 -29.76 14.22
C LEU A 133 16.93 -28.31 14.19
N SER A 134 16.85 -27.57 15.30
N SER A 134 16.82 -27.58 15.31
CA SER A 134 17.23 -26.17 15.32
CA SER A 134 17.36 -26.23 15.43
C SER A 134 17.66 -25.69 16.71
C SER A 134 18.54 -26.21 16.41
N ALA A 135 18.64 -26.37 17.32
N ALA A 135 18.25 -26.02 17.70
CA ALA A 135 19.25 -25.94 18.57
CA ALA A 135 19.28 -25.92 18.73
C ALA A 135 20.39 -24.96 18.29
C ALA A 135 20.38 -24.96 18.29
N PRO A 136 20.14 -23.63 18.37
CA PRO A 136 21.14 -22.63 17.93
C PRO A 136 22.16 -22.16 18.98
N ASN A 137 22.13 -22.76 20.18
CA ASN A 137 22.84 -22.25 21.34
C ASN A 137 23.79 -23.28 21.96
N VAL A 138 24.05 -24.40 21.29
CA VAL A 138 25.05 -25.34 21.78
C VAL A 138 26.37 -24.99 21.08
N PRO A 139 27.41 -24.55 21.82
CA PRO A 139 28.67 -24.13 21.20
C PRO A 139 29.24 -25.14 20.21
N GLY A 140 29.64 -24.67 19.02
CA GLY A 140 30.28 -25.48 18.00
C GLY A 140 29.38 -26.59 17.43
N LYS A 141 28.04 -26.42 17.49
CA LYS A 141 27.13 -27.35 16.83
C LYS A 141 26.15 -26.58 15.94
N PRO A 142 26.37 -26.59 14.58
CA PRO A 142 25.43 -26.01 13.64
C PRO A 142 24.00 -26.52 13.76
N GLN A 143 23.02 -25.66 13.41
CA GLN A 143 21.61 -26.02 13.35
C GLN A 143 21.41 -26.96 12.17
N VAL A 144 20.94 -28.18 12.47
CA VAL A 144 20.77 -29.26 11.52
C VAL A 144 19.88 -28.80 10.37
N GLY A 145 18.79 -28.11 10.75
CA GLY A 145 17.80 -27.60 9.82
C GLY A 145 18.39 -26.87 8.60
N TYR A 146 19.55 -26.23 8.75
CA TYR A 146 20.16 -25.46 7.66
C TYR A 146 21.07 -26.31 6.77
N ASP A 147 21.26 -27.61 7.12
CA ASP A 147 21.96 -28.58 6.28
C ASP A 147 20.98 -29.67 5.81
N PHE A 148 20.62 -29.66 4.52
CA PHE A 148 19.52 -30.47 4.00
C PHE A 148 19.92 -31.95 3.86
N ASP A 149 21.19 -32.25 3.54
CA ASP A 149 21.70 -33.62 3.50
C ASP A 149 21.76 -34.21 4.92
N THR A 150 22.23 -33.42 5.88
CA THR A 150 22.22 -33.82 7.29
C THR A 150 20.78 -33.99 7.77
N THR A 151 19.89 -33.05 7.39
CA THR A 151 18.48 -33.12 7.79
C THR A 151 17.87 -34.43 7.28
N ARG A 152 18.22 -34.81 6.04
CA ARG A 152 17.70 -36.01 5.39
C ARG A 152 18.07 -37.24 6.22
N THR A 153 19.33 -37.30 6.66
CA THR A 153 19.88 -38.43 7.39
C THR A 153 19.13 -38.57 8.72
N TYR A 154 18.99 -37.47 9.47
CA TYR A 154 18.22 -37.47 10.70
C TYR A 154 16.82 -38.04 10.49
N LEU A 155 16.11 -37.60 9.43
CA LEU A 155 14.72 -37.99 9.20
C LEU A 155 14.63 -39.45 8.77
N GLN A 156 15.54 -39.89 7.90
CA GLN A 156 15.64 -41.27 7.43
C GLN A 156 15.73 -42.17 8.66
N LYS A 157 16.72 -41.88 9.51
CA LYS A 157 17.15 -42.71 10.61
C LYS A 157 16.09 -42.73 11.72
N VAL A 158 15.42 -41.59 11.97
CA VAL A 158 14.38 -41.52 13.00
C VAL A 158 13.12 -42.22 12.47
N SER A 159 12.93 -42.18 11.14
CA SER A 159 11.80 -42.83 10.50
C SER A 159 11.93 -44.35 10.65
N GLU A 160 13.18 -44.84 10.50
CA GLU A 160 13.51 -46.27 10.62
C GLU A 160 13.40 -46.71 12.09
N ALA A 161 13.97 -45.95 13.03
CA ALA A 161 14.04 -46.39 14.42
C ALA A 161 12.75 -46.14 15.18
N TYR A 162 12.04 -45.05 14.85
CA TYR A 162 10.83 -44.68 15.58
C TYR A 162 9.65 -45.41 14.93
N GLY A 163 9.44 -45.19 13.62
CA GLY A 163 8.47 -45.96 12.84
C GLY A 163 7.01 -45.57 13.10
N LEU A 164 6.77 -44.43 13.76
CA LEU A 164 5.43 -43.92 14.05
C LEU A 164 5.38 -42.45 13.63
N PRO A 165 4.19 -41.85 13.38
CA PRO A 165 4.12 -40.43 13.03
C PRO A 165 4.79 -39.54 14.09
N PHE A 166 5.62 -38.59 13.62
CA PHE A 166 6.31 -37.66 14.49
C PHE A 166 6.36 -36.29 13.82
N GLY A 167 6.95 -35.29 14.49
CA GLY A 167 7.01 -33.92 14.01
C GLY A 167 8.43 -33.38 14.14
N VAL A 168 8.68 -32.20 13.56
CA VAL A 168 10.01 -31.62 13.51
C VAL A 168 9.89 -30.15 13.90
N LYS A 169 10.83 -29.65 14.71
CA LYS A 169 10.92 -28.24 15.02
C LYS A 169 11.93 -27.64 14.04
N MET A 170 11.48 -26.77 13.13
CA MET A 170 12.37 -26.21 12.11
C MET A 170 12.98 -24.90 12.58
N PRO A 171 14.19 -24.51 12.10
CA PRO A 171 14.67 -23.15 12.27
C PRO A 171 14.00 -22.25 11.24
N PRO A 172 13.95 -20.91 11.41
CA PRO A 172 13.34 -20.05 10.41
C PRO A 172 14.18 -20.01 9.12
N TYR A 173 13.50 -20.04 7.97
CA TYR A 173 14.14 -19.86 6.67
C TYR A 173 13.78 -18.46 6.15
N PHE A 174 14.61 -17.91 5.26
CA PHE A 174 14.49 -16.51 4.85
C PHE A 174 14.65 -16.40 3.35
N ASP A 175 14.80 -17.54 2.66
CA ASP A 175 14.89 -17.57 1.20
C ASP A 175 13.87 -18.55 0.61
N ILE A 176 13.27 -18.17 -0.53
CA ILE A 176 12.23 -18.98 -1.17
C ILE A 176 12.81 -20.35 -1.55
N ALA A 177 14.04 -20.33 -2.11
CA ALA A 177 14.74 -21.55 -2.51
C ALA A 177 15.03 -22.44 -1.29
N HIS A 178 15.17 -21.84 -0.10
CA HIS A 178 15.32 -22.58 1.15
C HIS A 178 13.98 -23.20 1.55
N PHE A 179 12.86 -22.50 1.34
CA PHE A 179 11.53 -23.08 1.58
C PHE A 179 11.29 -24.28 0.66
N ASP A 180 11.68 -24.13 -0.62
CA ASP A 180 11.54 -25.15 -1.65
C ASP A 180 12.35 -26.39 -1.26
N MET A 181 13.61 -26.21 -0.83
CA MET A 181 14.51 -27.31 -0.54
C MET A 181 14.13 -28.01 0.76
N ALA A 182 13.84 -27.23 1.82
CA ALA A 182 13.27 -27.76 3.06
C ALA A 182 12.09 -28.69 2.78
N ALA A 183 11.10 -28.22 2.00
CA ALA A 183 9.87 -28.98 1.74
C ALA A 183 10.13 -30.23 0.89
N ALA A 184 10.98 -30.14 -0.15
CA ALA A 184 11.40 -31.28 -0.95
C ALA A 184 11.91 -32.43 -0.06
N VAL A 185 12.74 -32.07 0.93
CA VAL A 185 13.24 -33.01 1.92
C VAL A 185 12.08 -33.56 2.75
N LEU A 186 11.30 -32.68 3.39
CA LEU A 186 10.25 -33.10 4.32
C LEU A 186 9.23 -34.03 3.64
N ASN A 187 8.97 -33.81 2.34
CA ASN A 187 7.92 -34.49 1.60
C ASN A 187 8.33 -35.91 1.19
N ASP A 188 9.60 -36.29 1.39
CA ASP A 188 10.09 -37.64 1.15
C ASP A 188 9.91 -38.53 2.39
N PHE A 189 9.36 -37.98 3.48
CA PHE A 189 9.26 -38.65 4.76
C PHE A 189 7.84 -38.57 5.28
N PRO A 190 6.96 -39.53 4.93
CA PRO A 190 5.55 -39.49 5.30
C PRO A 190 5.23 -39.71 6.78
N LEU A 191 6.23 -40.15 7.58
CA LEU A 191 6.06 -40.29 9.02
C LEU A 191 6.11 -38.90 9.66
N VAL A 192 6.65 -37.91 8.94
CA VAL A 192 6.63 -36.52 9.43
C VAL A 192 5.22 -35.94 9.21
N LYS A 193 4.43 -35.84 10.29
CA LYS A 193 3.03 -35.43 10.23
C LYS A 193 2.87 -33.93 10.51
N PHE A 194 3.77 -33.33 11.31
CA PHE A 194 3.68 -31.89 11.59
C PHE A 194 5.07 -31.25 11.58
N ILE A 195 5.08 -29.95 11.24
CA ILE A 195 6.25 -29.09 11.11
C ILE A 195 6.01 -27.90 12.05
N THR A 196 6.89 -27.66 13.05
CA THR A 196 6.72 -26.54 13.97
C THR A 196 7.64 -25.43 13.46
N CYS A 197 7.01 -24.33 13.02
CA CYS A 197 7.64 -23.09 12.56
C CYS A 197 7.26 -21.98 13.54
N VAL A 198 8.22 -21.36 14.26
CA VAL A 198 9.65 -21.53 14.11
C VAL A 198 10.35 -21.49 15.47
N ASN A 199 11.63 -21.93 15.46
CA ASN A 199 12.57 -21.77 16.56
CA ASN A 199 12.55 -21.77 16.58
C ASN A 199 13.08 -20.34 16.55
N SER A 200 13.88 -19.96 17.55
CA SER A 200 14.46 -18.62 17.63
C SER A 200 15.21 -18.26 16.35
N ILE A 201 15.15 -16.97 15.98
CA ILE A 201 16.12 -16.37 15.08
C ILE A 201 17.51 -16.46 15.75
N GLY A 202 18.35 -17.36 15.21
CA GLY A 202 19.59 -17.74 15.86
C GLY A 202 20.64 -16.64 15.78
N ASN A 203 21.45 -16.48 16.84
CA ASN A 203 22.74 -15.82 16.81
C ASN A 203 22.56 -14.32 16.55
N GLY A 204 21.63 -13.74 17.31
CA GLY A 204 21.49 -12.30 17.46
C GLY A 204 22.45 -11.80 18.53
N LEU A 205 22.70 -10.48 18.55
CA LEU A 205 23.65 -9.86 19.46
C LEU A 205 23.01 -8.59 20.02
N VAL A 206 22.91 -8.52 21.36
CA VAL A 206 22.43 -7.35 22.07
C VAL A 206 23.60 -6.76 22.87
N ILE A 207 23.79 -5.43 22.79
CA ILE A 207 24.85 -4.72 23.50
C ILE A 207 24.17 -3.62 24.30
N ASP A 208 24.51 -3.48 25.59
CA ASP A 208 23.97 -2.41 26.44
C ASP A 208 24.85 -1.19 26.20
N PRO A 209 24.31 -0.05 25.69
CA PRO A 209 25.14 1.11 25.38
C PRO A 209 25.85 1.71 26.60
N ALA A 210 25.23 1.60 27.78
CA ALA A 210 25.77 2.14 29.04
C ALA A 210 27.17 1.60 29.36
N ASN A 211 27.34 0.27 29.30
CA ASN A 211 28.61 -0.35 29.68
C ASN A 211 29.35 -0.94 28.47
N GLU A 212 28.83 -0.77 27.25
CA GLU A 212 29.52 -1.22 26.03
C GLU A 212 29.74 -2.75 26.04
N THR A 213 28.86 -3.47 26.75
CA THR A 213 29.04 -4.90 27.03
C THR A 213 27.82 -5.69 26.52
N VAL A 214 28.07 -6.89 26.00
CA VAL A 214 27.01 -7.80 25.61
C VAL A 214 26.21 -8.23 26.85
N VAL A 215 24.95 -8.63 26.70
CA VAL A 215 24.09 -8.90 27.85
C VAL A 215 24.03 -10.40 28.22
N ILE A 216 24.63 -11.28 27.41
CA ILE A 216 24.71 -12.70 27.70
C ILE A 216 26.16 -13.19 27.64
N LYS A 217 26.53 -14.12 28.53
CA LYS A 217 27.90 -14.60 28.69
C LYS A 217 28.36 -15.53 27.55
N PRO A 218 27.58 -16.54 27.12
CA PRO A 218 28.07 -17.54 26.18
C PRO A 218 28.26 -17.02 24.76
N LYS A 219 29.19 -17.66 24.01
CA LYS A 219 29.39 -17.43 22.59
C LYS A 219 29.53 -15.94 22.28
N GLN A 220 30.33 -15.23 23.09
CA GLN A 220 30.64 -13.82 22.90
C GLN A 220 29.37 -12.98 22.79
N GLY A 221 28.30 -13.40 23.49
CA GLY A 221 27.05 -12.66 23.54
C GLY A 221 25.98 -13.05 22.50
N PHE A 222 26.23 -14.05 21.64
CA PHE A 222 25.34 -14.41 20.52
C PHE A 222 24.29 -15.38 21.03
N GLY A 223 23.01 -15.12 20.76
CA GLY A 223 21.91 -15.97 21.23
C GLY A 223 20.67 -15.87 20.34
N GLY A 224 19.72 -16.79 20.52
CA GLY A 224 18.45 -16.81 19.81
C GLY A 224 17.42 -15.77 20.32
N LEU A 225 16.71 -15.18 19.36
CA LEU A 225 15.75 -14.11 19.59
C LEU A 225 14.33 -14.68 19.63
N GLY A 226 13.57 -14.30 20.66
CA GLY A 226 12.15 -14.63 20.78
C GLY A 226 11.30 -13.36 20.82
N GLY A 227 9.99 -13.50 20.64
CA GLY A 227 9.04 -12.46 20.96
C GLY A 227 8.63 -11.67 19.72
N LYS A 228 8.42 -10.36 19.88
CA LYS A 228 7.89 -9.54 18.81
C LYS A 228 8.83 -9.55 17.59
N TYR A 229 10.12 -9.78 17.79
CA TYR A 229 11.11 -9.76 16.72
C TYR A 229 10.77 -10.77 15.64
N VAL A 230 10.14 -11.89 16.04
CA VAL A 230 10.06 -13.12 15.26
C VAL A 230 8.73 -13.28 14.50
N LEU A 231 7.68 -12.51 14.83
CA LEU A 231 6.34 -12.76 14.33
C LEU A 231 6.26 -12.76 12.79
N PRO A 232 6.70 -11.70 12.07
CA PRO A 232 6.70 -11.75 10.61
C PRO A 232 7.35 -13.00 10.02
N THR A 233 8.47 -13.45 10.61
CA THR A 233 9.23 -14.61 10.16
C THR A 233 8.46 -15.91 10.41
N ALA A 234 7.85 -16.00 11.59
CA ALA A 234 7.06 -17.15 12.00
C ALA A 234 5.85 -17.35 11.10
N LEU A 235 5.16 -16.25 10.75
CA LEU A 235 3.97 -16.30 9.90
C LEU A 235 4.31 -16.81 8.52
N ALA A 236 5.33 -16.23 7.89
CA ALA A 236 5.80 -16.58 6.56
C ALA A 236 6.14 -18.05 6.47
N ASN A 237 6.91 -18.53 7.46
CA ASN A 237 7.39 -19.89 7.50
C ASN A 237 6.21 -20.86 7.61
N VAL A 238 5.33 -20.63 8.61
CA VAL A 238 4.07 -21.33 8.79
C VAL A 238 3.33 -21.43 7.44
N ASN A 239 3.09 -20.28 6.79
CA ASN A 239 2.28 -20.25 5.58
C ASN A 239 3.01 -20.93 4.43
N ALA A 240 4.34 -20.78 4.35
CA ALA A 240 5.12 -21.38 3.27
C ALA A 240 5.12 -22.91 3.32
N PHE A 241 5.14 -23.49 4.52
CA PHE A 241 5.09 -24.95 4.67
C PHE A 241 3.66 -25.45 4.55
N PHE A 242 2.69 -24.61 4.97
CA PHE A 242 1.28 -24.92 4.83
C PHE A 242 0.93 -25.19 3.36
N ARG A 243 1.42 -24.34 2.48
CA ARG A 243 1.23 -24.49 1.05
C ARG A 243 2.06 -25.66 0.48
N ARG A 244 3.32 -25.81 0.90
CA ARG A 244 4.25 -26.71 0.21
C ARG A 244 4.21 -28.15 0.74
N CYS A 245 3.64 -28.35 1.94
CA CYS A 245 3.52 -29.67 2.56
C CYS A 245 2.05 -29.93 2.97
N PRO A 246 1.15 -30.06 1.99
CA PRO A 246 -0.28 -30.13 2.25
C PRO A 246 -0.75 -31.41 2.94
N ASP A 247 0.11 -32.45 2.91
CA ASP A 247 -0.08 -33.74 3.57
C ASP A 247 0.51 -33.74 4.98
N LYS A 248 0.92 -32.56 5.48
CA LYS A 248 1.42 -32.37 6.85
C LYS A 248 0.66 -31.23 7.53
N LEU A 249 0.52 -31.31 8.86
CA LEU A 249 0.09 -30.17 9.66
C LEU A 249 1.24 -29.18 9.77
N VAL A 250 0.93 -27.91 10.10
CA VAL A 250 1.91 -26.93 10.57
C VAL A 250 1.51 -26.45 11.98
N PHE A 251 2.49 -26.41 12.91
CA PHE A 251 2.35 -25.76 14.21
C PHE A 251 3.05 -24.39 14.16
N GLY A 252 2.42 -23.41 14.81
CA GLY A 252 2.90 -22.03 14.77
C GLY A 252 3.67 -21.71 16.04
N CYS A 253 4.86 -21.09 15.90
CA CYS A 253 5.67 -20.66 17.04
C CYS A 253 6.40 -19.37 16.71
N GLY A 254 6.14 -18.33 17.53
CA GLY A 254 6.92 -17.10 17.50
C GLY A 254 6.05 -15.85 17.54
N GLY A 255 6.34 -14.96 18.48
CA GLY A 255 5.78 -13.61 18.50
C GLY A 255 4.37 -13.56 19.07
N VAL A 256 3.89 -14.65 19.66
CA VAL A 256 2.52 -14.71 20.16
C VAL A 256 2.47 -14.12 21.55
N TYR A 257 1.89 -12.91 21.73
CA TYR A 257 1.64 -12.32 23.04
C TYR A 257 0.14 -12.21 23.36
N SER A 258 -0.74 -12.43 22.36
CA SER A 258 -2.17 -12.14 22.54
C SER A 258 -3.05 -12.94 21.57
N GLY A 259 -4.37 -12.88 21.83
CA GLY A 259 -5.41 -13.44 20.97
C GLY A 259 -5.12 -13.20 19.50
N GLU A 260 -4.70 -11.97 19.16
CA GLU A 260 -4.60 -11.48 17.79
C GLU A 260 -3.50 -12.20 17.01
N GLU A 261 -2.29 -12.26 17.59
CA GLU A 261 -1.16 -12.97 17.00
C GLU A 261 -1.47 -14.45 16.84
N ALA A 262 -2.30 -15.00 17.74
CA ALA A 262 -2.77 -16.38 17.70
C ALA A 262 -3.66 -16.57 16.48
N PHE A 263 -4.58 -15.62 16.29
CA PHE A 263 -5.51 -15.61 15.17
C PHE A 263 -4.74 -15.57 13.86
N LEU A 264 -3.69 -14.75 13.78
CA LEU A 264 -2.91 -14.59 12.56
C LEU A 264 -2.25 -15.92 12.19
N HIS A 265 -1.63 -16.57 13.21
CA HIS A 265 -0.91 -17.82 13.04
C HIS A 265 -1.84 -18.87 12.43
N ILE A 266 -3.01 -19.05 13.05
CA ILE A 266 -4.03 -19.97 12.60
C ILE A 266 -4.46 -19.65 11.16
N LEU A 267 -4.79 -18.38 10.88
CA LEU A 267 -5.11 -17.86 9.54
C LEU A 267 -4.05 -18.26 8.49
N ALA A 268 -2.76 -18.28 8.87
CA ALA A 268 -1.70 -18.64 7.93
C ALA A 268 -1.54 -20.14 7.78
N GLY A 269 -2.22 -20.94 8.61
CA GLY A 269 -2.27 -22.39 8.43
C GLY A 269 -1.98 -23.24 9.68
N ALA A 270 -1.70 -22.62 10.84
CA ALA A 270 -1.33 -23.32 12.07
C ALA A 270 -2.51 -24.07 12.68
N SER A 271 -2.26 -25.33 13.11
CA SER A 271 -3.23 -26.17 13.80
C SER A 271 -3.18 -25.87 15.30
N MET A 272 -1.96 -25.90 15.87
CA MET A 272 -1.63 -25.55 17.25
C MET A 272 -0.72 -24.31 17.24
N VAL A 273 -0.82 -23.52 18.32
CA VAL A 273 -0.05 -22.29 18.52
C VAL A 273 0.79 -22.40 19.79
N GLN A 274 2.13 -22.41 19.63
CA GLN A 274 3.07 -22.51 20.76
C GLN A 274 3.49 -21.11 21.23
N VAL A 275 3.75 -21.00 22.55
CA VAL A 275 3.99 -19.72 23.23
C VAL A 275 5.27 -19.80 24.06
N GLY A 276 6.27 -18.97 23.72
CA GLY A 276 7.59 -18.96 24.35
C GLY A 276 7.80 -17.75 25.27
N THR A 277 8.40 -16.68 24.71
CA THR A 277 8.86 -15.52 25.47
C THR A 277 7.76 -14.99 26.38
N ALA A 278 6.52 -14.92 25.88
CA ALA A 278 5.39 -14.34 26.59
C ALA A 278 5.01 -15.16 27.82
N LEU A 279 5.22 -16.48 27.76
CA LEU A 279 4.88 -17.40 28.83
C LEU A 279 5.96 -17.31 29.90
N HIS A 280 7.20 -17.03 29.49
CA HIS A 280 8.29 -16.75 30.40
C HIS A 280 7.94 -15.53 31.26
N ASP A 281 7.48 -14.46 30.58
CA ASP A 281 7.15 -13.18 31.18
C ASP A 281 6.03 -13.37 32.21
N GLU A 282 4.92 -13.98 31.76
CA GLU A 282 3.62 -13.89 32.41
C GLU A 282 3.31 -15.11 33.28
N GLY A 283 3.99 -16.24 33.03
CA GLY A 283 3.65 -17.51 33.68
C GLY A 283 2.40 -18.12 33.06
N PRO A 284 1.93 -19.28 33.57
CA PRO A 284 0.95 -20.11 32.87
C PRO A 284 -0.48 -19.58 32.81
N ILE A 285 -0.78 -18.51 33.54
CA ILE A 285 -2.11 -17.88 33.52
C ILE A 285 -2.35 -17.25 32.14
N ILE A 286 -1.31 -17.10 31.31
CA ILE A 286 -1.46 -16.54 29.96
C ILE A 286 -2.37 -17.40 29.08
N PHE A 287 -2.50 -18.70 29.40
CA PHE A 287 -3.29 -19.64 28.60
C PHE A 287 -4.78 -19.33 28.73
N ALA A 288 -5.26 -19.04 29.95
CA ALA A 288 -6.61 -18.54 30.20
C ALA A 288 -6.89 -17.26 29.40
N ARG A 289 -5.97 -16.31 29.46
CA ARG A 289 -6.08 -15.04 28.75
C ARG A 289 -6.11 -15.25 27.23
N LEU A 290 -5.33 -16.19 26.69
CA LEU A 290 -5.34 -16.43 25.24
C LEU A 290 -6.64 -17.10 24.78
N ASN A 291 -7.18 -18.05 25.55
CA ASN A 291 -8.47 -18.65 25.22
C ASN A 291 -9.53 -17.54 25.07
N LYS A 292 -9.65 -16.68 26.10
CA LYS A 292 -10.65 -15.62 26.14
C LYS A 292 -10.45 -14.63 24.99
N GLU A 293 -9.22 -14.19 24.74
CA GLU A 293 -8.92 -13.16 23.75
C GLU A 293 -9.22 -13.64 22.33
N LEU A 294 -9.07 -14.96 22.09
CA LEU A 294 -9.29 -15.56 20.78
C LEU A 294 -10.78 -15.71 20.49
N GLN A 295 -11.55 -16.11 21.52
CA GLN A 295 -13.01 -16.21 21.47
C GLN A 295 -13.64 -14.85 21.16
N GLU A 296 -13.12 -13.78 21.78
CA GLU A 296 -13.57 -12.42 21.52
C GLU A 296 -13.42 -12.12 20.02
N ILE A 297 -12.21 -12.32 19.47
CA ILE A 297 -11.89 -12.05 18.07
C ILE A 297 -12.86 -12.82 17.15
N MET A 298 -13.11 -14.09 17.49
CA MET A 298 -13.97 -14.95 16.68
C MET A 298 -15.43 -14.52 16.78
N THR A 299 -15.91 -14.20 18.00
CA THR A 299 -17.27 -13.69 18.25
C THR A 299 -17.49 -12.45 17.38
N ASN A 300 -16.59 -11.46 17.51
CA ASN A 300 -16.66 -10.20 16.77
C ASN A 300 -16.72 -10.46 15.27
N LYS A 301 -16.09 -11.55 14.79
CA LYS A 301 -15.99 -11.82 13.37
C LYS A 301 -17.09 -12.77 12.88
N GLY A 302 -17.81 -13.41 13.81
CA GLY A 302 -18.94 -14.29 13.53
C GLY A 302 -18.58 -15.78 13.49
N TYR A 303 -17.34 -16.15 13.87
CA TYR A 303 -16.87 -17.53 13.81
C TYR A 303 -17.28 -18.31 15.07
N LYS A 304 -17.68 -19.59 14.85
CA LYS A 304 -18.07 -20.54 15.90
C LYS A 304 -16.96 -21.55 16.21
N THR A 305 -16.05 -21.78 15.24
CA THR A 305 -14.93 -22.73 15.33
C THR A 305 -13.74 -22.24 14.50
N LEU A 306 -12.57 -22.83 14.81
CA LEU A 306 -11.27 -22.53 14.21
C LEU A 306 -11.27 -22.83 12.71
N ASP A 307 -12.11 -23.80 12.30
CA ASP A 307 -12.06 -24.30 10.93
C ASP A 307 -12.59 -23.26 9.95
N GLU A 308 -13.34 -22.28 10.46
CA GLU A 308 -13.91 -21.22 9.64
C GLU A 308 -12.82 -20.33 9.04
N PHE A 309 -11.62 -20.26 9.67
CA PHE A 309 -10.59 -19.32 9.25
C PHE A 309 -9.18 -19.92 9.14
N ARG A 310 -8.94 -21.15 9.63
CA ARG A 310 -7.63 -21.76 9.54
C ARG A 310 -7.21 -21.87 8.07
N GLY A 311 -6.04 -21.31 7.73
CA GLY A 311 -5.48 -21.49 6.39
C GLY A 311 -6.15 -20.61 5.35
N ARG A 312 -7.08 -19.72 5.78
CA ARG A 312 -7.88 -18.93 4.86
C ARG A 312 -7.36 -17.49 4.74
N VAL A 313 -6.08 -17.25 5.07
CA VAL A 313 -5.44 -15.97 4.77
C VAL A 313 -5.70 -15.66 3.29
N LYS A 314 -5.93 -14.37 2.97
CA LYS A 314 -6.25 -13.91 1.62
C LYS A 314 -5.05 -13.18 1.02
N THR A 315 -4.77 -13.42 -0.27
CA THR A 315 -3.80 -12.64 -1.05
C THR A 315 -4.50 -11.80 -2.14
N MET A 316 -3.74 -10.98 -2.89
CA MET A 316 -4.25 -9.96 -3.82
C MET A 316 -3.76 -10.21 -5.27
N MET B 5 36.32 16.72 18.61
CA MET B 5 35.18 15.78 18.83
C MET B 5 34.73 15.21 17.48
N SER B 6 35.56 14.35 16.87
CA SER B 6 35.48 14.07 15.44
C SER B 6 34.58 12.86 15.17
N LEU B 7 33.67 13.03 14.19
CA LEU B 7 32.88 11.96 13.60
C LEU B 7 33.52 11.48 12.31
N LYS B 8 34.72 11.98 11.95
CA LYS B 8 35.28 11.73 10.63
C LYS B 8 35.69 10.26 10.44
N VAL B 9 35.53 9.76 9.21
CA VAL B 9 35.97 8.43 8.80
C VAL B 9 36.90 8.57 7.59
N ASN B 10 38.07 7.92 7.68
CA ASN B 10 39.11 7.99 6.66
C ASN B 10 39.33 6.59 6.09
N ILE B 11 38.76 6.28 4.90
CA ILE B 11 38.86 4.96 4.29
C ILE B 11 39.02 5.06 2.77
N LEU B 12 39.83 4.16 2.22
CA LEU B 12 40.08 4.06 0.79
C LEU B 12 40.57 5.39 0.18
N GLY B 13 41.27 6.20 0.98
CA GLY B 13 41.82 7.46 0.49
C GLY B 13 40.83 8.61 0.56
N HIS B 14 39.55 8.30 0.82
CA HIS B 14 38.47 9.28 0.92
C HIS B 14 38.28 9.76 2.36
N GLU B 15 37.91 11.04 2.49
CA GLU B 15 37.56 11.67 3.75
C GLU B 15 36.03 11.75 3.85
N PHE B 16 35.48 11.21 4.95
CA PHE B 16 34.04 11.21 5.21
C PHE B 16 33.77 12.06 6.45
N SER B 17 32.89 13.05 6.32
CA SER B 17 32.62 14.00 7.39
C SER B 17 31.90 13.34 8.58
N ASN B 18 31.26 12.17 8.32
CA ASN B 18 30.63 11.36 9.36
C ASN B 18 30.33 9.96 8.81
N PRO B 19 29.93 8.99 9.65
CA PRO B 19 29.81 7.60 9.21
C PRO B 19 28.51 7.22 8.50
N PHE B 20 27.63 8.19 8.18
CA PHE B 20 26.21 7.95 7.90
C PHE B 20 25.93 8.07 6.41
N MET B 21 25.21 7.09 5.87
CA MET B 21 24.67 7.10 4.52
C MET B 21 23.25 6.50 4.51
N ASN B 22 22.58 6.64 3.35
CA ASN B 22 21.31 5.99 3.05
C ASN B 22 21.61 4.49 2.84
N ALA B 23 20.70 3.60 3.23
CA ALA B 23 20.68 2.22 2.79
C ALA B 23 20.39 2.15 1.30
N ALA B 24 21.07 1.29 0.53
CA ALA B 24 20.81 1.20 -0.92
C ALA B 24 19.32 0.97 -1.10
N GLY B 25 18.71 1.67 -2.08
CA GLY B 25 17.31 1.53 -2.43
C GLY B 25 16.36 2.47 -1.68
N VAL B 26 16.82 3.20 -0.66
CA VAL B 26 15.98 4.22 -0.02
C VAL B 26 16.52 5.59 -0.45
N LEU B 27 15.62 6.44 -0.97
CA LEU B 27 15.90 7.78 -1.46
C LEU B 27 17.11 7.83 -2.40
N CYS B 28 17.15 7.00 -3.45
CA CYS B 28 18.32 6.98 -4.34
C CYS B 28 18.06 6.47 -5.76
N THR B 29 16.80 6.37 -6.21
CA THR B 29 16.44 5.79 -7.50
C THR B 29 16.55 6.84 -8.62
N THR B 30 16.00 8.06 -8.39
CA THR B 30 15.89 9.13 -9.38
C THR B 30 16.97 10.18 -9.13
N GLU B 31 17.17 11.08 -10.11
CA GLU B 31 18.12 12.18 -9.98
C GLU B 31 17.72 13.13 -8.84
N GLU B 32 16.41 13.38 -8.70
CA GLU B 32 15.89 14.17 -7.58
C GLU B 32 16.27 13.52 -6.24
N ASP B 33 16.13 12.19 -6.13
CA ASP B 33 16.37 11.45 -4.89
C ASP B 33 17.83 11.64 -4.44
N LEU B 34 18.78 11.53 -5.40
CA LEU B 34 20.23 11.57 -5.20
C LEU B 34 20.70 12.98 -4.82
N ARG B 35 20.05 13.99 -5.44
CA ARG B 35 20.26 15.40 -5.12
C ARG B 35 19.95 15.60 -3.64
N ARG B 36 18.79 15.14 -3.14
CA ARG B 36 18.40 15.36 -1.74
C ARG B 36 19.37 14.68 -0.75
N MET B 37 19.92 13.49 -1.09
CA MET B 37 20.93 12.84 -0.25
C MET B 37 22.23 13.65 -0.23
N THR B 38 22.65 14.14 -1.41
CA THR B 38 23.84 14.98 -1.53
C THR B 38 23.68 16.21 -0.63
N GLU B 39 22.51 16.84 -0.66
CA GLU B 39 22.28 18.08 0.08
C GLU B 39 22.06 17.85 1.58
N SER B 40 21.86 16.58 2.01
CA SER B 40 21.66 16.25 3.42
C SER B 40 22.98 16.32 4.19
N GLU B 41 22.92 16.03 5.50
CA GLU B 41 24.12 16.00 6.35
C GLU B 41 24.79 14.61 6.39
N SER B 42 24.34 13.67 5.55
CA SER B 42 24.97 12.35 5.42
C SER B 42 26.42 12.48 4.97
N GLY B 43 27.28 11.58 5.48
CA GLY B 43 28.70 11.54 5.12
C GLY B 43 28.93 11.02 3.70
N SER B 44 28.01 10.18 3.23
CA SER B 44 28.02 9.65 1.88
C SER B 44 26.60 9.29 1.43
N LEU B 45 26.50 8.72 0.21
CA LEU B 45 25.24 8.20 -0.29
C LEU B 45 25.51 7.02 -1.22
N ILE B 46 24.46 6.25 -1.52
CA ILE B 46 24.55 5.13 -2.45
C ILE B 46 23.33 5.12 -3.36
N GLY B 47 23.59 4.94 -4.67
CA GLY B 47 22.56 4.73 -5.67
C GLY B 47 21.84 3.39 -5.49
N LYS B 48 20.60 3.33 -6.03
CA LYS B 48 19.76 2.14 -6.09
C LYS B 48 20.50 0.93 -6.65
N SER B 49 20.36 -0.23 -6.01
CA SER B 49 20.75 -1.50 -6.62
C SER B 49 20.15 -1.53 -8.03
N CYS B 50 21.02 -1.47 -9.07
CA CYS B 50 20.56 -1.31 -10.46
C CYS B 50 20.85 -2.56 -11.29
N THR B 51 20.19 -2.64 -12.47
CA THR B 51 20.30 -3.73 -13.43
C THR B 51 20.76 -3.17 -14.79
N LEU B 52 21.10 -4.05 -15.74
CA LEU B 52 21.65 -3.67 -17.03
C LEU B 52 20.65 -2.83 -17.81
N ALA B 53 19.40 -3.35 -17.89
CA ALA B 53 18.25 -2.66 -18.47
C ALA B 53 17.36 -2.10 -17.37
N PRO B 54 16.58 -1.04 -17.65
CA PRO B 54 15.67 -0.47 -16.65
C PRO B 54 14.62 -1.47 -16.20
N ARG B 55 14.07 -1.32 -14.99
CA ARG B 55 13.01 -2.17 -14.49
C ARG B 55 11.96 -1.32 -13.80
N THR B 56 10.66 -1.71 -13.87
CA THR B 56 9.57 -1.04 -13.16
C THR B 56 9.27 -1.72 -11.81
N GLY B 57 9.76 -2.95 -11.61
CA GLY B 57 9.67 -3.71 -10.37
C GLY B 57 8.36 -4.46 -10.21
N ASN B 58 8.00 -4.80 -8.96
CA ASN B 58 6.88 -5.67 -8.64
C ASN B 58 5.59 -4.85 -8.67
N PRO B 59 4.42 -5.50 -8.78
CA PRO B 59 3.16 -4.79 -8.82
C PRO B 59 2.76 -4.31 -7.43
N GLU B 60 1.78 -3.41 -7.38
CA GLU B 60 1.44 -2.63 -6.21
C GLU B 60 0.22 -3.24 -5.51
N PRO B 61 0.05 -3.13 -4.16
CA PRO B 61 0.99 -2.49 -3.25
C PRO B 61 2.18 -3.39 -2.88
N ARG B 62 3.34 -2.76 -2.69
CA ARG B 62 4.63 -3.44 -2.56
C ARG B 62 5.50 -2.83 -1.46
N TYR B 63 4.93 -1.91 -0.65
CA TYR B 63 5.59 -1.30 0.50
C TYR B 63 4.54 -1.00 1.58
N PHE B 64 4.84 -1.35 2.84
CA PHE B 64 3.96 -1.10 3.97
C PHE B 64 4.82 -0.74 5.17
N GLY B 65 4.70 0.52 5.62
CA GLY B 65 5.25 0.96 6.89
C GLY B 65 4.55 0.25 8.07
N LEU B 66 5.35 -0.21 9.04
CA LEU B 66 4.94 -1.02 10.19
C LEU B 66 5.31 -0.29 11.48
N PRO B 67 4.56 -0.50 12.60
CA PRO B 67 4.93 0.10 13.88
C PRO B 67 6.36 -0.19 14.33
N LEU B 68 6.90 -1.36 13.99
CA LEU B 68 8.26 -1.72 14.35
C LEU B 68 9.20 -1.78 13.12
N GLY B 69 8.77 -1.27 11.96
CA GLY B 69 9.70 -1.12 10.84
C GLY B 69 9.00 -1.06 9.50
N SER B 70 9.41 -1.92 8.56
CA SER B 70 8.86 -1.94 7.20
C SER B 70 8.87 -3.36 6.61
N ILE B 71 7.89 -3.67 5.74
CA ILE B 71 7.97 -4.80 4.82
C ILE B 71 7.92 -4.26 3.40
N ASN B 72 8.67 -4.87 2.46
CA ASN B 72 8.66 -4.45 1.07
C ASN B 72 8.96 -5.63 0.17
N SER B 73 8.38 -5.58 -1.04
CA SER B 73 8.71 -6.42 -2.19
C SER B 73 8.87 -5.54 -3.43
N MET B 74 9.88 -4.67 -3.43
CA MET B 74 10.03 -3.62 -4.42
C MET B 74 10.30 -4.23 -5.80
N GLY B 75 11.29 -5.11 -5.90
CA GLY B 75 11.58 -5.81 -7.14
C GLY B 75 12.63 -5.13 -8.02
N LEU B 76 13.51 -4.33 -7.39
CA LEU B 76 14.64 -3.65 -8.04
C LEU B 76 14.16 -2.67 -9.12
N PRO B 77 13.17 -1.80 -8.80
CA PRO B 77 12.79 -0.74 -9.73
C PRO B 77 13.96 0.21 -9.93
N ASN B 78 14.46 0.38 -11.16
CA ASN B 78 15.66 1.18 -11.39
C ASN B 78 15.73 1.64 -12.84
N LEU B 79 16.49 2.73 -13.08
CA LEU B 79 16.57 3.42 -14.38
C LEU B 79 17.66 2.81 -15.27
N GLY B 80 18.20 1.66 -14.86
CA GLY B 80 19.23 0.96 -15.61
C GLY B 80 20.62 1.53 -15.32
N VAL B 81 21.64 0.71 -15.59
CA VAL B 81 23.02 1.04 -15.24
C VAL B 81 23.46 2.36 -15.91
N ASP B 82 22.98 2.66 -17.12
CA ASP B 82 23.45 3.83 -17.87
C ASP B 82 23.06 5.14 -17.18
N PHE B 83 21.89 5.15 -16.50
CA PHE B 83 21.43 6.34 -15.80
C PHE B 83 22.34 6.65 -14.60
N TYR B 84 22.72 5.62 -13.82
CA TYR B 84 23.48 5.82 -12.59
C TYR B 84 24.94 6.10 -12.89
N LEU B 85 25.53 5.41 -13.88
CA LEU B 85 26.86 5.73 -14.37
C LEU B 85 26.94 7.19 -14.81
N SER B 86 25.92 7.64 -15.55
CA SER B 86 25.84 9.01 -16.05
C SER B 86 25.83 10.00 -14.87
N TYR B 87 24.98 9.74 -13.87
CA TYR B 87 24.89 10.51 -12.63
C TYR B 87 26.25 10.56 -11.95
N ALA B 88 26.94 9.42 -11.92
CA ALA B 88 28.25 9.32 -11.28
C ALA B 88 29.34 10.07 -12.07
N ALA B 89 29.25 10.09 -13.42
CA ALA B 89 30.30 10.70 -14.25
C ALA B 89 30.08 12.21 -14.42
N GLN B 90 28.84 12.67 -14.64
CA GLN B 90 28.55 14.03 -15.10
C GLN B 90 27.94 14.89 -13.99
N THR B 91 27.09 14.31 -13.13
CA THR B 91 26.17 15.09 -12.31
C THR B 91 26.62 15.26 -10.87
N HIS B 92 27.10 14.18 -10.23
CA HIS B 92 27.35 14.16 -8.79
C HIS B 92 28.42 15.16 -8.37
N ASP B 93 28.23 15.79 -7.19
CA ASP B 93 29.19 16.73 -6.61
C ASP B 93 30.09 15.99 -5.62
N TYR B 94 31.31 15.63 -6.07
CA TYR B 94 32.26 14.89 -5.27
C TYR B 94 32.87 15.74 -4.15
N SER B 95 32.98 17.07 -4.33
CA SER B 95 33.50 17.97 -3.31
C SER B 95 32.56 18.05 -2.10
N ARG B 96 31.36 17.48 -2.24
CA ARG B 96 30.38 17.40 -1.17
C ARG B 96 30.59 16.11 -0.36
N LYS B 97 30.62 14.96 -1.05
CA LYS B 97 30.78 13.67 -0.42
C LYS B 97 31.02 12.59 -1.48
N PRO B 98 31.70 11.48 -1.13
CA PRO B 98 31.90 10.36 -2.05
C PRO B 98 30.61 9.63 -2.38
N LEU B 99 30.60 8.93 -3.52
CA LEU B 99 29.42 8.23 -4.00
C LEU B 99 29.71 6.74 -4.19
N PHE B 100 28.86 5.93 -3.55
CA PHE B 100 28.72 4.49 -3.74
C PHE B 100 27.60 4.26 -4.76
N LEU B 101 27.83 3.31 -5.68
CA LEU B 101 26.80 2.69 -6.50
C LEU B 101 26.60 1.26 -6.01
N SER B 102 25.35 0.79 -6.02
CA SER B 102 25.00 -0.58 -5.74
C SER B 102 24.61 -1.24 -7.07
N MET B 103 25.17 -2.43 -7.36
CA MET B 103 24.85 -3.17 -8.57
C MET B 103 24.35 -4.58 -8.21
N SER B 104 23.23 -4.97 -8.85
CA SER B 104 22.46 -6.15 -8.50
C SER B 104 22.03 -6.87 -9.78
N GLY B 105 23.01 -7.16 -10.64
CA GLY B 105 22.79 -8.01 -11.82
C GLY B 105 22.14 -9.34 -11.41
N LEU B 106 21.12 -9.76 -12.19
CA LEU B 106 20.32 -10.94 -11.89
C LEU B 106 21.04 -12.22 -12.33
N SER B 107 22.18 -12.07 -13.02
CA SER B 107 23.08 -13.15 -13.39
C SER B 107 24.49 -12.60 -13.41
N VAL B 108 25.47 -13.48 -13.13
CA VAL B 108 26.89 -13.12 -13.15
C VAL B 108 27.29 -12.51 -14.51
N GLU B 109 26.79 -13.03 -15.63
CA GLU B 109 27.04 -12.46 -16.96
C GLU B 109 26.63 -10.99 -17.03
N GLU B 110 25.48 -10.66 -16.42
CA GLU B 110 24.92 -9.31 -16.35
C GLU B 110 25.81 -8.44 -15.46
N SER B 111 26.26 -8.99 -14.32
CA SER B 111 27.06 -8.25 -13.35
C SER B 111 28.43 -7.91 -13.95
N VAL B 112 29.03 -8.87 -14.65
CA VAL B 112 30.28 -8.64 -15.36
C VAL B 112 30.10 -7.46 -16.31
N GLU B 113 29.06 -7.49 -17.14
CA GLU B 113 28.77 -6.44 -18.12
C GLU B 113 28.73 -5.05 -17.47
N MET B 114 28.08 -4.93 -16.30
CA MET B 114 27.82 -3.65 -15.63
C MET B 114 29.04 -3.06 -14.93
N VAL B 115 29.84 -3.90 -14.25
CA VAL B 115 31.03 -3.46 -13.52
C VAL B 115 32.12 -3.02 -14.52
N LYS B 116 32.22 -3.67 -15.68
CA LYS B 116 33.17 -3.30 -16.72
C LYS B 116 33.00 -1.84 -17.16
N LYS B 117 31.76 -1.34 -17.12
CA LYS B 117 31.47 0.02 -17.53
C LYS B 117 31.85 1.01 -16.43
N LEU B 118 31.93 0.56 -15.17
CA LEU B 118 32.13 1.43 -14.02
C LEU B 118 33.62 1.74 -13.83
N VAL B 119 34.50 0.95 -14.45
CA VAL B 119 35.94 1.00 -14.26
C VAL B 119 36.49 2.40 -14.52
N PRO B 120 36.29 3.00 -15.71
CA PRO B 120 36.81 4.34 -16.01
C PRO B 120 36.22 5.47 -15.18
N ILE B 121 35.01 5.30 -14.65
CA ILE B 121 34.37 6.32 -13.82
C ILE B 121 34.89 6.27 -12.37
N THR B 122 35.20 5.06 -11.86
CA THR B 122 35.87 4.88 -10.57
C THR B 122 37.27 5.51 -10.63
N LYS B 123 37.99 5.25 -11.73
CA LYS B 123 39.33 5.78 -11.96
C LYS B 123 39.37 7.30 -11.85
N GLU B 124 38.46 7.96 -12.59
CA GLU B 124 38.44 9.41 -12.72
C GLU B 124 37.82 10.11 -11.51
N LYS B 125 36.77 9.52 -10.92
CA LYS B 125 36.01 10.19 -9.87
C LYS B 125 36.19 9.48 -8.53
N GLY B 126 36.65 8.22 -8.53
CA GLY B 126 36.75 7.41 -7.33
C GLY B 126 35.39 6.92 -6.84
N THR B 127 34.44 6.66 -7.76
CA THR B 127 33.14 6.10 -7.41
C THR B 127 33.34 4.67 -6.87
N ILE B 128 32.70 4.35 -5.72
CA ILE B 128 32.87 3.07 -5.03
C ILE B 128 31.73 2.11 -5.40
N LEU B 129 32.09 0.85 -5.69
CA LEU B 129 31.17 -0.23 -6.04
C LEU B 129 30.80 -1.03 -4.79
N GLU B 130 29.49 -1.13 -4.49
CA GLU B 130 28.92 -2.12 -3.59
C GLU B 130 28.14 -3.13 -4.45
N LEU B 131 28.60 -4.40 -4.47
CA LEU B 131 27.98 -5.51 -5.21
C LEU B 131 26.93 -6.19 -4.31
N ASN B 132 25.70 -6.30 -4.81
CA ASN B 132 24.57 -6.80 -4.04
C ASN B 132 24.43 -8.31 -4.25
N LEU B 133 24.66 -9.09 -3.19
CA LEU B 133 24.52 -10.54 -3.24
C LEU B 133 23.32 -11.01 -2.40
N SER B 134 22.36 -10.10 -2.18
N SER B 134 22.36 -10.10 -2.17
CA SER B 134 21.16 -10.44 -1.41
CA SER B 134 21.16 -10.44 -1.41
C SER B 134 19.94 -10.40 -2.32
C SER B 134 19.94 -10.40 -2.33
N ALA B 135 19.32 -9.22 -2.50
N ALA B 135 19.32 -9.22 -2.50
CA ALA B 135 18.16 -9.06 -3.39
CA ALA B 135 18.16 -9.06 -3.39
C ALA B 135 17.11 -10.15 -3.15
C ALA B 135 17.11 -10.15 -3.15
N PRO B 136 16.26 -10.03 -2.11
CA PRO B 136 15.29 -11.06 -1.76
C PRO B 136 13.90 -10.97 -2.39
N ASN B 137 13.65 -9.97 -3.25
CA ASN B 137 12.29 -9.65 -3.68
C ASN B 137 12.06 -9.87 -5.18
N VAL B 138 13.02 -10.46 -5.89
CA VAL B 138 12.91 -10.74 -7.31
C VAL B 138 12.29 -12.12 -7.47
N PRO B 139 11.05 -12.27 -8.00
CA PRO B 139 10.41 -13.57 -8.04
C PRO B 139 11.22 -14.56 -8.88
N GLY B 140 11.61 -15.70 -8.29
CA GLY B 140 12.31 -16.74 -9.02
C GLY B 140 13.83 -16.73 -8.81
N LYS B 141 14.41 -15.56 -8.49
CA LYS B 141 15.84 -15.40 -8.23
C LYS B 141 16.12 -15.50 -6.73
N PRO B 142 16.80 -16.58 -6.25
CA PRO B 142 17.18 -16.70 -4.84
C PRO B 142 18.37 -15.81 -4.47
N GLN B 143 18.57 -15.59 -3.17
CA GLN B 143 19.66 -14.73 -2.71
C GLN B 143 20.99 -15.46 -2.89
N VAL B 144 21.93 -14.82 -3.61
CA VAL B 144 23.24 -15.40 -3.94
C VAL B 144 24.08 -15.65 -2.68
N GLY B 145 24.05 -14.73 -1.72
CA GLY B 145 24.82 -14.83 -0.49
C GLY B 145 24.55 -16.14 0.25
N TYR B 146 23.39 -16.76 0.02
CA TYR B 146 23.05 -18.03 0.65
C TYR B 146 23.62 -19.25 -0.11
N ASP B 147 24.24 -19.08 -1.29
CA ASP B 147 24.93 -20.16 -2.00
C ASP B 147 26.41 -19.83 -2.11
N PHE B 148 27.24 -20.53 -1.32
CA PHE B 148 28.64 -20.14 -1.16
C PHE B 148 29.45 -20.50 -2.40
N ASP B 149 29.04 -21.53 -3.16
CA ASP B 149 29.61 -21.87 -4.47
C ASP B 149 29.34 -20.76 -5.49
N THR B 150 28.11 -20.25 -5.54
CA THR B 150 27.72 -19.18 -6.45
C THR B 150 28.31 -17.84 -6.00
N THR B 151 28.37 -17.59 -4.67
CA THR B 151 28.99 -16.37 -4.15
C THR B 151 30.44 -16.35 -4.69
N ARG B 152 31.15 -17.47 -4.57
CA ARG B 152 32.53 -17.58 -5.01
C ARG B 152 32.64 -17.24 -6.51
N THR B 153 31.70 -17.73 -7.30
CA THR B 153 31.63 -17.50 -8.75
C THR B 153 31.47 -16.00 -9.08
N TYR B 154 30.66 -15.28 -8.28
CA TYR B 154 30.41 -13.86 -8.48
C TYR B 154 31.67 -13.06 -8.11
N LEU B 155 32.28 -13.34 -6.95
CA LEU B 155 33.44 -12.60 -6.46
C LEU B 155 34.60 -12.80 -7.43
N GLN B 156 34.80 -14.04 -7.85
CA GLN B 156 35.81 -14.43 -8.84
C GLN B 156 35.70 -13.51 -10.06
N LYS B 157 34.50 -13.51 -10.67
CA LYS B 157 34.23 -12.92 -11.97
C LYS B 157 34.23 -11.39 -11.91
N VAL B 158 33.64 -10.82 -10.86
CA VAL B 158 33.63 -9.38 -10.66
C VAL B 158 35.02 -8.87 -10.30
N SER B 159 35.81 -9.65 -9.53
CA SER B 159 37.20 -9.29 -9.19
C SER B 159 38.06 -9.13 -10.45
N GLU B 160 38.03 -10.17 -11.29
CA GLU B 160 38.78 -10.23 -12.54
C GLU B 160 38.32 -9.08 -13.43
N ALA B 161 37.00 -8.87 -13.48
CA ALA B 161 36.37 -7.93 -14.41
C ALA B 161 36.55 -6.48 -13.99
N TYR B 162 36.44 -6.20 -12.68
CA TYR B 162 36.43 -4.83 -12.18
C TYR B 162 37.85 -4.35 -11.87
N GLY B 163 38.67 -5.24 -11.30
CA GLY B 163 40.09 -5.01 -11.08
C GLY B 163 40.40 -3.90 -10.08
N LEU B 164 39.44 -3.55 -9.22
CA LEU B 164 39.60 -2.45 -8.27
C LEU B 164 38.90 -2.79 -6.97
N PRO B 165 39.29 -2.13 -5.86
CA PRO B 165 38.64 -2.36 -4.57
C PRO B 165 37.12 -2.20 -4.66
N PHE B 166 36.36 -3.19 -4.16
CA PHE B 166 34.91 -3.07 -4.08
C PHE B 166 34.41 -3.69 -2.77
N GLY B 167 33.09 -3.56 -2.55
CA GLY B 167 32.41 -4.09 -1.38
C GLY B 167 31.25 -4.98 -1.81
N VAL B 168 30.55 -5.54 -0.82
CA VAL B 168 29.48 -6.50 -1.06
C VAL B 168 28.39 -6.29 -0.01
N LYS B 169 27.12 -6.33 -0.44
CA LYS B 169 25.99 -6.25 0.47
C LYS B 169 25.57 -7.70 0.71
N MET B 170 25.58 -8.13 1.98
CA MET B 170 25.36 -9.52 2.32
C MET B 170 23.97 -9.70 2.90
N PRO B 171 23.33 -10.88 2.69
CA PRO B 171 22.09 -11.19 3.38
C PRO B 171 22.42 -11.52 4.83
N PRO B 172 21.47 -11.42 5.76
CA PRO B 172 21.73 -11.78 7.15
C PRO B 172 21.98 -13.28 7.34
N TYR B 173 23.01 -13.64 8.10
CA TYR B 173 23.21 -15.04 8.46
C TYR B 173 22.78 -15.23 9.91
N PHE B 174 22.32 -16.44 10.26
CA PHE B 174 21.77 -16.71 11.57
C PHE B 174 22.37 -17.97 12.18
N ASP B 175 23.51 -18.44 11.65
CA ASP B 175 24.19 -19.65 12.13
C ASP B 175 25.70 -19.45 12.14
N ILE B 176 26.36 -19.84 13.24
CA ILE B 176 27.81 -19.72 13.37
C ILE B 176 28.51 -20.37 12.16
N ALA B 177 28.02 -21.53 11.71
CA ALA B 177 28.64 -22.23 10.60
C ALA B 177 28.59 -21.38 9.33
N HIS B 178 27.51 -20.61 9.17
CA HIS B 178 27.31 -19.77 8.00
C HIS B 178 28.28 -18.58 8.06
N PHE B 179 28.48 -18.00 9.24
CA PHE B 179 29.41 -16.90 9.42
C PHE B 179 30.80 -17.36 8.97
N ASP B 180 31.16 -18.61 9.34
CA ASP B 180 32.48 -19.19 9.06
C ASP B 180 32.66 -19.46 7.56
N MET B 181 31.62 -20.01 6.93
CA MET B 181 31.62 -20.31 5.51
C MET B 181 31.59 -19.04 4.65
N ALA B 182 30.77 -18.05 5.00
CA ALA B 182 30.78 -16.77 4.30
C ALA B 182 32.18 -16.15 4.39
N ALA B 183 32.77 -16.23 5.59
CA ALA B 183 34.08 -15.68 5.88
C ALA B 183 35.16 -16.33 5.00
N ALA B 184 35.17 -17.66 4.93
CA ALA B 184 36.20 -18.38 4.17
C ALA B 184 36.16 -17.99 2.69
N VAL B 185 34.95 -17.69 2.17
CA VAL B 185 34.77 -17.24 0.78
C VAL B 185 35.31 -15.81 0.62
N LEU B 186 34.84 -14.90 1.48
CA LEU B 186 35.20 -13.49 1.32
C LEU B 186 36.73 -13.29 1.43
N ASN B 187 37.40 -14.09 2.26
CA ASN B 187 38.81 -13.87 2.58
C ASN B 187 39.72 -14.40 1.48
N ASP B 188 39.16 -15.08 0.48
CA ASP B 188 39.93 -15.51 -0.69
C ASP B 188 39.93 -14.44 -1.77
N PHE B 189 39.35 -13.26 -1.46
CA PHE B 189 39.19 -12.18 -2.43
C PHE B 189 39.67 -10.85 -1.85
N PRO B 190 40.93 -10.45 -2.12
CA PRO B 190 41.55 -9.29 -1.47
C PRO B 190 41.10 -7.94 -2.03
N LEU B 191 40.35 -7.97 -3.14
CA LEU B 191 39.77 -6.77 -3.73
C LEU B 191 38.46 -6.42 -3.02
N VAL B 192 37.83 -7.38 -2.33
CA VAL B 192 36.70 -7.08 -1.46
C VAL B 192 37.24 -6.39 -0.21
N LYS B 193 37.03 -5.07 -0.11
CA LYS B 193 37.64 -4.26 0.93
C LYS B 193 36.64 -3.94 2.04
N PHE B 194 35.35 -4.08 1.77
CA PHE B 194 34.32 -3.90 2.79
C PHE B 194 33.15 -4.83 2.54
N ILE B 195 32.37 -5.02 3.61
CA ILE B 195 31.22 -5.91 3.68
C ILE B 195 30.12 -5.09 4.36
N THR B 196 28.96 -4.94 3.71
CA THR B 196 27.81 -4.29 4.34
C THR B 196 26.95 -5.38 4.96
N CYS B 197 26.71 -5.29 6.28
CA CYS B 197 25.84 -6.21 7.02
C CYS B 197 24.76 -5.39 7.75
N VAL B 198 23.47 -5.50 7.38
CA VAL B 198 22.90 -6.56 6.58
C VAL B 198 21.80 -5.98 5.67
N ASN B 199 21.32 -6.81 4.74
CA ASN B 199 20.13 -6.49 3.94
C ASN B 199 18.90 -6.85 4.75
N SER B 200 17.72 -6.71 4.14
CA SER B 200 16.47 -7.04 4.78
C SER B 200 16.48 -8.48 5.29
N ILE B 201 15.86 -8.72 6.45
CA ILE B 201 15.52 -10.07 6.86
C ILE B 201 14.47 -10.55 5.86
N GLY B 202 14.87 -11.42 4.93
CA GLY B 202 14.03 -11.76 3.77
C GLY B 202 12.81 -12.65 4.06
N ASN B 203 11.80 -12.48 3.19
CA ASN B 203 10.65 -13.38 3.06
C ASN B 203 9.89 -13.50 4.38
N GLY B 204 9.57 -12.35 5.01
CA GLY B 204 8.64 -12.28 6.13
C GLY B 204 7.21 -12.00 5.64
N LEU B 205 6.21 -12.10 6.52
CA LEU B 205 4.82 -11.97 6.13
C LEU B 205 4.03 -11.21 7.21
N VAL B 206 3.34 -10.16 6.77
CA VAL B 206 2.48 -9.35 7.61
C VAL B 206 1.05 -9.56 7.11
N ILE B 207 0.14 -9.74 8.07
CA ILE B 207 -1.27 -10.00 7.85
C ILE B 207 -2.06 -9.04 8.70
N ASP B 208 -3.10 -8.44 8.10
CA ASP B 208 -3.99 -7.49 8.74
C ASP B 208 -5.16 -8.25 9.34
N PRO B 209 -5.29 -8.32 10.69
CA PRO B 209 -6.43 -8.99 11.34
C PRO B 209 -7.81 -8.49 10.93
N ALA B 210 -7.92 -7.20 10.59
CA ALA B 210 -9.16 -6.54 10.19
C ALA B 210 -9.79 -7.18 8.95
N ASN B 211 -9.06 -7.25 7.83
CA ASN B 211 -9.64 -7.85 6.63
C ASN B 211 -9.07 -9.25 6.34
N GLU B 212 -8.23 -9.82 7.22
CA GLU B 212 -7.65 -11.16 7.11
C GLU B 212 -6.85 -11.33 5.83
N THR B 213 -6.13 -10.27 5.45
CA THR B 213 -5.43 -10.22 4.17
C THR B 213 -3.99 -9.77 4.41
N VAL B 214 -3.11 -10.25 3.51
CA VAL B 214 -1.72 -9.83 3.42
C VAL B 214 -1.68 -8.37 2.95
N VAL B 215 -0.65 -7.62 3.34
CA VAL B 215 -0.56 -6.17 3.12
C VAL B 215 0.26 -5.82 1.88
N ILE B 216 0.87 -6.81 1.21
CA ILE B 216 1.57 -6.55 -0.04
C ILE B 216 1.17 -7.58 -1.10
N LYS B 217 1.30 -7.22 -2.39
CA LYS B 217 0.72 -8.00 -3.48
C LYS B 217 1.66 -9.09 -3.97
N PRO B 218 2.96 -8.77 -4.23
CA PRO B 218 3.90 -9.74 -4.79
C PRO B 218 4.12 -10.96 -3.88
N LYS B 219 4.43 -12.10 -4.50
CA LYS B 219 4.81 -13.33 -3.81
C LYS B 219 3.91 -13.65 -2.59
N GLN B 220 2.59 -13.48 -2.73
CA GLN B 220 1.61 -13.93 -1.74
C GLN B 220 1.81 -13.28 -0.37
N GLY B 221 2.42 -12.08 -0.36
CA GLY B 221 2.53 -11.25 0.83
C GLY B 221 3.92 -11.27 1.45
N PHE B 222 4.81 -12.10 0.86
CA PHE B 222 6.15 -12.30 1.38
C PHE B 222 7.03 -11.14 0.92
N GLY B 223 7.76 -10.55 1.86
CA GLY B 223 8.65 -9.43 1.57
C GLY B 223 9.78 -9.30 2.59
N GLY B 224 10.73 -8.42 2.30
CA GLY B 224 11.86 -8.19 3.19
C GLY B 224 11.51 -7.27 4.36
N LEU B 225 12.01 -7.60 5.56
CA LEU B 225 11.72 -6.84 6.75
C LEU B 225 12.89 -5.90 7.08
N GLY B 226 12.56 -4.68 7.54
CA GLY B 226 13.55 -3.71 8.00
C GLY B 226 13.11 -3.04 9.29
N GLY B 227 14.03 -2.25 9.90
CA GLY B 227 13.71 -1.45 11.07
C GLY B 227 14.14 -2.16 12.36
N LYS B 228 13.28 -2.11 13.38
CA LYS B 228 13.60 -2.62 14.70
C LYS B 228 13.66 -4.15 14.73
N TYR B 229 13.05 -4.83 13.75
CA TYR B 229 13.11 -6.29 13.72
C TYR B 229 14.55 -6.77 13.53
N VAL B 230 15.45 -5.92 12.98
CA VAL B 230 16.74 -6.39 12.48
C VAL B 230 17.96 -5.96 13.31
N LEU B 231 17.84 -5.05 14.28
CA LEU B 231 19.04 -4.55 14.96
C LEU B 231 19.90 -5.72 15.47
N PRO B 232 19.37 -6.63 16.33
CA PRO B 232 20.16 -7.73 16.88
C PRO B 232 20.87 -8.56 15.83
N THR B 233 20.21 -8.80 14.70
CA THR B 233 20.78 -9.56 13.59
C THR B 233 21.92 -8.78 12.95
N ALA B 234 21.67 -7.50 12.69
CA ALA B 234 22.66 -6.63 12.06
C ALA B 234 23.92 -6.52 12.91
N LEU B 235 23.74 -6.29 14.23
CA LEU B 235 24.87 -6.14 15.14
C LEU B 235 25.73 -7.40 15.11
N ALA B 236 25.06 -8.56 15.14
CA ALA B 236 25.75 -9.83 15.23
C ALA B 236 26.57 -10.05 13.95
N ASN B 237 25.98 -9.76 12.80
CA ASN B 237 26.65 -9.99 11.52
C ASN B 237 27.87 -9.08 11.38
N VAL B 238 27.73 -7.79 11.72
CA VAL B 238 28.80 -6.82 11.68
C VAL B 238 29.97 -7.32 12.53
N ASN B 239 29.65 -7.74 13.76
CA ASN B 239 30.64 -8.15 14.76
C ASN B 239 31.34 -9.44 14.35
N ALA B 240 30.57 -10.36 13.77
CA ALA B 240 31.05 -11.69 13.42
C ALA B 240 32.04 -11.60 12.25
N PHE B 241 31.80 -10.68 11.28
CA PHE B 241 32.67 -10.51 10.13
C PHE B 241 33.80 -9.53 10.44
N PHE B 242 33.63 -8.74 11.52
CA PHE B 242 34.69 -7.86 11.97
C PHE B 242 35.83 -8.72 12.49
N ARG B 243 35.49 -9.79 13.21
CA ARG B 243 36.49 -10.66 13.82
C ARG B 243 37.06 -11.62 12.78
N ARG B 244 36.22 -12.12 11.85
CA ARG B 244 36.60 -13.15 10.89
C ARG B 244 37.26 -12.59 9.63
N CYS B 245 37.11 -11.28 9.38
CA CYS B 245 37.65 -10.67 8.17
C CYS B 245 38.41 -9.39 8.55
N PRO B 246 39.55 -9.50 9.29
CA PRO B 246 40.28 -8.33 9.78
C PRO B 246 40.97 -7.49 8.71
N ASP B 247 41.21 -8.05 7.52
CA ASP B 247 41.77 -7.31 6.39
C ASP B 247 40.68 -6.58 5.57
N LYS B 248 39.47 -6.50 6.11
CA LYS B 248 38.32 -5.88 5.44
C LYS B 248 37.57 -4.97 6.41
N LEU B 249 36.84 -3.99 5.86
CA LEU B 249 36.02 -3.10 6.66
C LEU B 249 34.60 -3.68 6.73
N VAL B 250 33.85 -3.33 7.78
CA VAL B 250 32.44 -3.67 7.90
C VAL B 250 31.63 -2.38 7.92
N PHE B 251 30.56 -2.30 7.11
CA PHE B 251 29.56 -1.26 7.17
C PHE B 251 28.31 -1.87 7.82
N GLY B 252 27.74 -1.21 8.82
CA GLY B 252 26.53 -1.69 9.51
C GLY B 252 25.29 -1.15 8.81
N CYS B 253 24.28 -2.02 8.62
CA CYS B 253 22.98 -1.70 8.05
C CYS B 253 21.90 -2.49 8.79
N GLY B 254 20.95 -1.79 9.43
CA GLY B 254 19.86 -2.49 10.10
C GLY B 254 19.51 -1.85 11.43
N GLY B 255 18.27 -1.35 11.55
CA GLY B 255 17.67 -0.92 12.82
C GLY B 255 18.13 0.45 13.32
N VAL B 256 18.80 1.25 12.48
CA VAL B 256 19.29 2.57 12.88
C VAL B 256 18.15 3.59 12.86
N TYR B 257 17.64 3.95 14.06
CA TYR B 257 16.65 5.02 14.21
C TYR B 257 17.22 6.22 14.96
N SER B 258 18.38 6.06 15.60
CA SER B 258 18.92 7.05 16.53
C SER B 258 20.43 6.88 16.63
N GLY B 259 21.07 7.83 17.34
CA GLY B 259 22.51 7.89 17.55
C GLY B 259 22.99 6.74 18.42
N GLU B 260 22.17 6.34 19.40
CA GLU B 260 22.44 5.19 20.25
C GLU B 260 22.73 3.95 19.40
N GLU B 261 21.85 3.64 18.44
CA GLU B 261 21.93 2.47 17.58
C GLU B 261 23.12 2.55 16.61
N ALA B 262 23.46 3.75 16.15
CA ALA B 262 24.67 3.99 15.37
C ALA B 262 25.89 3.65 16.20
N PHE B 263 25.82 3.97 17.50
CA PHE B 263 26.95 3.83 18.41
C PHE B 263 27.22 2.34 18.62
N LEU B 264 26.13 1.55 18.77
CA LEU B 264 26.22 0.10 18.97
C LEU B 264 26.81 -0.55 17.73
N HIS B 265 26.41 -0.10 16.54
CA HIS B 265 26.97 -0.57 15.27
C HIS B 265 28.47 -0.36 15.25
N ILE B 266 28.94 0.86 15.56
CA ILE B 266 30.37 1.17 15.50
C ILE B 266 31.13 0.30 16.51
N LEU B 267 30.54 0.17 17.70
CA LEU B 267 31.06 -0.61 18.81
C LEU B 267 31.25 -2.08 18.39
N ALA B 268 30.30 -2.63 17.63
CA ALA B 268 30.41 -3.99 17.10
C ALA B 268 31.36 -4.10 15.90
N GLY B 269 31.79 -2.98 15.28
CA GLY B 269 32.80 -3.09 14.23
C GLY B 269 32.65 -2.15 13.03
N ALA B 270 31.51 -1.44 12.91
CA ALA B 270 31.11 -0.69 11.73
C ALA B 270 31.96 0.55 11.47
N SER B 271 32.46 0.66 10.23
CA SER B 271 33.14 1.84 9.68
C SER B 271 32.11 2.91 9.27
N MET B 272 31.16 2.54 8.41
CA MET B 272 30.05 3.37 7.96
C MET B 272 28.74 2.73 8.46
N VAL B 273 27.68 3.53 8.61
CA VAL B 273 26.39 3.10 9.15
C VAL B 273 25.31 3.54 8.17
N GLN B 274 24.52 2.59 7.64
CA GLN B 274 23.46 2.87 6.66
C GLN B 274 22.07 2.91 7.33
N VAL B 275 21.20 3.76 6.81
CA VAL B 275 19.85 3.96 7.32
C VAL B 275 18.87 3.74 6.17
N GLY B 276 17.91 2.83 6.36
CA GLY B 276 16.84 2.53 5.40
C GLY B 276 15.49 2.98 5.96
N THR B 277 14.82 2.10 6.73
CA THR B 277 13.46 2.32 7.19
C THR B 277 13.28 3.68 7.87
N ALA B 278 14.21 4.11 8.72
CA ALA B 278 14.06 5.36 9.47
C ALA B 278 14.12 6.56 8.51
N LEU B 279 15.00 6.46 7.48
CA LEU B 279 15.20 7.46 6.45
C LEU B 279 13.93 7.57 5.63
N HIS B 280 13.30 6.44 5.29
CA HIS B 280 12.06 6.37 4.53
C HIS B 280 10.89 6.97 5.33
N ASP B 281 10.89 6.83 6.67
CA ASP B 281 9.88 7.39 7.57
C ASP B 281 10.04 8.91 7.77
N GLU B 282 11.28 9.40 7.97
CA GLU B 282 11.55 10.76 8.44
C GLU B 282 12.01 11.72 7.31
N GLY B 283 12.61 11.20 6.22
CA GLY B 283 13.24 12.00 5.17
C GLY B 283 14.69 12.36 5.52
N PRO B 284 15.53 12.88 4.58
CA PRO B 284 16.95 13.12 4.82
C PRO B 284 17.31 14.10 5.94
N ILE B 285 16.32 14.75 6.57
CA ILE B 285 16.56 15.58 7.74
C ILE B 285 17.12 14.77 8.91
N ILE B 286 16.93 13.44 8.88
CA ILE B 286 17.34 12.52 9.93
C ILE B 286 18.85 12.58 10.17
N PHE B 287 19.63 12.70 9.09
CA PHE B 287 21.09 12.72 9.16
C PHE B 287 21.55 13.81 10.11
N ALA B 288 20.94 15.00 10.05
CA ALA B 288 21.26 16.11 10.95
C ALA B 288 21.15 15.69 12.41
N ARG B 289 20.11 14.94 12.79
CA ARG B 289 19.94 14.58 14.19
C ARG B 289 20.76 13.32 14.53
N LEU B 290 21.01 12.42 13.57
CA LEU B 290 21.92 11.31 13.84
C LEU B 290 23.33 11.83 14.17
N ASN B 291 23.82 12.86 13.44
CA ASN B 291 25.13 13.45 13.73
C ASN B 291 25.18 14.00 15.16
N LYS B 292 24.15 14.74 15.58
CA LYS B 292 24.15 15.38 16.89
C LYS B 292 24.01 14.35 18.02
N GLU B 293 23.22 13.27 17.83
CA GLU B 293 23.01 12.29 18.88
C GLU B 293 24.28 11.44 19.15
N LEU B 294 25.02 11.06 18.10
CA LEU B 294 26.25 10.28 18.23
C LEU B 294 27.35 11.11 18.91
N GLN B 295 27.43 12.41 18.58
CA GLN B 295 28.37 13.33 19.22
C GLN B 295 28.09 13.43 20.71
N GLU B 296 26.80 13.57 21.08
CA GLU B 296 26.39 13.65 22.47
C GLU B 296 26.93 12.42 23.21
N ILE B 297 26.77 11.22 22.63
CA ILE B 297 27.15 9.98 23.25
C ILE B 297 28.67 9.95 23.45
N MET B 298 29.46 10.25 22.40
CA MET B 298 30.91 10.26 22.48
C MET B 298 31.42 11.29 23.48
N THR B 299 30.82 12.48 23.49
CA THR B 299 31.11 13.52 24.46
C THR B 299 30.91 12.96 25.87
N ASN B 300 29.77 12.29 26.14
CA ASN B 300 29.48 11.76 27.47
C ASN B 300 30.44 10.62 27.86
N LYS B 301 30.93 9.82 26.90
CA LYS B 301 31.79 8.69 27.18
C LYS B 301 33.28 9.08 27.17
N GLY B 302 33.59 10.28 26.66
CA GLY B 302 34.95 10.80 26.60
C GLY B 302 35.74 10.27 25.41
N TYR B 303 35.05 9.89 24.33
CA TYR B 303 35.68 9.39 23.12
C TYR B 303 35.87 10.53 22.13
N LYS B 304 37.10 10.74 21.66
CA LYS B 304 37.44 11.87 20.79
C LYS B 304 37.32 11.52 19.30
N THR B 305 37.51 10.25 18.94
CA THR B 305 37.31 9.75 17.58
C THR B 305 36.49 8.46 17.63
N LEU B 306 35.95 8.07 16.47
CA LEU B 306 35.25 6.80 16.28
C LEU B 306 36.22 5.63 16.50
N ASP B 307 37.51 5.88 16.26
CA ASP B 307 38.55 4.86 16.23
C ASP B 307 38.91 4.35 17.61
N GLU B 308 38.55 5.08 18.67
CA GLU B 308 38.95 4.63 19.98
C GLU B 308 37.89 3.71 20.58
N PHE B 309 36.78 3.39 19.87
CA PHE B 309 35.81 2.40 20.34
C PHE B 309 35.24 1.51 19.22
N ARG B 310 35.56 1.77 17.95
CA ARG B 310 35.16 0.88 16.87
C ARG B 310 35.62 -0.53 17.20
N GLY B 311 34.71 -1.51 17.17
CA GLY B 311 35.06 -2.92 17.34
C GLY B 311 35.36 -3.35 18.79
N ARG B 312 35.24 -2.44 19.77
CA ARG B 312 35.75 -2.65 21.13
C ARG B 312 34.62 -2.99 22.11
N VAL B 313 33.56 -3.66 21.61
CA VAL B 313 32.50 -4.18 22.47
C VAL B 313 33.11 -5.21 23.42
N LYS B 314 32.68 -5.20 24.69
CA LYS B 314 33.19 -6.09 25.71
C LYS B 314 32.34 -7.35 25.79
N THR B 315 32.99 -8.51 25.99
CA THR B 315 32.40 -9.82 26.27
C THR B 315 32.67 -10.19 27.73
N MET B 316 31.93 -11.17 28.28
CA MET B 316 32.10 -11.57 29.68
C MET B 316 33.06 -12.77 29.78
N MET C 5 -25.57 -16.73 -30.81
CA MET C 5 -24.88 -15.91 -29.77
C MET C 5 -23.49 -15.51 -30.27
N SER C 6 -23.09 -14.25 -30.01
CA SER C 6 -21.83 -13.69 -30.49
C SER C 6 -21.50 -12.38 -29.74
N LEU C 7 -20.25 -12.29 -29.24
CA LEU C 7 -19.71 -11.07 -28.65
C LEU C 7 -18.71 -10.40 -29.60
N LYS C 8 -18.58 -10.89 -30.85
CA LYS C 8 -17.63 -10.33 -31.80
C LYS C 8 -17.88 -8.83 -31.98
N VAL C 9 -16.80 -8.07 -32.22
CA VAL C 9 -16.82 -6.65 -32.56
C VAL C 9 -15.90 -6.47 -33.76
N ASN C 10 -16.41 -5.91 -34.86
CA ASN C 10 -15.64 -5.77 -36.10
C ASN C 10 -15.38 -4.28 -36.32
N ILE C 11 -14.20 -3.78 -35.93
CA ILE C 11 -13.86 -2.38 -36.01
C ILE C 11 -12.39 -2.23 -36.42
N LEU C 12 -12.08 -1.13 -37.11
CA LEU C 12 -10.72 -0.68 -37.40
C LEU C 12 -9.92 -1.70 -38.20
N GLY C 13 -10.62 -2.62 -38.89
CA GLY C 13 -10.01 -3.62 -39.75
C GLY C 13 -9.60 -4.89 -39.00
N HIS C 14 -10.27 -5.16 -37.87
CA HIS C 14 -9.95 -6.29 -37.02
C HIS C 14 -11.24 -7.00 -36.58
N GLU C 15 -11.17 -8.33 -36.40
CA GLU C 15 -12.23 -9.08 -35.76
C GLU C 15 -11.79 -9.38 -34.33
N PHE C 16 -12.42 -8.68 -33.37
CA PHE C 16 -12.21 -8.89 -31.94
C PHE C 16 -13.19 -9.96 -31.48
N SER C 17 -12.69 -11.03 -30.83
CA SER C 17 -13.50 -12.15 -30.33
C SER C 17 -14.56 -11.71 -29.32
N ASN C 18 -14.31 -10.62 -28.58
CA ASN C 18 -15.25 -10.08 -27.62
C ASN C 18 -14.87 -8.62 -27.34
N PRO C 19 -15.68 -7.83 -26.59
CA PRO C 19 -15.46 -6.40 -26.47
C PRO C 19 -14.44 -5.99 -25.38
N PHE C 20 -13.82 -6.95 -24.68
CA PHE C 20 -13.15 -6.70 -23.41
C PHE C 20 -11.63 -6.63 -23.59
N MET C 21 -11.04 -5.64 -22.89
CA MET C 21 -9.60 -5.45 -22.76
C MET C 21 -9.31 -4.84 -21.38
N ASN C 22 -8.02 -4.82 -21.02
CA ASN C 22 -7.49 -4.14 -19.83
C ASN C 22 -7.54 -2.62 -20.02
N ALA C 23 -7.84 -1.90 -18.94
CA ALA C 23 -7.54 -0.47 -18.85
C ALA C 23 -6.04 -0.27 -18.99
N ALA C 24 -5.62 0.84 -19.62
CA ALA C 24 -4.19 1.15 -19.69
C ALA C 24 -3.65 1.38 -18.29
N GLY C 25 -2.43 0.89 -18.05
CA GLY C 25 -1.80 0.97 -16.74
C GLY C 25 -1.92 -0.32 -15.91
N VAL C 26 -2.94 -1.14 -16.21
CA VAL C 26 -3.23 -2.34 -15.40
C VAL C 26 -2.83 -3.57 -16.22
N LEU C 27 -1.83 -4.32 -15.71
CA LEU C 27 -1.36 -5.59 -16.26
C LEU C 27 -0.81 -5.41 -17.69
N CYS C 28 0.10 -4.45 -17.88
CA CYS C 28 0.54 -4.09 -19.22
C CYS C 28 1.86 -3.30 -19.25
N THR C 29 2.64 -3.35 -18.14
CA THR C 29 3.88 -2.59 -17.96
C THR C 29 5.09 -3.43 -18.41
N THR C 30 5.11 -4.73 -18.02
CA THR C 30 6.23 -5.68 -18.23
C THR C 30 5.85 -6.70 -19.30
N GLU C 31 6.88 -7.36 -19.88
CA GLU C 31 6.74 -8.43 -20.86
C GLU C 31 5.90 -9.59 -20.31
N GLU C 32 6.01 -9.86 -19.00
CA GLU C 32 5.21 -10.88 -18.33
C GLU C 32 3.73 -10.47 -18.34
N ASP C 33 3.45 -9.23 -17.91
CA ASP C 33 2.09 -8.69 -17.78
C ASP C 33 1.32 -8.80 -19.10
N LEU C 34 2.04 -8.52 -20.19
CA LEU C 34 1.52 -8.52 -21.56
C LEU C 34 1.27 -9.96 -22.02
N ARG C 35 2.21 -10.86 -21.72
CA ARG C 35 2.02 -12.28 -21.98
C ARG C 35 0.73 -12.74 -21.29
N ARG C 36 0.54 -12.35 -20.01
CA ARG C 36 -0.61 -12.78 -19.21
C ARG C 36 -1.94 -12.23 -19.75
N MET C 37 -1.94 -11.04 -20.36
CA MET C 37 -3.11 -10.52 -21.06
C MET C 37 -3.36 -11.28 -22.37
N THR C 38 -2.30 -11.55 -23.15
CA THR C 38 -2.43 -12.25 -24.43
C THR C 38 -3.07 -13.62 -24.17
N GLU C 39 -2.66 -14.31 -23.11
CA GLU C 39 -3.17 -15.64 -22.81
C GLU C 39 -4.56 -15.60 -22.14
N SER C 40 -5.08 -14.41 -21.79
CA SER C 40 -6.38 -14.29 -21.17
C SER C 40 -7.49 -14.54 -22.21
N GLU C 41 -8.77 -14.47 -21.80
CA GLU C 41 -9.92 -14.52 -22.71
C GLU C 41 -10.30 -13.13 -23.29
N SER C 42 -9.61 -12.05 -22.89
CA SER C 42 -9.86 -10.71 -23.38
C SER C 42 -9.77 -10.63 -24.92
N GLY C 43 -10.70 -9.88 -25.52
CA GLY C 43 -10.69 -9.62 -26.95
C GLY C 43 -9.48 -8.82 -27.44
N SER C 44 -8.93 -7.92 -26.60
CA SER C 44 -7.71 -7.19 -26.94
C SER C 44 -6.89 -6.87 -25.68
N LEU C 45 -5.70 -6.27 -25.86
CA LEU C 45 -4.97 -5.63 -24.76
C LEU C 45 -4.30 -4.33 -25.24
N ILE C 46 -4.04 -3.43 -24.27
CA ILE C 46 -3.32 -2.18 -24.52
C ILE C 46 -2.11 -2.14 -23.58
N GLY C 47 -0.99 -1.57 -24.05
CA GLY C 47 0.22 -1.40 -23.25
C GLY C 47 0.14 -0.23 -22.27
N LYS C 48 1.04 -0.21 -21.28
CA LYS C 48 1.11 0.89 -20.33
C LYS C 48 1.36 2.18 -21.09
N SER C 49 0.67 3.26 -20.69
CA SER C 49 0.97 4.57 -21.24
C SER C 49 2.47 4.84 -21.05
N CYS C 50 3.20 5.01 -22.16
CA CYS C 50 4.66 5.09 -22.09
C CYS C 50 5.17 6.51 -22.36
N THR C 51 6.44 6.76 -21.99
CA THR C 51 7.17 7.99 -22.30
C THR C 51 8.33 7.64 -23.24
N LEU C 52 9.13 8.64 -23.64
CA LEU C 52 10.24 8.43 -24.57
C LEU C 52 11.37 7.69 -23.85
N ALA C 53 11.73 8.15 -22.65
CA ALA C 53 12.68 7.48 -21.78
C ALA C 53 11.97 6.76 -20.62
N PRO C 54 12.59 5.68 -20.10
CA PRO C 54 11.99 4.86 -19.05
C PRO C 54 11.72 5.63 -17.75
N ARG C 55 10.78 5.18 -16.95
CA ARG C 55 10.42 5.86 -15.71
C ARG C 55 10.15 4.81 -14.63
N THR C 56 10.52 5.18 -13.40
CA THR C 56 10.23 4.41 -12.19
C THR C 56 8.95 4.94 -11.51
N GLY C 57 8.50 6.15 -11.84
CA GLY C 57 7.29 6.72 -11.28
C GLY C 57 7.52 7.29 -9.88
N ASN C 58 6.43 7.45 -9.10
CA ASN C 58 6.37 8.16 -7.83
C ASN C 58 6.82 7.26 -6.67
N PRO C 59 7.17 7.83 -5.49
CA PRO C 59 7.53 7.03 -4.32
C PRO C 59 6.33 6.36 -3.62
N GLU C 60 6.61 5.31 -2.82
CA GLU C 60 5.61 4.48 -2.15
C GLU C 60 5.21 4.99 -0.77
N PRO C 61 4.00 4.65 -0.25
CA PRO C 61 2.96 3.93 -0.99
C PRO C 61 2.23 4.79 -2.02
N ARG C 62 1.92 4.21 -3.20
CA ARG C 62 1.34 4.96 -4.31
C ARG C 62 0.07 4.33 -4.91
N TYR C 63 -0.37 3.20 -4.36
CA TYR C 63 -1.64 2.57 -4.71
C TYR C 63 -2.29 2.10 -3.41
N PHE C 64 -3.62 2.24 -3.30
CA PHE C 64 -4.36 1.73 -2.15
C PHE C 64 -5.73 1.27 -2.62
N GLY C 65 -5.99 -0.05 -2.50
CA GLY C 65 -7.30 -0.63 -2.76
C GLY C 65 -8.34 -0.14 -1.74
N LEU C 66 -9.55 0.13 -2.24
CA LEU C 66 -10.65 0.71 -1.47
C LEU C 66 -11.86 -0.21 -1.58
N PRO C 67 -12.77 -0.21 -0.58
CA PRO C 67 -14.06 -0.89 -0.73
C PRO C 67 -14.75 -0.59 -2.07
N LEU C 68 -14.78 0.69 -2.50
CA LEU C 68 -15.56 1.11 -3.67
C LEU C 68 -14.68 1.30 -4.92
N GLY C 69 -13.39 0.92 -4.86
CA GLY C 69 -12.51 0.92 -6.02
C GLY C 69 -11.04 1.08 -5.63
N SER C 70 -10.41 2.18 -6.04
CA SER C 70 -8.96 2.37 -5.98
C SER C 70 -8.60 3.86 -6.06
N ILE C 71 -7.53 4.25 -5.35
CA ILE C 71 -6.85 5.52 -5.50
C ILE C 71 -5.39 5.22 -5.82
N ASN C 72 -4.79 5.96 -6.75
CA ASN C 72 -3.41 5.72 -7.13
C ASN C 72 -2.74 7.05 -7.51
N SER C 73 -1.44 7.17 -7.23
CA SER C 73 -0.54 8.11 -7.89
C SER C 73 0.68 7.35 -8.40
N MET C 74 0.49 6.55 -9.44
CA MET C 74 1.57 5.74 -10.00
C MET C 74 2.68 6.66 -10.52
N GLY C 75 2.33 7.58 -11.43
CA GLY C 75 3.29 8.49 -12.05
C GLY C 75 4.00 7.93 -13.29
N LEU C 76 3.26 7.26 -14.18
CA LEU C 76 3.74 6.77 -15.47
C LEU C 76 4.98 5.86 -15.37
N PRO C 77 5.08 4.93 -14.38
CA PRO C 77 6.14 3.93 -14.42
C PRO C 77 6.06 3.09 -15.69
N ASN C 78 7.10 3.16 -16.55
CA ASN C 78 7.12 2.49 -17.87
C ASN C 78 8.56 2.20 -18.32
N LEU C 79 8.73 1.21 -19.20
CA LEU C 79 10.04 0.77 -19.66
C LEU C 79 10.49 1.55 -20.88
N GLY C 80 9.77 2.65 -21.19
CA GLY C 80 10.14 3.51 -22.31
C GLY C 80 9.50 3.02 -23.60
N VAL C 81 9.36 3.89 -24.60
CA VAL C 81 8.71 3.55 -25.86
C VAL C 81 9.39 2.34 -26.51
N ASP C 82 10.73 2.35 -26.66
CA ASP C 82 11.45 1.34 -27.45
C ASP C 82 11.09 -0.10 -27.00
N PHE C 83 10.84 -0.28 -25.70
CA PHE C 83 10.44 -1.58 -25.16
C PHE C 83 9.08 -2.02 -25.72
N TYR C 84 8.11 -1.09 -25.79
CA TYR C 84 6.72 -1.40 -26.15
C TYR C 84 6.57 -1.55 -27.66
N LEU C 85 7.23 -0.67 -28.43
CA LEU C 85 7.49 -0.84 -29.86
C LEU C 85 8.08 -2.22 -30.13
N SER C 86 9.12 -2.57 -29.39
CA SER C 86 9.84 -3.83 -29.52
C SER C 86 8.91 -5.04 -29.26
N TYR C 87 8.09 -4.98 -28.20
CA TYR C 87 7.07 -6.00 -27.89
C TYR C 87 6.08 -6.15 -29.04
N ALA C 88 5.60 -5.03 -29.57
CA ALA C 88 4.63 -4.99 -30.67
C ALA C 88 5.19 -5.49 -32.00
N ALA C 89 6.48 -5.23 -32.29
CA ALA C 89 7.12 -5.64 -33.53
C ALA C 89 7.65 -7.09 -33.46
N GLN C 90 8.23 -7.51 -32.31
CA GLN C 90 8.98 -8.76 -32.20
C GLN C 90 8.16 -9.84 -31.47
N THR C 91 7.42 -9.51 -30.40
CA THR C 91 6.98 -10.50 -29.42
C THR C 91 5.47 -10.82 -29.53
N HIS C 92 4.62 -9.81 -29.78
CA HIS C 92 3.18 -10.02 -29.65
C HIS C 92 2.72 -11.07 -30.66
N ASP C 93 1.79 -11.94 -30.23
CA ASP C 93 1.12 -12.92 -31.07
C ASP C 93 -0.21 -12.32 -31.55
N TYR C 94 -0.24 -11.77 -32.78
CA TYR C 94 -1.39 -11.05 -33.31
C TYR C 94 -2.49 -12.02 -33.75
N SER C 95 -2.11 -13.26 -34.07
CA SER C 95 -3.07 -14.33 -34.36
C SER C 95 -3.93 -14.62 -33.11
N ARG C 96 -3.45 -14.21 -31.95
CA ARG C 96 -4.21 -14.36 -30.72
C ARG C 96 -5.26 -13.25 -30.63
N LYS C 97 -4.83 -11.98 -30.66
CA LYS C 97 -5.72 -10.82 -30.55
C LYS C 97 -4.98 -9.54 -30.94
N PRO C 98 -5.67 -8.48 -31.44
CA PRO C 98 -5.02 -7.22 -31.76
C PRO C 98 -4.43 -6.48 -30.55
N LEU C 99 -3.42 -5.64 -30.80
CA LEU C 99 -2.65 -4.92 -29.77
C LEU C 99 -2.81 -3.40 -29.91
N PHE C 100 -3.25 -2.73 -28.82
CA PHE C 100 -3.21 -1.28 -28.66
C PHE C 100 -1.98 -0.91 -27.83
N LEU C 101 -1.41 0.28 -28.11
CA LEU C 101 -0.33 0.89 -27.34
C LEU C 101 -0.73 2.31 -26.95
N SER C 102 -0.68 2.61 -25.64
CA SER C 102 -0.98 3.93 -25.10
C SER C 102 0.32 4.74 -25.06
N MET C 103 0.26 5.97 -25.56
CA MET C 103 1.42 6.86 -25.64
C MET C 103 1.11 8.18 -24.92
N SER C 104 1.93 8.51 -23.93
CA SER C 104 1.70 9.63 -23.04
C SER C 104 2.98 10.44 -22.83
N GLY C 105 3.52 11.01 -23.92
CA GLY C 105 4.57 12.02 -23.82
C GLY C 105 4.18 13.12 -22.83
N LEU C 106 5.17 13.65 -22.09
CA LEU C 106 4.94 14.77 -21.17
C LEU C 106 4.75 16.09 -21.92
N SER C 107 5.33 16.21 -23.13
CA SER C 107 5.18 17.37 -24.01
C SER C 107 4.72 16.92 -25.40
N VAL C 108 4.34 17.87 -26.28
CA VAL C 108 3.82 17.56 -27.60
C VAL C 108 4.95 17.08 -28.54
N GLU C 109 6.15 17.64 -28.42
CA GLU C 109 7.28 17.26 -29.27
C GLU C 109 7.76 15.84 -28.92
N GLU C 110 7.56 15.45 -27.65
CA GLU C 110 7.89 14.11 -27.18
C GLU C 110 6.90 13.09 -27.76
N SER C 111 5.60 13.42 -27.78
CA SER C 111 4.57 12.57 -28.36
C SER C 111 4.78 12.40 -29.87
N VAL C 112 5.19 13.46 -30.57
CA VAL C 112 5.48 13.44 -32.00
C VAL C 112 6.55 12.39 -32.29
N GLU C 113 7.68 12.48 -31.57
CA GLU C 113 8.83 11.59 -31.69
C GLU C 113 8.39 10.13 -31.59
N MET C 114 7.62 9.81 -30.56
CA MET C 114 7.20 8.45 -30.23
C MET C 114 6.28 7.87 -31.30
N VAL C 115 5.38 8.72 -31.81
CA VAL C 115 4.30 8.32 -32.71
C VAL C 115 4.86 8.04 -34.11
N LYS C 116 5.90 8.80 -34.49
CA LYS C 116 6.60 8.63 -35.75
C LYS C 116 7.34 7.30 -35.79
N LYS C 117 7.77 6.81 -34.62
CA LYS C 117 8.42 5.51 -34.52
C LYS C 117 7.42 4.37 -34.74
N LEU C 118 6.14 4.60 -34.39
CA LEU C 118 5.10 3.58 -34.41
C LEU C 118 4.59 3.32 -35.83
N VAL C 119 4.70 4.32 -36.71
CA VAL C 119 4.17 4.25 -38.08
C VAL C 119 4.48 2.89 -38.74
N PRO C 120 5.75 2.49 -38.96
CA PRO C 120 6.04 1.22 -39.63
C PRO C 120 5.47 -0.03 -38.94
N ILE C 121 5.43 -0.03 -37.60
CA ILE C 121 4.93 -1.19 -36.86
C ILE C 121 3.41 -1.32 -37.07
N THR C 122 2.68 -0.19 -37.01
CA THR C 122 1.27 -0.15 -37.39
C THR C 122 1.11 -0.70 -38.80
N LYS C 123 1.86 -0.13 -39.76
CA LYS C 123 1.82 -0.52 -41.18
C LYS C 123 2.04 -2.03 -41.34
N GLU C 124 2.99 -2.62 -40.62
CA GLU C 124 3.34 -4.03 -40.79
C GLU C 124 2.42 -4.95 -39.97
N LYS C 125 2.21 -4.65 -38.68
CA LYS C 125 1.50 -5.54 -37.76
C LYS C 125 0.04 -5.16 -37.56
N GLY C 126 -0.31 -3.89 -37.77
CA GLY C 126 -1.66 -3.40 -37.51
C GLY C 126 -1.87 -2.99 -36.05
N THR C 127 -0.77 -2.62 -35.37
CA THR C 127 -0.81 -2.07 -34.02
C THR C 127 -1.64 -0.78 -34.02
N ILE C 128 -2.50 -0.64 -33.00
CA ILE C 128 -3.39 0.51 -32.86
C ILE C 128 -2.77 1.47 -31.84
N LEU C 129 -2.79 2.79 -32.14
CA LEU C 129 -2.39 3.85 -31.20
C LEU C 129 -3.58 4.43 -30.44
N GLU C 130 -3.46 4.52 -29.11
CA GLU C 130 -4.28 5.33 -28.22
C GLU C 130 -3.36 6.42 -27.67
N LEU C 131 -3.68 7.70 -27.95
CA LEU C 131 -2.91 8.83 -27.45
C LEU C 131 -3.44 9.28 -26.08
N ASN C 132 -2.56 9.36 -25.06
CA ASN C 132 -3.00 9.68 -23.70
C ASN C 132 -2.97 11.19 -23.41
N LEU C 133 -4.16 11.80 -23.32
CA LEU C 133 -4.34 13.21 -22.96
C LEU C 133 -4.97 13.35 -21.56
N SER C 134 -4.63 12.46 -20.63
N SER C 134 -4.62 12.42 -20.67
CA SER C 134 -5.26 12.45 -19.32
CA SER C 134 -5.05 12.43 -19.27
C SER C 134 -4.37 11.72 -18.33
C SER C 134 -3.83 12.64 -18.38
N ALA C 135 -3.20 12.29 -18.03
N ALA C 135 -3.32 11.54 -17.82
CA ALA C 135 -2.24 11.73 -17.10
CA ALA C 135 -2.12 11.56 -16.99
C ALA C 135 -2.23 12.58 -15.83
C ALA C 135 -2.29 12.59 -15.87
N PRO C 136 -3.17 12.33 -14.88
CA PRO C 136 -3.36 13.23 -13.73
C PRO C 136 -2.46 13.03 -12.51
N ASN C 137 -1.43 12.16 -12.62
CA ASN C 137 -0.59 11.77 -11.49
C ASN C 137 0.89 12.14 -11.70
N VAL C 138 1.21 12.89 -12.76
CA VAL C 138 2.55 13.42 -12.96
C VAL C 138 2.61 14.79 -12.27
N PRO C 139 3.42 14.95 -11.20
CA PRO C 139 3.55 16.25 -10.52
C PRO C 139 3.99 17.39 -11.46
N GLY C 140 3.22 18.49 -11.44
CA GLY C 140 3.55 19.71 -12.17
C GLY C 140 2.99 19.73 -13.59
N LYS C 141 2.25 18.67 -13.95
CA LYS C 141 1.76 18.44 -15.31
C LYS C 141 0.23 18.37 -15.30
N PRO C 142 -0.46 19.42 -15.80
CA PRO C 142 -1.91 19.40 -15.96
C PRO C 142 -2.36 18.35 -16.97
N GLN C 143 -3.63 17.95 -16.89
CA GLN C 143 -4.22 17.02 -17.86
C GLN C 143 -4.54 17.78 -19.15
N VAL C 144 -3.88 17.41 -20.26
CA VAL C 144 -4.00 18.06 -21.56
C VAL C 144 -5.48 18.19 -21.96
N GLY C 145 -6.29 17.16 -21.69
CA GLY C 145 -7.69 17.14 -22.05
C GLY C 145 -8.53 18.28 -21.47
N TYR C 146 -8.10 18.92 -20.37
CA TYR C 146 -8.87 20.00 -19.79
C TYR C 146 -8.46 21.36 -20.39
N ASP C 147 -7.59 21.35 -21.42
CA ASP C 147 -7.15 22.53 -22.15
C ASP C 147 -7.40 22.31 -23.65
N PHE C 148 -8.45 22.98 -24.19
CA PHE C 148 -8.98 22.66 -25.52
C PHE C 148 -8.02 23.18 -26.60
N ASP C 149 -7.32 24.29 -26.30
CA ASP C 149 -6.25 24.87 -27.12
C ASP C 149 -5.05 23.92 -27.28
N THR C 150 -4.53 23.40 -26.16
CA THR C 150 -3.40 22.46 -26.16
C THR C 150 -3.83 21.14 -26.79
N THR C 151 -5.03 20.63 -26.45
CA THR C 151 -5.56 19.41 -27.03
C THR C 151 -5.53 19.54 -28.57
N ARG C 152 -5.96 20.69 -29.09
CA ARG C 152 -5.99 20.96 -30.52
C ARG C 152 -4.59 20.79 -31.12
N THR C 153 -3.57 21.36 -30.45
CA THR C 153 -2.17 21.25 -30.84
C THR C 153 -1.73 19.79 -30.87
N TYR C 154 -2.10 19.02 -29.83
CA TYR C 154 -1.71 17.61 -29.79
C TYR C 154 -2.20 16.92 -31.07
N LEU C 155 -3.52 17.07 -31.34
CA LEU C 155 -4.21 16.30 -32.37
C LEU C 155 -3.69 16.66 -33.76
N GLN C 156 -3.28 17.93 -33.93
CA GLN C 156 -2.85 18.47 -35.21
C GLN C 156 -1.51 17.83 -35.58
N LYS C 157 -0.58 17.86 -34.63
CA LYS C 157 0.79 17.42 -34.83
C LYS C 157 0.86 15.89 -34.90
N VAL C 158 0.02 15.20 -34.11
CA VAL C 158 -0.02 13.75 -34.13
C VAL C 158 -0.70 13.26 -35.41
N SER C 159 -1.74 13.96 -35.91
CA SER C 159 -2.38 13.63 -37.20
C SER C 159 -1.41 13.85 -38.37
N GLU C 160 -0.68 14.97 -38.33
CA GLU C 160 0.28 15.34 -39.37
C GLU C 160 1.40 14.28 -39.40
N ALA C 161 1.83 13.82 -38.21
CA ALA C 161 3.03 12.99 -38.06
C ALA C 161 2.73 11.49 -38.17
N TYR C 162 1.60 11.04 -37.61
CA TYR C 162 1.20 9.62 -37.59
C TYR C 162 0.56 9.24 -38.92
N GLY C 163 -0.47 10.02 -39.32
CA GLY C 163 -1.05 9.96 -40.65
C GLY C 163 -2.01 8.77 -40.84
N LEU C 164 -2.42 8.14 -39.74
CA LEU C 164 -3.24 6.94 -39.78
C LEU C 164 -4.28 7.01 -38.66
N PRO C 165 -5.39 6.26 -38.73
CA PRO C 165 -6.41 6.34 -37.70
C PRO C 165 -5.83 6.01 -36.33
N PHE C 166 -6.10 6.85 -35.31
CA PHE C 166 -5.70 6.58 -33.93
C PHE C 166 -6.87 6.93 -33.00
N GLY C 167 -6.68 6.73 -31.71
CA GLY C 167 -7.70 7.08 -30.73
C GLY C 167 -7.15 7.96 -29.63
N VAL C 168 -8.00 8.34 -28.68
CA VAL C 168 -7.60 9.24 -27.62
C VAL C 168 -8.24 8.78 -26.31
N LYS C 169 -7.42 8.74 -25.25
CA LYS C 169 -7.88 8.50 -23.90
C LYS C 169 -8.20 9.85 -23.27
N MET C 170 -9.44 10.07 -22.87
CA MET C 170 -9.87 11.39 -22.44
C MET C 170 -10.09 11.40 -20.93
N PRO C 171 -9.80 12.54 -20.27
CA PRO C 171 -10.18 12.71 -18.89
C PRO C 171 -11.69 12.84 -18.87
N PRO C 172 -12.34 12.58 -17.71
CA PRO C 172 -13.78 12.79 -17.60
C PRO C 172 -14.16 14.25 -17.53
N TYR C 173 -15.31 14.60 -18.13
CA TYR C 173 -15.90 15.93 -18.02
C TYR C 173 -17.17 15.85 -17.18
N PHE C 174 -17.63 17.02 -16.68
CA PHE C 174 -18.72 17.10 -15.73
C PHE C 174 -19.65 18.29 -16.01
N ASP C 175 -19.52 18.90 -17.21
CA ASP C 175 -20.37 20.02 -17.68
C ASP C 175 -20.71 19.82 -19.16
N ILE C 176 -21.98 20.09 -19.51
CA ILE C 176 -22.49 19.94 -20.89
C ILE C 176 -21.62 20.74 -21.88
N ALA C 177 -21.36 22.01 -21.56
CA ALA C 177 -20.56 22.90 -22.37
C ALA C 177 -19.18 22.28 -22.61
N HIS C 178 -18.65 21.60 -21.59
CA HIS C 178 -17.36 20.92 -21.72
C HIS C 178 -17.46 19.79 -22.76
N PHE C 179 -18.56 19.02 -22.75
CA PHE C 179 -18.76 17.99 -23.76
C PHE C 179 -18.73 18.60 -25.16
N ASP C 180 -19.43 19.73 -25.33
CA ASP C 180 -19.59 20.41 -26.62
C ASP C 180 -18.22 20.83 -27.17
N MET C 181 -17.41 21.47 -26.30
CA MET C 181 -16.07 21.97 -26.61
C MET C 181 -15.17 20.83 -27.05
N ALA C 182 -15.09 19.79 -26.21
CA ALA C 182 -14.33 18.58 -26.50
C ALA C 182 -14.70 18.03 -27.88
N ALA C 183 -16.02 17.82 -28.08
CA ALA C 183 -16.61 17.30 -29.29
C ALA C 183 -16.15 18.06 -30.53
N ALA C 184 -16.19 19.40 -30.44
CA ALA C 184 -15.87 20.32 -31.52
C ALA C 184 -14.40 20.21 -31.94
N VAL C 185 -13.52 20.08 -30.94
CA VAL C 185 -12.10 19.83 -31.18
C VAL C 185 -11.95 18.42 -31.79
N LEU C 186 -12.49 17.41 -31.11
CA LEU C 186 -12.38 16.03 -31.60
C LEU C 186 -12.78 15.94 -33.08
N ASN C 187 -13.89 16.62 -33.45
CA ASN C 187 -14.58 16.44 -34.72
C ASN C 187 -13.87 17.12 -35.89
N ASP C 188 -12.86 17.95 -35.59
CA ASP C 188 -12.06 18.65 -36.58
C ASP C 188 -10.91 17.79 -37.09
N PHE C 189 -10.77 16.57 -36.51
CA PHE C 189 -9.66 15.66 -36.80
C PHE C 189 -10.23 14.30 -37.20
N PRO C 190 -10.47 14.07 -38.51
CA PRO C 190 -11.07 12.81 -38.95
C PRO C 190 -10.23 11.56 -38.71
N LEU C 191 -8.91 11.69 -38.46
CA LEU C 191 -8.05 10.55 -38.19
C LEU C 191 -8.25 10.04 -36.77
N VAL C 192 -8.73 10.89 -35.84
CA VAL C 192 -9.23 10.44 -34.55
C VAL C 192 -10.45 9.56 -34.80
N LYS C 193 -10.27 8.24 -34.67
CA LYS C 193 -11.26 7.24 -35.05
C LYS C 193 -11.98 6.66 -33.82
N PHE C 194 -11.36 6.72 -32.63
CA PHE C 194 -12.08 6.40 -31.40
C PHE C 194 -11.62 7.30 -30.25
N ILE C 195 -12.46 7.29 -29.21
CA ILE C 195 -12.34 8.05 -27.97
C ILE C 195 -12.49 7.05 -26.84
N THR C 196 -11.53 6.95 -25.90
CA THR C 196 -11.72 6.16 -24.69
C THR C 196 -12.16 7.06 -23.53
N CYS C 197 -13.39 6.82 -23.05
CA CYS C 197 -14.04 7.55 -21.96
C CYS C 197 -14.29 6.58 -20.82
N VAL C 198 -13.59 6.70 -19.67
CA VAL C 198 -12.82 7.86 -19.26
C VAL C 198 -11.57 7.37 -18.52
N ASN C 199 -10.68 8.32 -18.21
CA ASN C 199 -9.54 8.09 -17.33
CA ASN C 199 -9.54 8.08 -17.33
C ASN C 199 -10.00 8.28 -15.89
N SER C 200 -9.12 8.00 -14.91
CA SER C 200 -9.38 8.22 -13.48
C SER C 200 -10.12 9.52 -13.23
N ILE C 201 -11.04 9.55 -12.26
CA ILE C 201 -11.46 10.83 -11.68
C ILE C 201 -10.26 11.40 -10.90
N GLY C 202 -9.66 12.50 -11.40
CA GLY C 202 -8.41 13.04 -10.90
C GLY C 202 -8.50 13.58 -9.47
N ASN C 203 -7.41 13.42 -8.70
CA ASN C 203 -7.08 14.28 -7.59
C ASN C 203 -8.16 14.26 -6.51
N GLY C 204 -8.63 13.03 -6.21
CA GLY C 204 -9.36 12.71 -4.99
C GLY C 204 -8.40 12.43 -3.84
N LEU C 205 -8.90 12.44 -2.60
CA LEU C 205 -8.10 12.30 -1.39
C LEU C 205 -8.80 11.34 -0.44
N VAL C 206 -8.05 10.31 0.00
CA VAL C 206 -8.49 9.30 0.95
C VAL C 206 -7.63 9.41 2.22
N ILE C 207 -8.33 9.51 3.36
CA ILE C 207 -7.75 9.58 4.69
C ILE C 207 -8.18 8.33 5.48
N ASP C 208 -7.23 7.69 6.19
CA ASP C 208 -7.52 6.64 7.17
C ASP C 208 -7.92 7.33 8.49
N PRO C 209 -9.14 7.10 9.02
CA PRO C 209 -9.56 7.79 10.24
C PRO C 209 -8.74 7.39 11.46
N ALA C 210 -8.23 6.14 11.50
CA ALA C 210 -7.48 5.62 12.63
C ALA C 210 -6.22 6.46 12.91
N ASN C 211 -5.34 6.63 11.91
CA ASN C 211 -4.08 7.34 12.08
C ASN C 211 -4.12 8.79 11.59
N GLU C 212 -5.28 9.25 11.08
CA GLU C 212 -5.49 10.65 10.67
C GLU C 212 -4.55 11.01 9.53
N THR C 213 -4.23 10.03 8.67
CA THR C 213 -3.14 10.11 7.70
C THR C 213 -3.64 9.69 6.31
N VAL C 214 -3.34 10.53 5.31
CA VAL C 214 -3.56 10.21 3.91
C VAL C 214 -2.92 8.85 3.62
N VAL C 215 -3.46 8.15 2.64
CA VAL C 215 -3.24 6.73 2.41
C VAL C 215 -2.24 6.47 1.28
N ILE C 216 -1.83 7.52 0.54
CA ILE C 216 -0.77 7.42 -0.45
C ILE C 216 0.15 8.64 -0.30
N LYS C 217 1.36 8.53 -0.86
CA LYS C 217 2.49 9.38 -0.53
C LYS C 217 2.58 10.59 -1.48
N PRO C 218 2.61 10.40 -2.82
CA PRO C 218 2.86 11.54 -3.70
C PRO C 218 1.77 12.60 -3.54
N LYS C 219 2.13 13.88 -3.76
CA LYS C 219 1.19 14.98 -3.90
C LYS C 219 0.22 15.04 -2.71
N GLN C 220 0.73 14.84 -1.49
CA GLN C 220 -0.03 15.23 -0.31
C GLN C 220 -1.25 14.32 -0.14
N GLY C 221 -1.22 13.13 -0.78
CA GLY C 221 -2.28 12.13 -0.69
C GLY C 221 -3.23 12.08 -1.90
N PHE C 222 -3.11 13.03 -2.85
CA PHE C 222 -4.03 13.21 -3.97
C PHE C 222 -3.71 12.28 -5.17
N GLY C 223 -4.74 11.60 -5.69
CA GLY C 223 -4.57 10.59 -6.73
C GLY C 223 -5.86 10.31 -7.51
N GLY C 224 -5.70 9.56 -8.62
CA GLY C 224 -6.81 9.17 -9.51
C GLY C 224 -7.70 8.09 -8.88
N LEU C 225 -9.03 8.29 -8.96
CA LEU C 225 -10.06 7.36 -8.48
C LEU C 225 -10.49 6.43 -9.61
N GLY C 226 -10.54 5.13 -9.32
CA GLY C 226 -10.98 4.08 -10.25
C GLY C 226 -12.12 3.26 -9.64
N GLY C 227 -12.75 2.41 -10.46
CA GLY C 227 -13.72 1.43 -9.98
C GLY C 227 -15.13 2.01 -9.82
N LYS C 228 -15.76 1.72 -8.67
CA LYS C 228 -17.21 1.92 -8.47
C LYS C 228 -17.57 3.40 -8.36
N TYR C 229 -16.59 4.25 -8.04
CA TYR C 229 -16.75 5.70 -8.00
C TYR C 229 -17.08 6.32 -9.36
N VAL C 230 -16.72 5.61 -10.45
CA VAL C 230 -16.57 6.17 -11.80
C VAL C 230 -17.70 5.77 -12.77
N LEU C 231 -18.54 4.78 -12.44
CA LEU C 231 -19.46 4.19 -13.40
C LEU C 231 -20.36 5.28 -13.97
N PRO C 232 -21.15 6.03 -13.15
CA PRO C 232 -21.99 7.10 -13.68
C PRO C 232 -21.28 8.09 -14.61
N THR C 233 -20.08 8.52 -14.23
CA THR C 233 -19.28 9.49 -14.96
C THR C 233 -18.83 8.90 -16.29
N ALA C 234 -18.55 7.58 -16.33
CA ALA C 234 -18.07 6.92 -17.55
C ALA C 234 -19.21 6.77 -18.56
N LEU C 235 -20.41 6.38 -18.08
CA LEU C 235 -21.58 6.17 -18.94
C LEU C 235 -21.99 7.52 -19.58
N ALA C 236 -22.02 8.57 -18.74
CA ALA C 236 -22.38 9.92 -19.16
C ALA C 236 -21.44 10.41 -20.28
N ASN C 237 -20.16 10.12 -20.16
CA ASN C 237 -19.13 10.56 -21.08
C ASN C 237 -19.23 9.77 -22.39
N VAL C 238 -19.37 8.44 -22.27
CA VAL C 238 -19.56 7.52 -23.40
C VAL C 238 -20.76 7.92 -24.26
N ASN C 239 -21.89 8.19 -23.62
CA ASN C 239 -23.13 8.54 -24.30
C ASN C 239 -23.00 9.88 -25.00
N ALA C 240 -22.43 10.87 -24.29
CA ALA C 240 -22.35 12.25 -24.76
C ALA C 240 -21.51 12.34 -26.05
N PHE C 241 -20.47 11.50 -26.13
CA PHE C 241 -19.53 11.49 -27.25
C PHE C 241 -20.09 10.65 -28.39
N PHE C 242 -20.76 9.54 -28.06
CA PHE C 242 -21.40 8.68 -29.04
C PHE C 242 -22.28 9.57 -29.94
N ARG C 243 -23.17 10.33 -29.30
CA ARG C 243 -24.06 11.27 -29.96
C ARG C 243 -23.26 12.31 -30.76
N ARG C 244 -22.32 13.00 -30.11
CA ARG C 244 -21.74 14.20 -30.70
C ARG C 244 -20.67 13.90 -31.74
N CYS C 245 -20.18 12.64 -31.80
CA CYS C 245 -19.08 12.24 -32.69
C CYS C 245 -19.52 11.03 -33.51
N PRO C 246 -20.42 11.20 -34.51
CA PRO C 246 -21.01 10.06 -35.21
C PRO C 246 -20.00 9.33 -36.10
N ASP C 247 -18.92 10.03 -36.48
CA ASP C 247 -17.88 9.58 -37.38
C ASP C 247 -16.83 8.77 -36.60
N LYS C 248 -17.01 8.61 -35.27
CA LYS C 248 -16.03 7.99 -34.38
C LYS C 248 -16.64 6.90 -33.48
N LEU C 249 -15.79 5.94 -33.09
CA LEU C 249 -16.14 4.92 -32.08
C LEU C 249 -15.82 5.48 -30.70
N VAL C 250 -16.61 5.06 -29.70
CA VAL C 250 -16.37 5.30 -28.29
C VAL C 250 -16.00 3.96 -27.64
N PHE C 251 -14.85 3.88 -26.94
CA PHE C 251 -14.57 2.79 -25.99
C PHE C 251 -14.96 3.24 -24.57
N GLY C 252 -15.62 2.35 -23.81
CA GLY C 252 -16.01 2.61 -22.43
C GLY C 252 -14.89 2.15 -21.50
N CYS C 253 -14.56 2.97 -20.50
CA CYS C 253 -13.63 2.61 -19.44
C CYS C 253 -14.14 3.19 -18.12
N GLY C 254 -14.32 2.33 -17.11
CA GLY C 254 -14.60 2.78 -15.75
C GLY C 254 -15.78 2.07 -15.11
N GLY C 255 -15.57 1.51 -13.93
CA GLY C 255 -16.63 0.96 -13.10
C GLY C 255 -17.06 -0.45 -13.48
N VAL C 256 -16.34 -1.09 -14.42
CA VAL C 256 -16.66 -2.43 -14.90
C VAL C 256 -16.15 -3.50 -13.93
N TYR C 257 -17.09 -4.18 -13.29
CA TYR C 257 -16.81 -5.27 -12.35
C TYR C 257 -17.46 -6.57 -12.84
N SER C 258 -18.44 -6.46 -13.75
CA SER C 258 -19.35 -7.54 -14.08
C SER C 258 -19.99 -7.28 -15.45
N GLY C 259 -20.74 -8.28 -15.94
CA GLY C 259 -21.30 -8.25 -17.29
C GLY C 259 -22.35 -7.16 -17.43
N GLU C 260 -23.07 -6.90 -16.32
CA GLU C 260 -24.11 -5.89 -16.21
C GLU C 260 -23.58 -4.50 -16.57
N GLU C 261 -22.49 -4.08 -15.92
CA GLU C 261 -21.85 -2.79 -16.18
C GLU C 261 -21.37 -2.73 -17.63
N ALA C 262 -20.76 -3.84 -18.13
CA ALA C 262 -20.33 -3.95 -19.52
C ALA C 262 -21.50 -3.70 -20.49
N PHE C 263 -22.69 -4.21 -20.12
CA PHE C 263 -23.90 -4.08 -20.92
C PHE C 263 -24.34 -2.60 -20.96
N LEU C 264 -24.43 -1.93 -19.78
CA LEU C 264 -24.68 -0.49 -19.69
C LEU C 264 -23.73 0.31 -20.60
N HIS C 265 -22.45 -0.07 -20.64
CA HIS C 265 -21.43 0.64 -21.41
C HIS C 265 -21.73 0.61 -22.91
N ILE C 266 -21.99 -0.60 -23.42
CA ILE C 266 -22.33 -0.86 -24.81
C ILE C 266 -23.68 -0.20 -25.14
N LEU C 267 -24.64 -0.32 -24.21
CA LEU C 267 -25.96 0.27 -24.33
C LEU C 267 -25.90 1.80 -24.48
N ALA C 268 -24.90 2.44 -23.87
CA ALA C 268 -24.70 3.88 -23.95
C ALA C 268 -23.90 4.30 -25.19
N GLY C 269 -23.16 3.37 -25.82
CA GLY C 269 -22.52 3.65 -27.11
C GLY C 269 -21.20 2.91 -27.37
N ALA C 270 -20.68 2.23 -26.32
CA ALA C 270 -19.36 1.65 -26.34
C ALA C 270 -19.27 0.55 -27.40
N SER C 271 -18.25 0.63 -28.26
CA SER C 271 -17.80 -0.49 -29.09
C SER C 271 -16.99 -1.51 -28.28
N MET C 272 -15.88 -1.09 -27.64
CA MET C 272 -15.02 -1.89 -26.77
C MET C 272 -15.19 -1.44 -25.31
N VAL C 273 -14.86 -2.30 -24.32
CA VAL C 273 -15.02 -1.99 -22.90
C VAL C 273 -13.75 -2.41 -22.12
N GLN C 274 -13.09 -1.45 -21.45
CA GLN C 274 -11.86 -1.68 -20.68
C GLN C 274 -12.14 -1.83 -19.18
N VAL C 275 -11.35 -2.69 -18.52
CA VAL C 275 -11.45 -3.01 -17.09
C VAL C 275 -10.12 -2.67 -16.42
N GLY C 276 -10.15 -1.83 -15.36
CA GLY C 276 -8.94 -1.45 -14.61
C GLY C 276 -8.94 -2.01 -13.19
N THR C 277 -9.54 -1.24 -12.25
CA THR C 277 -9.56 -1.59 -10.84
C THR C 277 -9.89 -3.07 -10.63
N ALA C 278 -11.02 -3.54 -11.17
CA ALA C 278 -11.49 -4.92 -10.99
C ALA C 278 -10.50 -5.96 -11.51
N LEU C 279 -9.76 -5.65 -12.60
CA LEU C 279 -8.71 -6.51 -13.14
C LEU C 279 -7.52 -6.54 -12.19
N HIS C 280 -7.15 -5.36 -11.68
CA HIS C 280 -6.11 -5.24 -10.66
C HIS C 280 -6.39 -6.21 -9.50
N ASP C 281 -7.63 -6.18 -8.95
CA ASP C 281 -8.05 -6.97 -7.79
C ASP C 281 -8.05 -8.48 -8.08
N GLU C 282 -8.71 -8.88 -9.18
CA GLU C 282 -9.10 -10.26 -9.46
C GLU C 282 -8.06 -10.98 -10.32
N GLY C 283 -7.36 -10.27 -11.22
CA GLY C 283 -6.40 -10.86 -12.14
C GLY C 283 -7.07 -11.30 -13.45
N PRO C 284 -6.31 -11.72 -14.49
CA PRO C 284 -6.82 -11.84 -15.86
C PRO C 284 -7.91 -12.90 -16.11
N ILE C 285 -8.27 -13.72 -15.11
CA ILE C 285 -9.40 -14.65 -15.27
C ILE C 285 -10.72 -13.89 -15.24
N ILE C 286 -10.70 -12.59 -14.87
CA ILE C 286 -11.89 -11.75 -14.91
C ILE C 286 -12.55 -11.76 -16.29
N PHE C 287 -11.76 -11.89 -17.37
CA PHE C 287 -12.25 -11.82 -18.75
C PHE C 287 -13.20 -12.97 -19.09
N ALA C 288 -12.80 -14.20 -18.74
CA ALA C 288 -13.64 -15.39 -18.76
C ALA C 288 -14.97 -15.15 -18.04
N ARG C 289 -14.95 -14.52 -16.86
CA ARG C 289 -16.18 -14.29 -16.10
C ARG C 289 -17.07 -13.25 -16.80
N LEU C 290 -16.46 -12.24 -17.42
CA LEU C 290 -17.19 -11.16 -18.07
C LEU C 290 -17.85 -11.69 -19.35
N ASN C 291 -17.09 -12.44 -20.17
CA ASN C 291 -17.64 -13.09 -21.35
C ASN C 291 -18.93 -13.83 -20.99
N LYS C 292 -18.91 -14.61 -19.89
CA LYS C 292 -20.05 -15.42 -19.45
C LYS C 292 -21.24 -14.54 -19.09
N GLU C 293 -21.05 -13.57 -18.17
CA GLU C 293 -22.15 -12.77 -17.66
C GLU C 293 -22.83 -12.01 -18.81
N LEU C 294 -22.02 -11.49 -19.75
CA LEU C 294 -22.53 -10.69 -20.86
C LEU C 294 -23.43 -11.56 -21.76
N GLN C 295 -22.95 -12.75 -22.10
CA GLN C 295 -23.71 -13.75 -22.85
C GLN C 295 -25.00 -14.12 -22.12
N GLU C 296 -24.94 -14.28 -20.79
CA GLU C 296 -26.12 -14.60 -19.99
C GLU C 296 -27.18 -13.52 -20.11
N ILE C 297 -26.79 -12.24 -20.02
CA ILE C 297 -27.71 -11.11 -20.02
C ILE C 297 -28.32 -10.96 -21.43
N MET C 298 -27.51 -11.21 -22.46
CA MET C 298 -27.95 -11.14 -23.85
C MET C 298 -29.01 -12.23 -24.11
N THR C 299 -28.74 -13.43 -23.59
CA THR C 299 -29.66 -14.57 -23.65
C THR C 299 -30.98 -14.24 -22.95
N ASN C 300 -30.93 -13.66 -21.72
CA ASN C 300 -32.15 -13.29 -21.02
C ASN C 300 -32.93 -12.22 -21.82
N LYS C 301 -32.21 -11.31 -22.49
CA LYS C 301 -32.82 -10.21 -23.22
C LYS C 301 -33.32 -10.65 -24.61
N GLY C 302 -32.76 -11.75 -25.13
CA GLY C 302 -33.04 -12.22 -26.48
C GLY C 302 -32.21 -11.50 -27.55
N TYR C 303 -30.99 -11.07 -27.21
CA TYR C 303 -30.09 -10.44 -28.17
C TYR C 303 -29.05 -11.47 -28.61
N LYS C 304 -28.76 -11.52 -29.91
CA LYS C 304 -27.85 -12.48 -30.51
C LYS C 304 -26.49 -11.83 -30.82
N THR C 305 -26.47 -10.51 -31.09
CA THR C 305 -25.24 -9.73 -31.29
C THR C 305 -25.30 -8.42 -30.50
N LEU C 306 -24.13 -7.78 -30.28
CA LEU C 306 -24.02 -6.52 -29.54
C LEU C 306 -24.72 -5.39 -30.29
N ASP C 307 -24.74 -5.50 -31.63
CA ASP C 307 -25.42 -4.58 -32.54
C ASP C 307 -26.90 -4.35 -32.23
N GLU C 308 -27.55 -5.29 -31.54
CA GLU C 308 -28.99 -5.23 -31.30
C GLU C 308 -29.34 -4.24 -30.18
N PHE C 309 -28.31 -3.71 -29.47
CA PHE C 309 -28.51 -2.80 -28.34
C PHE C 309 -27.37 -1.76 -28.17
N ARG C 310 -26.34 -1.77 -29.03
CA ARG C 310 -25.28 -0.76 -28.98
C ARG C 310 -25.83 0.62 -29.35
N GLY C 311 -25.90 1.51 -28.36
CA GLY C 311 -26.31 2.89 -28.55
C GLY C 311 -27.81 3.11 -28.35
N ARG C 312 -28.53 2.09 -27.85
CA ARG C 312 -30.00 2.09 -27.84
C ARG C 312 -30.57 2.27 -26.42
N VAL C 313 -29.85 2.97 -25.54
CA VAL C 313 -30.41 3.43 -24.28
C VAL C 313 -31.61 4.35 -24.57
N LYS C 314 -32.69 4.21 -23.79
CA LYS C 314 -33.93 4.96 -24.01
C LYS C 314 -34.01 6.09 -23.00
N THR C 315 -34.35 7.29 -23.47
CA THR C 315 -34.70 8.42 -22.60
C THR C 315 -36.22 8.40 -22.37
N MET C 316 -36.69 9.08 -21.32
CA MET C 316 -38.10 9.03 -20.94
C MET C 316 -38.95 9.95 -21.86
N MET D 5 -15.64 18.08 26.35
CA MET D 5 -16.31 17.70 25.07
C MET D 5 -17.21 18.85 24.57
N SER D 6 -16.92 19.36 23.36
CA SER D 6 -17.63 20.49 22.75
C SER D 6 -17.49 20.48 21.23
N LEU D 7 -18.62 20.70 20.52
CA LEU D 7 -18.68 20.70 19.07
C LEU D 7 -18.85 22.12 18.52
N LYS D 8 -18.76 23.14 19.38
CA LYS D 8 -19.07 24.52 19.00
C LYS D 8 -18.09 25.02 17.93
N VAL D 9 -18.55 26.00 17.14
CA VAL D 9 -17.79 26.68 16.10
C VAL D 9 -18.16 28.16 16.20
N ASN D 10 -17.15 29.03 16.37
CA ASN D 10 -17.37 30.48 16.51
C ASN D 10 -16.80 31.15 15.26
N ILE D 11 -17.63 31.29 14.22
CA ILE D 11 -17.23 31.82 12.92
C ILE D 11 -18.27 32.85 12.45
N LEU D 12 -17.85 33.71 11.51
CA LEU D 12 -18.65 34.79 10.94
C LEU D 12 -19.28 35.68 12.03
N GLY D 13 -18.71 35.63 13.25
CA GLY D 13 -19.27 36.34 14.40
C GLY D 13 -20.59 35.72 14.85
N HIS D 14 -20.62 34.38 14.91
CA HIS D 14 -21.78 33.61 15.32
C HIS D 14 -21.33 32.41 16.16
N GLU D 15 -22.19 31.99 17.11
CA GLU D 15 -21.96 30.76 17.88
C GLU D 15 -22.87 29.65 17.33
N PHE D 16 -22.26 28.52 16.92
CA PHE D 16 -22.95 27.35 16.39
C PHE D 16 -22.83 26.21 17.40
N SER D 17 -23.95 25.55 17.75
CA SER D 17 -23.98 24.46 18.72
C SER D 17 -23.17 23.26 18.25
N ASN D 18 -23.04 23.08 16.91
CA ASN D 18 -22.31 21.98 16.28
C ASN D 18 -21.97 22.38 14.85
N PRO D 19 -21.08 21.68 14.11
CA PRO D 19 -20.71 22.09 12.75
C PRO D 19 -21.61 21.58 11.61
N PHE D 20 -22.65 20.80 11.92
CA PHE D 20 -23.46 20.16 10.89
C PHE D 20 -24.60 21.06 10.43
N MET D 21 -24.86 21.03 9.12
CA MET D 21 -26.00 21.70 8.51
C MET D 21 -26.50 20.87 7.32
N ASN D 22 -27.64 21.25 6.73
CA ASN D 22 -28.15 20.61 5.53
C ASN D 22 -27.39 21.12 4.32
N ALA D 23 -27.28 20.28 3.28
CA ALA D 23 -26.75 20.77 2.02
C ALA D 23 -27.84 21.50 1.26
N ALA D 24 -27.52 22.63 0.63
CA ALA D 24 -28.51 23.41 -0.10
C ALA D 24 -29.29 22.51 -1.07
N GLY D 25 -30.61 22.73 -1.17
CA GLY D 25 -31.45 21.95 -2.07
C GLY D 25 -32.14 20.76 -1.41
N VAL D 26 -31.62 20.31 -0.25
CA VAL D 26 -32.21 19.21 0.49
C VAL D 26 -32.92 19.78 1.71
N LEU D 27 -34.23 19.51 1.85
CA LEU D 27 -35.05 19.88 2.99
C LEU D 27 -34.91 21.36 3.35
N CYS D 28 -35.16 22.26 2.38
CA CYS D 28 -34.95 23.68 2.60
C CYS D 28 -35.78 24.54 1.64
N THR D 29 -36.80 23.95 0.98
CA THR D 29 -37.55 24.66 -0.06
C THR D 29 -38.79 25.35 0.51
N THR D 30 -39.65 24.62 1.23
CA THR D 30 -40.91 25.16 1.76
C THR D 30 -40.74 25.63 3.21
N GLU D 31 -41.75 26.35 3.72
CA GLU D 31 -41.80 26.75 5.12
C GLU D 31 -41.81 25.52 6.04
N GLU D 32 -42.47 24.46 5.59
CA GLU D 32 -42.47 23.18 6.30
C GLU D 32 -41.05 22.62 6.39
N ASP D 33 -40.34 22.57 5.24
CA ASP D 33 -38.96 22.07 5.13
C ASP D 33 -37.99 22.81 6.06
N LEU D 34 -38.03 24.16 6.04
CA LEU D 34 -37.16 25.02 6.84
C LEU D 34 -37.42 24.87 8.34
N ARG D 35 -38.69 24.72 8.74
CA ARG D 35 -39.05 24.59 10.16
C ARG D 35 -38.70 23.21 10.69
N ARG D 36 -38.64 22.18 9.82
CA ARG D 36 -38.19 20.86 10.24
C ARG D 36 -36.67 20.85 10.42
N MET D 37 -35.95 21.71 9.68
CA MET D 37 -34.50 21.90 9.83
C MET D 37 -34.20 22.75 11.07
N THR D 38 -34.99 23.82 11.27
CA THR D 38 -34.89 24.75 12.40
C THR D 38 -35.18 24.04 13.73
N GLU D 39 -35.98 22.95 13.70
CA GLU D 39 -36.36 22.19 14.89
C GLU D 39 -35.38 21.05 15.19
N SER D 40 -34.55 20.68 14.19
CA SER D 40 -33.65 19.53 14.26
C SER D 40 -32.47 19.81 15.20
N GLU D 41 -31.61 18.78 15.39
CA GLU D 41 -30.44 18.85 16.25
C GLU D 41 -29.22 19.41 15.49
N SER D 42 -29.46 20.19 14.42
CA SER D 42 -28.44 20.67 13.50
C SER D 42 -27.88 22.02 13.97
N GLY D 43 -26.61 22.29 13.62
CA GLY D 43 -25.94 23.51 14.04
C GLY D 43 -26.47 24.75 13.32
N SER D 44 -26.70 24.63 12.01
CA SER D 44 -27.30 25.71 11.23
C SER D 44 -28.15 25.14 10.08
N LEU D 45 -28.73 26.03 9.28
CA LEU D 45 -29.57 25.63 8.14
C LEU D 45 -29.28 26.57 6.98
N ILE D 46 -29.59 26.12 5.75
CA ILE D 46 -29.45 26.95 4.57
C ILE D 46 -30.70 26.77 3.71
N GLY D 47 -31.27 27.88 3.20
CA GLY D 47 -32.40 27.85 2.29
C GLY D 47 -32.03 27.42 0.87
N LYS D 48 -33.02 26.85 0.16
CA LYS D 48 -32.86 26.35 -1.19
C LYS D 48 -32.18 27.41 -2.04
N SER D 49 -31.22 27.00 -2.89
CA SER D 49 -30.69 27.94 -3.86
C SER D 49 -31.86 28.51 -4.66
N CYS D 50 -32.10 29.82 -4.52
CA CYS D 50 -33.29 30.47 -5.04
C CYS D 50 -32.90 31.46 -6.15
N THR D 51 -33.92 31.91 -6.90
CA THR D 51 -33.79 32.87 -7.99
C THR D 51 -34.78 34.02 -7.73
N LEU D 52 -34.81 35.04 -8.61
CA LEU D 52 -35.48 36.31 -8.35
C LEU D 52 -37.01 36.19 -8.35
N ALA D 53 -37.53 35.38 -9.29
CA ALA D 53 -38.92 34.94 -9.33
C ALA D 53 -38.96 33.42 -9.14
N PRO D 54 -40.02 32.84 -8.51
CA PRO D 54 -40.10 31.40 -8.34
C PRO D 54 -39.87 30.60 -9.62
N ARG D 55 -39.60 29.29 -9.46
CA ARG D 55 -39.43 28.35 -10.57
C ARG D 55 -40.05 27.01 -10.21
N THR D 56 -40.60 26.33 -11.23
CA THR D 56 -41.15 24.98 -11.08
C THR D 56 -40.02 23.93 -11.10
N GLY D 57 -38.94 24.23 -11.82
CA GLY D 57 -37.81 23.32 -11.97
C GLY D 57 -38.02 22.41 -13.17
N ASN D 58 -37.33 21.26 -13.19
CA ASN D 58 -37.28 20.37 -14.35
C ASN D 58 -38.39 19.33 -14.23
N PRO D 59 -38.91 18.76 -15.34
CA PRO D 59 -39.96 17.75 -15.27
C PRO D 59 -39.60 16.53 -14.43
N GLU D 60 -40.61 15.90 -13.81
CA GLU D 60 -40.50 14.65 -13.05
C GLU D 60 -40.39 13.42 -13.96
N PRO D 61 -39.74 12.29 -13.55
CA PRO D 61 -38.92 12.21 -12.34
C PRO D 61 -37.54 12.85 -12.47
N ARG D 62 -37.09 13.51 -11.40
CA ARG D 62 -35.85 14.30 -11.37
C ARG D 62 -34.93 13.94 -10.19
N TYR D 63 -35.28 12.89 -9.42
CA TYR D 63 -34.49 12.37 -8.31
C TYR D 63 -34.59 10.85 -8.34
N PHE D 64 -33.44 10.15 -8.21
CA PHE D 64 -33.41 8.71 -8.03
C PHE D 64 -32.34 8.39 -6.98
N GLY D 65 -32.74 7.72 -5.90
CA GLY D 65 -31.84 7.17 -4.89
C GLY D 65 -31.11 5.93 -5.39
N LEU D 66 -29.78 5.91 -5.27
CA LEU D 66 -28.94 4.77 -5.64
C LEU D 66 -28.43 4.10 -4.38
N PRO D 67 -27.96 2.83 -4.45
CA PRO D 67 -27.24 2.22 -3.32
C PRO D 67 -26.07 3.04 -2.78
N LEU D 68 -25.29 3.66 -3.68
CA LEU D 68 -24.05 4.34 -3.31
C LEU D 68 -24.24 5.86 -3.28
N GLY D 69 -25.48 6.34 -3.31
CA GLY D 69 -25.77 7.77 -3.19
C GLY D 69 -27.08 8.17 -3.89
N SER D 70 -26.99 9.16 -4.81
CA SER D 70 -28.13 9.71 -5.54
C SER D 70 -27.71 10.37 -6.87
N ILE D 71 -28.68 10.47 -7.81
CA ILE D 71 -28.57 11.27 -9.02
C ILE D 71 -29.80 12.18 -9.06
N ASN D 72 -29.64 13.43 -9.52
CA ASN D 72 -30.71 14.41 -9.51
C ASN D 72 -30.46 15.44 -10.60
N SER D 73 -31.56 15.94 -11.19
CA SER D 73 -31.59 17.13 -12.03
C SER D 73 -32.79 17.99 -11.65
N MET D 74 -32.90 18.39 -10.38
CA MET D 74 -34.07 19.11 -9.88
C MET D 74 -34.33 20.37 -10.71
N GLY D 75 -33.31 21.17 -10.95
CA GLY D 75 -33.41 22.35 -11.81
C GLY D 75 -33.83 23.63 -11.06
N LEU D 76 -33.40 23.76 -9.79
CA LEU D 76 -33.63 24.94 -8.96
C LEU D 76 -35.12 25.19 -8.69
N PRO D 77 -35.90 24.16 -8.31
CA PRO D 77 -37.27 24.40 -7.84
C PRO D 77 -37.30 25.17 -6.53
N ASN D 78 -37.68 26.46 -6.57
CA ASN D 78 -37.68 27.35 -5.40
C ASN D 78 -38.89 28.28 -5.38
N LEU D 79 -39.27 28.74 -4.17
CA LEU D 79 -40.40 29.64 -3.91
C LEU D 79 -40.04 31.12 -4.10
N GLY D 80 -38.90 31.43 -4.74
CA GLY D 80 -38.58 32.78 -5.14
C GLY D 80 -37.89 33.59 -4.03
N VAL D 81 -37.07 34.58 -4.42
CA VAL D 81 -36.25 35.35 -3.49
C VAL D 81 -37.12 35.94 -2.36
N ASP D 82 -38.32 36.44 -2.69
CA ASP D 82 -39.17 37.17 -1.76
C ASP D 82 -39.64 36.28 -0.61
N PHE D 83 -39.91 35.01 -0.90
CA PHE D 83 -40.27 34.06 0.16
C PHE D 83 -39.11 33.91 1.15
N TYR D 84 -37.90 33.67 0.64
CA TYR D 84 -36.74 33.34 1.48
C TYR D 84 -36.29 34.57 2.28
N LEU D 85 -36.31 35.75 1.66
CA LEU D 85 -36.07 37.03 2.34
C LEU D 85 -37.06 37.24 3.49
N SER D 86 -38.35 37.08 3.20
CA SER D 86 -39.45 37.24 4.15
C SER D 86 -39.30 36.25 5.30
N TYR D 87 -38.90 35.01 4.97
CA TYR D 87 -38.64 33.95 5.94
C TYR D 87 -37.53 34.40 6.89
N ALA D 88 -36.46 34.92 6.30
CA ALA D 88 -35.24 35.29 7.02
C ALA D 88 -35.50 36.46 7.97
N ALA D 89 -36.39 37.38 7.58
CA ALA D 89 -36.58 38.66 8.25
C ALA D 89 -37.61 38.59 9.39
N GLN D 90 -38.49 37.57 9.40
CA GLN D 90 -39.67 37.60 10.26
C GLN D 90 -40.13 36.23 10.76
N THR D 91 -39.78 35.12 10.10
CA THR D 91 -40.25 33.79 10.50
C THR D 91 -39.18 33.02 11.28
N HIS D 92 -37.96 32.93 10.71
CA HIS D 92 -36.88 32.15 11.29
C HIS D 92 -36.63 32.57 12.75
N ASP D 93 -36.37 31.59 13.63
CA ASP D 93 -36.03 31.84 15.03
C ASP D 93 -34.53 31.65 15.24
N TYR D 94 -33.79 32.76 15.39
CA TYR D 94 -32.33 32.78 15.47
C TYR D 94 -31.82 32.23 16.82
N SER D 95 -32.66 32.28 17.87
CA SER D 95 -32.31 31.74 19.18
C SER D 95 -32.00 30.23 19.10
N ARG D 96 -32.56 29.55 18.10
CA ARG D 96 -32.29 28.13 17.88
C ARG D 96 -30.95 27.96 17.16
N LYS D 97 -30.75 28.68 16.06
CA LYS D 97 -29.53 28.54 15.25
C LYS D 97 -29.45 29.65 14.20
N PRO D 98 -28.25 30.01 13.71
CA PRO D 98 -28.13 30.95 12.60
C PRO D 98 -28.69 30.37 11.31
N LEU D 99 -29.03 31.27 10.36
CA LEU D 99 -29.54 30.89 9.06
C LEU D 99 -28.63 31.41 7.93
N PHE D 100 -28.36 30.54 6.95
CA PHE D 100 -27.73 30.93 5.70
C PHE D 100 -28.76 30.96 4.58
N LEU D 101 -28.59 31.84 3.58
CA LEU D 101 -29.43 31.83 2.39
C LEU D 101 -28.57 31.55 1.15
N SER D 102 -28.97 30.57 0.34
CA SER D 102 -28.29 30.34 -0.93
C SER D 102 -28.97 31.17 -2.03
N MET D 103 -28.18 31.93 -2.79
CA MET D 103 -28.71 32.69 -3.92
C MET D 103 -28.04 32.22 -5.22
N SER D 104 -28.85 31.83 -6.21
CA SER D 104 -28.37 31.21 -7.45
C SER D 104 -29.03 31.84 -8.66
N GLY D 105 -28.73 33.12 -8.92
CA GLY D 105 -29.24 33.81 -10.10
C GLY D 105 -28.72 33.15 -11.38
N LEU D 106 -29.56 33.14 -12.44
CA LEU D 106 -29.25 32.48 -13.70
C LEU D 106 -28.46 33.42 -14.62
N SER D 107 -27.90 34.49 -14.05
CA SER D 107 -27.23 35.59 -14.74
C SER D 107 -26.68 36.55 -13.69
N VAL D 108 -25.62 37.29 -14.02
CA VAL D 108 -24.98 38.18 -13.07
C VAL D 108 -25.98 39.23 -12.58
N GLU D 109 -26.81 39.75 -13.50
CA GLU D 109 -27.75 40.84 -13.21
C GLU D 109 -28.85 40.42 -12.23
N GLU D 110 -29.30 39.17 -12.34
CA GLU D 110 -30.32 38.61 -11.44
C GLU D 110 -29.78 38.54 -10.01
N SER D 111 -28.59 37.93 -9.85
CA SER D 111 -27.88 37.85 -8.59
C SER D 111 -27.60 39.24 -8.03
N VAL D 112 -27.13 40.18 -8.87
CA VAL D 112 -26.86 41.55 -8.41
C VAL D 112 -28.10 42.13 -7.74
N GLU D 113 -29.28 41.99 -8.38
CA GLU D 113 -30.53 42.52 -7.85
C GLU D 113 -30.95 41.75 -6.61
N MET D 114 -30.69 40.44 -6.60
CA MET D 114 -31.05 39.57 -5.48
C MET D 114 -30.30 39.97 -4.21
N VAL D 115 -28.97 40.10 -4.30
CA VAL D 115 -28.12 40.29 -3.13
C VAL D 115 -28.39 41.65 -2.50
N LYS D 116 -28.77 42.66 -3.32
CA LYS D 116 -29.12 44.00 -2.83
C LYS D 116 -30.28 43.97 -1.83
N LYS D 117 -31.30 43.15 -2.13
CA LYS D 117 -32.46 42.98 -1.27
C LYS D 117 -32.05 42.38 0.07
N LEU D 118 -30.99 41.55 0.09
CA LEU D 118 -30.53 40.88 1.30
C LEU D 118 -29.81 41.87 2.23
N VAL D 119 -29.07 42.83 1.65
CA VAL D 119 -28.21 43.77 2.37
C VAL D 119 -28.86 44.25 3.67
N PRO D 120 -30.07 44.89 3.66
CA PRO D 120 -30.75 45.29 4.89
C PRO D 120 -31.08 44.18 5.89
N ILE D 121 -31.27 42.93 5.43
CA ILE D 121 -31.65 41.81 6.28
C ILE D 121 -30.43 41.23 7.01
N THR D 122 -29.31 41.09 6.30
CA THR D 122 -28.04 40.69 6.89
C THR D 122 -27.74 41.57 8.11
N LYS D 123 -27.97 42.89 7.98
CA LYS D 123 -27.56 43.88 8.96
C LYS D 123 -28.46 43.87 10.20
N GLU D 124 -29.76 43.62 9.99
CA GLU D 124 -30.74 43.53 11.07
C GLU D 124 -30.56 42.23 11.87
N LYS D 125 -30.61 41.08 11.17
CA LYS D 125 -30.78 39.77 11.80
C LYS D 125 -29.52 38.89 11.76
N GLY D 126 -28.48 39.28 11.01
CA GLY D 126 -27.28 38.49 10.84
C GLY D 126 -27.52 37.25 9.97
N THR D 127 -28.13 37.44 8.79
CA THR D 127 -28.36 36.38 7.82
C THR D 127 -27.19 36.35 6.82
N ILE D 128 -26.73 35.14 6.46
CA ILE D 128 -25.46 34.91 5.77
C ILE D 128 -25.70 34.42 4.34
N LEU D 129 -24.91 34.89 3.37
CA LEU D 129 -25.13 34.61 1.96
C LEU D 129 -24.14 33.55 1.45
N GLU D 130 -24.65 32.53 0.74
CA GLU D 130 -23.82 31.58 0.03
C GLU D 130 -24.15 31.76 -1.46
N LEU D 131 -23.21 32.32 -2.23
CA LEU D 131 -23.40 32.48 -3.67
C LEU D 131 -23.14 31.12 -4.33
N ASN D 132 -24.16 30.55 -5.00
CA ASN D 132 -24.04 29.29 -5.73
C ASN D 132 -23.41 29.55 -7.11
N LEU D 133 -22.20 29.02 -7.36
CA LEU D 133 -21.50 29.14 -8.64
C LEU D 133 -21.41 27.80 -9.38
N SER D 134 -22.30 26.85 -9.07
N SER D 134 -22.23 26.83 -8.96
CA SER D 134 -22.18 25.48 -9.54
CA SER D 134 -22.36 25.53 -9.60
C SER D 134 -23.52 24.76 -9.73
C SER D 134 -23.63 25.51 -10.45
N ALA D 135 -24.56 25.46 -10.20
N ALA D 135 -24.71 24.97 -9.87
CA ALA D 135 -25.84 24.87 -10.56
CA ALA D 135 -25.99 24.80 -10.54
C ALA D 135 -25.71 24.04 -11.84
C ALA D 135 -25.78 24.03 -11.84
N PRO D 136 -25.54 22.70 -11.75
CA PRO D 136 -25.26 21.88 -12.93
C PRO D 136 -26.50 21.38 -13.67
N ASN D 137 -27.70 21.57 -13.09
CA ASN D 137 -28.92 20.92 -13.56
C ASN D 137 -29.83 21.93 -14.30
N VAL D 138 -29.34 23.14 -14.58
CA VAL D 138 -30.09 24.13 -15.34
C VAL D 138 -29.78 23.95 -16.83
N PRO D 139 -30.79 23.63 -17.69
CA PRO D 139 -30.53 23.35 -19.10
C PRO D 139 -29.98 24.57 -19.87
N GLY D 140 -28.88 24.36 -20.61
CA GLY D 140 -28.25 25.42 -21.40
C GLY D 140 -27.42 26.41 -20.58
N LYS D 141 -27.28 26.17 -19.25
CA LYS D 141 -26.57 27.06 -18.34
C LYS D 141 -25.31 26.39 -17.80
N PRO D 142 -24.11 26.64 -18.39
CA PRO D 142 -22.86 26.11 -17.84
C PRO D 142 -22.64 26.47 -16.38
N GLN D 143 -21.91 25.64 -15.62
CA GLN D 143 -21.61 25.93 -14.22
C GLN D 143 -20.57 27.07 -14.21
N VAL D 144 -20.85 28.11 -13.43
CA VAL D 144 -20.06 29.35 -13.45
C VAL D 144 -18.64 29.02 -12.96
N GLY D 145 -18.55 28.16 -11.94
CA GLY D 145 -17.30 27.85 -11.27
C GLY D 145 -16.20 27.27 -12.18
N TYR D 146 -16.53 26.89 -13.42
CA TYR D 146 -15.57 26.26 -14.32
C TYR D 146 -15.05 27.27 -15.35
N ASP D 147 -15.58 28.50 -15.32
CA ASP D 147 -15.13 29.62 -16.17
C ASP D 147 -14.61 30.76 -15.28
N PHE D 148 -13.31 31.02 -15.29
CA PHE D 148 -12.69 31.86 -14.27
C PHE D 148 -12.93 33.35 -14.56
N ASP D 149 -13.04 33.72 -15.85
CA ASP D 149 -13.46 35.06 -16.24
C ASP D 149 -14.85 35.36 -15.68
N THR D 150 -15.82 34.48 -15.93
CA THR D 150 -17.21 34.69 -15.51
C THR D 150 -17.30 34.70 -13.98
N THR D 151 -16.54 33.82 -13.30
CA THR D 151 -16.55 33.71 -11.84
C THR D 151 -16.01 34.99 -11.22
N ARG D 152 -15.03 35.63 -11.90
CA ARG D 152 -14.48 36.92 -11.49
C ARG D 152 -15.58 37.98 -11.53
N THR D 153 -16.18 38.18 -12.72
CA THR D 153 -17.31 39.08 -12.95
C THR D 153 -18.35 38.92 -11.84
N TYR D 154 -18.82 37.67 -11.63
CA TYR D 154 -19.84 37.37 -10.63
C TYR D 154 -19.44 37.90 -9.25
N LEU D 155 -18.17 37.70 -8.86
CA LEU D 155 -17.66 38.03 -7.53
C LEU D 155 -17.43 39.53 -7.39
N GLN D 156 -16.80 40.16 -8.40
CA GLN D 156 -16.68 41.61 -8.49
C GLN D 156 -18.03 42.27 -8.17
N LYS D 157 -19.05 41.94 -8.97
CA LYS D 157 -20.34 42.59 -8.97
C LYS D 157 -21.11 42.34 -7.68
N VAL D 158 -21.05 41.10 -7.16
CA VAL D 158 -21.75 40.74 -5.93
C VAL D 158 -21.10 41.44 -4.75
N SER D 159 -19.77 41.57 -4.77
CA SER D 159 -18.99 42.28 -3.76
C SER D 159 -19.40 43.76 -3.71
N GLU D 160 -19.36 44.42 -4.88
CA GLU D 160 -19.74 45.83 -5.00
C GLU D 160 -21.20 46.03 -4.57
N ALA D 161 -22.09 45.19 -5.07
CA ALA D 161 -23.53 45.28 -4.81
C ALA D 161 -23.92 44.84 -3.40
N TYR D 162 -23.23 43.83 -2.84
CA TYR D 162 -23.58 43.29 -1.53
C TYR D 162 -22.79 44.03 -0.44
N GLY D 163 -21.48 44.25 -0.70
CA GLY D 163 -20.55 44.98 0.17
C GLY D 163 -20.41 44.39 1.58
N LEU D 164 -20.55 43.08 1.73
CA LEU D 164 -20.49 42.42 3.03
C LEU D 164 -19.91 41.02 2.90
N PRO D 165 -19.46 40.36 4.00
CA PRO D 165 -18.85 39.03 3.91
C PRO D 165 -19.85 37.96 3.47
N PHE D 166 -19.49 37.20 2.42
CA PHE D 166 -20.33 36.17 1.84
C PHE D 166 -19.49 34.92 1.51
N GLY D 167 -20.17 33.79 1.30
CA GLY D 167 -19.52 32.55 0.86
C GLY D 167 -19.89 32.20 -0.58
N VAL D 168 -19.19 31.21 -1.14
CA VAL D 168 -19.43 30.69 -2.48
C VAL D 168 -19.48 29.17 -2.43
N LYS D 169 -20.51 28.58 -3.06
CA LYS D 169 -20.64 27.15 -3.29
C LYS D 169 -19.94 26.81 -4.61
N MET D 170 -19.01 25.86 -4.62
CA MET D 170 -18.11 25.62 -5.75
C MET D 170 -18.39 24.25 -6.39
N PRO D 171 -18.19 24.11 -7.73
CA PRO D 171 -18.17 22.80 -8.35
C PRO D 171 -16.90 22.11 -7.90
N PRO D 172 -16.83 20.76 -7.90
CA PRO D 172 -15.57 20.07 -7.68
C PRO D 172 -14.61 20.27 -8.86
N TYR D 173 -13.31 20.46 -8.58
CA TYR D 173 -12.23 20.43 -9.55
C TYR D 173 -11.52 19.09 -9.43
N PHE D 174 -10.86 18.65 -10.52
CA PHE D 174 -10.24 17.33 -10.61
C PHE D 174 -8.83 17.42 -11.21
N ASP D 175 -8.29 18.65 -11.24
CA ASP D 175 -6.97 18.89 -11.80
C ASP D 175 -6.31 19.99 -10.97
N ILE D 176 -5.03 19.78 -10.58
CA ILE D 176 -4.26 20.65 -9.71
C ILE D 176 -4.21 22.10 -10.20
N ALA D 177 -4.04 22.30 -11.52
CA ALA D 177 -3.96 23.63 -12.12
C ALA D 177 -5.27 24.40 -11.90
N HIS D 178 -6.41 23.70 -11.93
CA HIS D 178 -7.74 24.26 -11.67
C HIS D 178 -7.92 24.70 -10.20
N PHE D 179 -7.36 23.95 -9.24
CA PHE D 179 -7.32 24.33 -7.82
C PHE D 179 -6.58 25.66 -7.64
N ASP D 180 -5.45 25.79 -8.38
CA ASP D 180 -4.60 26.96 -8.37
C ASP D 180 -5.31 28.13 -9.06
N MET D 181 -5.99 27.87 -10.18
CA MET D 181 -6.69 28.90 -10.94
C MET D 181 -7.87 29.41 -10.09
N ALA D 182 -8.63 28.47 -9.52
CA ALA D 182 -9.78 28.76 -8.67
C ALA D 182 -9.38 29.62 -7.48
N ALA D 183 -8.29 29.21 -6.79
CA ALA D 183 -7.74 29.95 -5.65
C ALA D 183 -7.26 31.34 -6.05
N ALA D 184 -6.56 31.45 -7.20
CA ALA D 184 -5.99 32.71 -7.66
C ALA D 184 -7.08 33.76 -7.86
N VAL D 185 -8.32 33.32 -8.14
CA VAL D 185 -9.48 34.21 -8.28
C VAL D 185 -10.03 34.54 -6.88
N LEU D 186 -10.38 33.50 -6.11
CA LEU D 186 -11.06 33.67 -4.83
C LEU D 186 -10.28 34.62 -3.91
N ASN D 187 -8.93 34.52 -3.95
CA ASN D 187 -8.00 35.27 -3.11
C ASN D 187 -7.84 36.72 -3.58
N ASP D 188 -8.52 37.10 -4.68
CA ASP D 188 -8.60 38.50 -5.10
C ASP D 188 -9.83 39.19 -4.51
N PHE D 189 -10.61 38.49 -3.68
CA PHE D 189 -11.90 38.99 -3.18
C PHE D 189 -12.00 38.73 -1.68
N PRO D 190 -11.54 39.67 -0.82
CA PRO D 190 -11.49 39.44 0.61
C PRO D 190 -12.85 39.40 1.30
N LEU D 191 -13.91 39.84 0.58
CA LEU D 191 -15.26 39.76 1.10
C LEU D 191 -15.75 38.30 1.06
N VAL D 192 -15.21 37.49 0.14
CA VAL D 192 -15.44 36.04 0.11
C VAL D 192 -14.81 35.45 1.38
N LYS D 193 -15.66 35.05 2.35
CA LYS D 193 -15.18 34.67 3.67
C LYS D 193 -15.30 33.17 3.93
N PHE D 194 -15.94 32.42 3.00
CA PHE D 194 -16.00 30.98 3.12
C PHE D 194 -16.28 30.38 1.74
N ILE D 195 -15.88 29.12 1.58
CA ILE D 195 -15.97 28.34 0.35
C ILE D 195 -16.63 27.01 0.70
N THR D 196 -17.68 26.59 -0.02
CA THR D 196 -18.30 25.30 0.24
C THR D 196 -17.86 24.31 -0.86
N CYS D 197 -17.28 23.18 -0.41
CA CYS D 197 -16.65 22.15 -1.23
C CYS D 197 -17.23 20.78 -0.87
N VAL D 198 -18.06 20.17 -1.73
CA VAL D 198 -18.30 20.57 -3.10
C VAL D 198 -19.79 20.40 -3.43
N ASN D 199 -20.18 20.94 -4.61
CA ASN D 199 -21.48 20.67 -5.22
CA ASN D 199 -21.48 20.67 -5.20
C ASN D 199 -21.40 19.28 -5.84
N SER D 200 -22.55 18.74 -6.26
CA SER D 200 -22.69 17.44 -6.90
C SER D 200 -21.64 17.25 -8.00
N ILE D 201 -21.22 16.01 -8.23
CA ILE D 201 -20.40 15.68 -9.39
C ILE D 201 -21.29 15.71 -10.63
N GLY D 202 -21.14 16.77 -11.44
CA GLY D 202 -22.11 17.11 -12.48
C GLY D 202 -22.23 16.05 -13.58
N ASN D 203 -23.47 15.87 -14.05
CA ASN D 203 -23.75 15.37 -15.39
C ASN D 203 -23.26 13.92 -15.51
N GLY D 204 -23.66 13.09 -14.54
CA GLY D 204 -23.43 11.64 -14.58
C GLY D 204 -24.62 10.96 -15.27
N LEU D 205 -24.51 9.66 -15.60
CA LEU D 205 -25.60 8.93 -16.26
C LEU D 205 -25.85 7.59 -15.57
N VAL D 206 -27.10 7.35 -15.17
CA VAL D 206 -27.54 6.09 -14.58
C VAL D 206 -28.63 5.49 -15.49
N ILE D 207 -28.39 4.23 -15.91
CA ILE D 207 -29.24 3.40 -16.75
C ILE D 207 -29.66 2.17 -15.94
N ASP D 208 -30.96 1.78 -16.01
CA ASP D 208 -31.48 0.53 -15.44
C ASP D 208 -31.32 -0.60 -16.48
N PRO D 209 -30.53 -1.67 -16.22
CA PRO D 209 -30.35 -2.75 -17.21
C PRO D 209 -31.62 -3.54 -17.53
N ALA D 210 -32.61 -3.53 -16.63
CA ALA D 210 -33.90 -4.21 -16.77
C ALA D 210 -34.69 -3.69 -17.99
N ASN D 211 -34.81 -2.37 -18.13
CA ASN D 211 -35.67 -1.73 -19.12
C ASN D 211 -34.88 -0.86 -20.10
N GLU D 212 -33.54 -0.81 -19.95
CA GLU D 212 -32.64 -0.12 -20.88
C GLU D 212 -32.90 1.40 -20.92
N THR D 213 -33.46 1.95 -19.80
CA THR D 213 -33.93 3.33 -19.74
C THR D 213 -33.22 4.10 -18.60
N VAL D 214 -32.92 5.39 -18.84
CA VAL D 214 -32.36 6.27 -17.84
C VAL D 214 -33.40 6.45 -16.73
N VAL D 215 -32.97 6.86 -15.52
CA VAL D 215 -33.77 6.76 -14.31
C VAL D 215 -34.33 8.13 -13.91
N ILE D 216 -33.98 9.17 -14.67
CA ILE D 216 -34.52 10.52 -14.50
C ILE D 216 -34.84 11.12 -15.87
N LYS D 217 -35.80 12.06 -15.92
CA LYS D 217 -36.41 12.55 -17.15
C LYS D 217 -35.56 13.63 -17.82
N PRO D 218 -35.16 14.70 -17.09
CA PRO D 218 -34.42 15.81 -17.68
C PRO D 218 -33.09 15.46 -18.33
N LYS D 219 -32.76 16.21 -19.39
CA LYS D 219 -31.44 16.23 -20.03
C LYS D 219 -30.93 14.84 -20.42
N GLN D 220 -31.82 13.98 -20.95
CA GLN D 220 -31.50 12.65 -21.47
C GLN D 220 -30.92 11.76 -20.36
N GLY D 221 -31.27 12.05 -19.09
CA GLY D 221 -30.90 11.23 -17.94
C GLY D 221 -29.64 11.70 -17.22
N PHE D 222 -29.09 12.87 -17.60
CA PHE D 222 -27.85 13.41 -17.03
C PHE D 222 -28.20 14.25 -15.81
N GLY D 223 -27.61 13.93 -14.66
CA GLY D 223 -27.84 14.64 -13.40
C GLY D 223 -26.60 14.61 -12.51
N GLY D 224 -26.62 15.46 -11.47
CA GLY D 224 -25.56 15.54 -10.48
C GLY D 224 -25.55 14.31 -9.57
N LEU D 225 -24.33 13.83 -9.22
CA LEU D 225 -24.09 12.68 -8.37
C LEU D 225 -23.77 13.14 -6.95
N GLY D 226 -24.47 12.55 -5.96
CA GLY D 226 -24.27 12.82 -4.54
C GLY D 226 -24.09 11.51 -3.79
N GLY D 227 -23.69 11.57 -2.51
CA GLY D 227 -23.50 10.40 -1.66
C GLY D 227 -22.05 9.90 -1.67
N LYS D 228 -21.89 8.58 -1.55
CA LYS D 228 -20.59 7.97 -1.32
C LYS D 228 -19.73 8.05 -2.59
N TYR D 229 -20.31 8.54 -3.68
CA TYR D 229 -19.60 8.75 -4.94
C TYR D 229 -18.61 9.91 -4.79
N VAL D 230 -18.96 10.91 -3.97
CA VAL D 230 -18.29 12.21 -4.00
C VAL D 230 -17.30 12.41 -2.84
N LEU D 231 -17.16 11.42 -1.92
CA LEU D 231 -16.41 11.63 -0.67
C LEU D 231 -14.95 11.90 -0.96
N PRO D 232 -14.22 11.03 -1.70
CA PRO D 232 -12.84 11.30 -2.08
C PRO D 232 -12.62 12.67 -2.73
N THR D 233 -13.48 13.04 -3.68
CA THR D 233 -13.45 14.33 -4.37
C THR D 233 -13.71 15.47 -3.39
N ALA D 234 -14.68 15.30 -2.47
CA ALA D 234 -15.06 16.33 -1.51
C ALA D 234 -13.89 16.63 -0.57
N LEU D 235 -13.33 15.58 0.06
CA LEU D 235 -12.16 15.70 0.93
C LEU D 235 -11.00 16.38 0.19
N ALA D 236 -10.74 16.05 -1.09
CA ALA D 236 -9.63 16.61 -1.84
C ALA D 236 -9.77 18.13 -1.98
N ASN D 237 -10.93 18.57 -2.50
CA ASN D 237 -11.27 19.97 -2.74
C ASN D 237 -11.21 20.76 -1.43
N VAL D 238 -11.83 20.26 -0.33
CA VAL D 238 -11.77 20.92 0.97
C VAL D 238 -10.31 21.21 1.34
N ASN D 239 -9.46 20.17 1.34
CA ASN D 239 -8.07 20.29 1.76
C ASN D 239 -7.28 21.20 0.83
N ALA D 240 -7.48 21.04 -0.50
CA ALA D 240 -6.75 21.83 -1.50
C ALA D 240 -7.03 23.31 -1.27
N PHE D 241 -8.23 23.63 -0.76
CA PHE D 241 -8.65 25.00 -0.55
C PHE D 241 -8.24 25.49 0.83
N PHE D 242 -8.27 24.61 1.85
CA PHE D 242 -7.80 24.92 3.21
C PHE D 242 -6.39 25.50 3.12
N ARG D 243 -5.49 24.76 2.43
CA ARG D 243 -4.10 25.15 2.26
C ARG D 243 -3.95 26.43 1.42
N ARG D 244 -4.77 26.61 0.38
CA ARG D 244 -4.50 27.63 -0.63
C ARG D 244 -5.14 28.98 -0.33
N CYS D 245 -6.08 29.02 0.62
CA CYS D 245 -6.89 30.20 0.95
C CYS D 245 -7.03 30.28 2.47
N PRO D 246 -5.92 30.54 3.22
CA PRO D 246 -5.92 30.46 4.68
C PRO D 246 -6.67 31.58 5.39
N ASP D 247 -6.97 32.66 4.64
CA ASP D 247 -7.75 33.80 5.12
C ASP D 247 -9.23 33.45 5.06
N LYS D 248 -9.55 32.29 4.46
CA LYS D 248 -10.92 31.86 4.24
C LYS D 248 -11.20 30.57 5.00
N LEU D 249 -12.46 30.41 5.41
CA LEU D 249 -13.04 29.16 5.90
C LEU D 249 -13.48 28.29 4.72
N VAL D 250 -13.24 26.98 4.85
CA VAL D 250 -13.80 25.98 3.95
C VAL D 250 -14.92 25.25 4.70
N PHE D 251 -16.03 24.99 3.99
CA PHE D 251 -17.15 24.17 4.45
C PHE D 251 -17.15 22.89 3.63
N GLY D 252 -17.18 21.73 4.30
CA GLY D 252 -17.24 20.45 3.63
C GLY D 252 -18.67 20.09 3.22
N CYS D 253 -18.81 19.54 2.01
CA CYS D 253 -20.06 18.98 1.51
C CYS D 253 -19.73 17.83 0.55
N GLY D 254 -20.16 16.60 0.89
CA GLY D 254 -20.17 15.46 -0.02
C GLY D 254 -19.82 14.17 0.72
N GLY D 255 -20.69 13.15 0.65
CA GLY D 255 -20.37 11.82 1.16
C GLY D 255 -20.63 11.60 2.67
N VAL D 256 -21.26 12.55 3.38
CA VAL D 256 -21.35 12.46 4.84
C VAL D 256 -22.51 11.56 5.26
N TYR D 257 -22.22 10.35 5.75
CA TYR D 257 -23.22 9.45 6.31
C TYR D 257 -23.07 9.30 7.83
N SER D 258 -21.82 9.25 8.33
CA SER D 258 -21.53 9.03 9.76
C SER D 258 -20.63 10.12 10.33
N GLY D 259 -20.26 9.95 11.62
CA GLY D 259 -19.25 10.74 12.29
C GLY D 259 -17.88 10.54 11.63
N GLU D 260 -17.60 9.31 11.19
CA GLU D 260 -16.38 8.96 10.48
C GLU D 260 -16.10 9.99 9.38
N GLU D 261 -17.04 10.16 8.44
CA GLU D 261 -16.89 11.05 7.29
C GLU D 261 -16.89 12.53 7.71
N ALA D 262 -17.69 12.87 8.73
CA ALA D 262 -17.71 14.19 9.34
C ALA D 262 -16.33 14.53 9.94
N PHE D 263 -15.71 13.53 10.60
CA PHE D 263 -14.39 13.65 11.20
C PHE D 263 -13.36 13.93 10.10
N LEU D 264 -13.45 13.19 8.98
CA LEU D 264 -12.49 13.28 7.88
C LEU D 264 -12.57 14.65 7.20
N HIS D 265 -13.79 15.22 7.05
CA HIS D 265 -13.95 16.56 6.48
C HIS D 265 -13.25 17.62 7.33
N ILE D 266 -13.52 17.60 8.65
CA ILE D 266 -12.92 18.56 9.58
C ILE D 266 -11.40 18.40 9.59
N LEU D 267 -10.90 17.16 9.60
CA LEU D 267 -9.48 16.85 9.56
C LEU D 267 -8.81 17.38 8.29
N ALA D 268 -9.59 17.56 7.22
CA ALA D 268 -9.10 18.02 5.92
C ALA D 268 -9.16 19.54 5.84
N GLY D 269 -9.85 20.16 6.83
CA GLY D 269 -9.82 21.59 7.08
C GLY D 269 -11.20 22.25 7.19
N ALA D 270 -12.29 21.48 7.28
CA ALA D 270 -13.64 22.03 7.25
C ALA D 270 -14.06 22.58 8.62
N SER D 271 -14.62 23.80 8.63
CA SER D 271 -15.19 24.43 9.82
C SER D 271 -16.59 23.87 10.09
N MET D 272 -17.48 24.01 9.07
CA MET D 272 -18.85 23.47 9.05
C MET D 272 -18.96 22.32 8.05
N VAL D 273 -19.89 21.37 8.30
CA VAL D 273 -20.10 20.19 7.44
C VAL D 273 -21.56 20.13 6.93
N GLN D 274 -21.75 20.04 5.60
CA GLN D 274 -23.07 19.97 4.98
C GLN D 274 -23.42 18.53 4.57
N VAL D 275 -24.68 18.12 4.83
CA VAL D 275 -25.19 16.78 4.55
C VAL D 275 -26.31 16.88 3.50
N GLY D 276 -26.17 16.11 2.40
CA GLY D 276 -27.14 16.10 1.32
C GLY D 276 -27.91 14.78 1.25
N THR D 277 -27.56 13.96 0.25
CA THR D 277 -28.14 12.65 -0.06
C THR D 277 -28.58 11.92 1.22
N ALA D 278 -27.73 11.89 2.24
CA ALA D 278 -27.98 11.16 3.49
C ALA D 278 -29.16 11.75 4.27
N LEU D 279 -29.30 13.09 4.25
CA LEU D 279 -30.42 13.79 4.86
C LEU D 279 -31.72 13.50 4.10
N HIS D 280 -31.63 13.33 2.78
CA HIS D 280 -32.78 13.06 1.91
C HIS D 280 -33.32 11.65 2.16
N ASP D 281 -32.43 10.73 2.59
CA ASP D 281 -32.74 9.33 2.82
C ASP D 281 -33.39 9.16 4.20
N GLU D 282 -32.67 9.59 5.24
CA GLU D 282 -33.00 9.30 6.65
C GLU D 282 -33.94 10.35 7.24
N GLY D 283 -33.88 11.57 6.71
CA GLY D 283 -34.61 12.72 7.23
C GLY D 283 -33.83 13.37 8.37
N PRO D 284 -34.35 14.48 8.97
CA PRO D 284 -33.55 15.34 9.84
C PRO D 284 -33.06 14.74 11.16
N ILE D 285 -33.60 13.57 11.57
CA ILE D 285 -33.16 12.88 12.79
C ILE D 285 -31.68 12.51 12.71
N ILE D 286 -31.10 12.54 11.50
CA ILE D 286 -29.69 12.22 11.21
C ILE D 286 -28.74 13.09 12.03
N PHE D 287 -29.12 14.35 12.30
CA PHE D 287 -28.26 15.32 12.96
C PHE D 287 -27.94 14.88 14.39
N ALA D 288 -28.93 14.31 15.10
CA ALA D 288 -28.74 13.76 16.44
C ALA D 288 -27.74 12.60 16.38
N ARG D 289 -27.86 11.74 15.37
CA ARG D 289 -26.93 10.62 15.19
C ARG D 289 -25.52 11.10 14.84
N LEU D 290 -25.38 12.19 14.05
CA LEU D 290 -24.08 12.70 13.64
C LEU D 290 -23.37 13.40 14.80
N ASN D 291 -24.14 14.03 15.71
CA ASN D 291 -23.62 14.68 16.92
C ASN D 291 -23.05 13.65 17.88
N LYS D 292 -23.81 12.58 18.16
CA LYS D 292 -23.35 11.41 18.91
C LYS D 292 -22.09 10.80 18.29
N GLU D 293 -22.12 10.48 16.99
CA GLU D 293 -21.03 9.76 16.32
C GLU D 293 -19.73 10.55 16.35
N LEU D 294 -19.78 11.86 16.06
CA LEU D 294 -18.58 12.70 16.12
C LEU D 294 -18.02 12.64 17.55
N GLN D 295 -18.83 13.09 18.54
CA GLN D 295 -18.49 13.07 19.96
C GLN D 295 -17.79 11.77 20.37
N GLU D 296 -18.35 10.61 20.01
CA GLU D 296 -17.75 9.34 20.38
C GLU D 296 -16.33 9.23 19.80
N ILE D 297 -16.16 9.50 18.49
CA ILE D 297 -14.86 9.36 17.84
C ILE D 297 -13.85 10.23 18.56
N MET D 298 -14.23 11.48 18.84
CA MET D 298 -13.38 12.46 19.50
C MET D 298 -12.86 11.92 20.83
N THR D 299 -13.80 11.44 21.68
CA THR D 299 -13.47 10.87 22.98
C THR D 299 -12.34 9.83 22.83
N ASN D 300 -12.49 8.87 21.90
CA ASN D 300 -11.54 7.75 21.74
C ASN D 300 -10.14 8.23 21.34
N LYS D 301 -10.04 9.40 20.67
CA LYS D 301 -8.76 9.96 20.24
C LYS D 301 -8.27 11.05 21.21
N GLY D 302 -9.04 11.33 22.27
CA GLY D 302 -8.69 12.28 23.31
C GLY D 302 -8.70 13.73 22.84
N TYR D 303 -9.73 14.09 22.07
CA TYR D 303 -9.99 15.48 21.67
C TYR D 303 -11.21 16.00 22.44
N LYS D 304 -11.28 17.32 22.64
CA LYS D 304 -12.27 17.97 23.50
C LYS D 304 -12.88 19.21 22.83
N THR D 305 -12.20 19.76 21.80
CA THR D 305 -12.75 20.77 20.89
C THR D 305 -12.41 20.38 19.45
N LEU D 306 -13.03 21.07 18.48
CA LEU D 306 -12.80 20.85 17.06
C LEU D 306 -11.44 21.42 16.64
N ASP D 307 -10.95 22.44 17.38
CA ASP D 307 -9.70 23.13 17.10
C ASP D 307 -8.50 22.19 17.28
N GLU D 308 -8.67 21.08 18.02
CA GLU D 308 -7.58 20.15 18.30
C GLU D 308 -7.12 19.39 17.06
N PHE D 309 -8.03 19.09 16.11
CA PHE D 309 -7.70 18.21 14.98
C PHE D 309 -8.14 18.77 13.62
N ARG D 310 -8.64 20.02 13.57
CA ARG D 310 -9.11 20.62 12.33
C ARG D 310 -7.92 20.99 11.44
N GLY D 311 -7.88 20.43 10.23
CA GLY D 311 -6.87 20.73 9.23
C GLY D 311 -5.54 20.08 9.58
N ARG D 312 -5.59 19.05 10.43
CA ARG D 312 -4.42 18.35 10.95
C ARG D 312 -4.24 16.99 10.28
N VAL D 313 -4.80 16.80 9.07
CA VAL D 313 -4.51 15.59 8.29
C VAL D 313 -2.98 15.47 8.13
N LYS D 314 -2.42 14.28 8.37
CA LYS D 314 -0.99 14.05 8.24
C LYS D 314 -0.65 13.55 6.83
N THR D 315 0.46 14.03 6.27
CA THR D 315 1.06 13.50 5.04
C THR D 315 2.33 12.71 5.42
N MET D 316 3.12 12.27 4.42
CA MET D 316 4.30 11.43 4.66
C MET D 316 5.58 12.13 4.17
C9A FNR E . 13.70 -21.54 23.76
N10 FNR E . 13.48 -22.20 22.51
CAA FNR E . 13.62 -23.60 22.47
N1 FNR E . 13.16 -24.34 21.42
C2 FNR E . 13.23 -25.70 21.41
O2 FNR E . 12.79 -26.36 20.48
N3 FNR E . 13.79 -26.33 22.50
C4 FNR E . 14.30 -25.67 23.60
O4 FNR E . 14.81 -26.32 24.50
C4A FNR E . 14.25 -24.27 23.57
N5 FNR E . 14.72 -23.56 24.60
C5A FNR E . 14.35 -22.25 24.81
C6 FNR E . 14.53 -21.67 26.05
C7 FNR E . 14.13 -20.39 26.29
C7M FNR E . 14.36 -19.77 27.65
C8 FNR E . 13.45 -19.66 25.25
C8M FNR E . 13.01 -18.24 25.46
C9 FNR E . 13.27 -20.24 24.02
C1' FNR E . 12.79 -21.49 21.38
C2' FNR E . 11.28 -21.53 21.52
O2' FNR E . 10.79 -22.84 21.42
C3' FNR E . 10.56 -20.74 20.42
O3' FNR E . 10.71 -21.47 19.19
C4' FNR E . 11.05 -19.30 20.31
O4' FNR E . 11.22 -18.75 21.64
C5' FNR E . 10.10 -18.42 19.52
O5' FNR E . 8.86 -18.29 20.25
P FNR E . 8.58 -16.94 21.10
O1P FNR E . 7.22 -17.19 21.73
O2P FNR E . 9.71 -16.90 22.11
O3P FNR E . 8.58 -15.75 20.19
N1 ORO F . 17.52 -22.56 22.57
C2 ORO F . 16.82 -22.19 21.46
O2 ORO F . 16.64 -21.01 21.17
N3 ORO F . 16.34 -23.23 20.68
C4 ORO F . 16.50 -24.57 20.93
O4 ORO F . 16.02 -25.40 20.14
C5 ORO F . 17.24 -24.88 22.12
C6 ORO F . 17.70 -23.86 22.93
C7 ORO F . 18.52 -24.03 24.16
O71 ORO F . 18.22 -24.95 24.91
O72 ORO F . 19.48 -23.30 24.27
C1 MLI G . 5.86 -16.98 -2.10
C2 MLI G . 6.21 -18.43 -1.75
C3 MLI G . 5.92 -16.74 -3.59
O6 MLI G . 6.85 -19.08 -2.58
O7 MLI G . 5.86 -18.86 -0.65
O8 MLI G . 7.04 -16.45 -4.10
O9 MLI G . 4.86 -16.84 -4.24
C1 MLI H . 26.42 -30.35 30.55
C2 MLI H . 26.23 -29.04 29.79
C3 MLI H . 27.50 -31.22 29.93
O6 MLI H . 27.19 -28.60 29.14
O7 MLI H . 25.13 -28.50 29.82
O8 MLI H . 27.74 -32.34 30.47
O9 MLI H . 28.10 -30.78 28.92
C1 MLI I . 13.10 -21.85 31.49
C2 MLI I . 14.11 -21.23 32.46
C3 MLI I . 11.73 -21.95 32.15
O6 MLI I . 14.95 -21.96 33.01
O7 MLI I . 14.01 -20.02 32.67
O8 MLI I . 10.78 -21.33 31.61
O9 MLI I . 11.61 -22.65 33.19
C9A FNR J . 15.54 -1.73 0.59
N10 FNR J . 16.75 -2.48 0.68
CAA FNR J . 17.55 -2.57 -0.43
N1 FNR J . 18.80 -3.06 -0.35
C2 FNR J . 19.62 -3.10 -1.44
O2 FNR J . 20.73 -3.53 -1.36
N3 FNR J . 19.17 -2.63 -2.64
C4 FNR J . 17.92 -2.10 -2.84
O4 FNR J . 17.61 -1.72 -3.97
C4A FNR J . 17.07 -2.08 -1.71
N5 FNR J . 15.83 -1.54 -1.80
C5A FNR J . 15.10 -1.26 -0.67
C6 FNR J . 13.93 -0.52 -0.77
C7 FNR J . 13.20 -0.22 0.37
C7M FNR J . 11.96 0.62 0.25
C8 FNR J . 13.67 -0.69 1.66
C8M FNR J . 12.94 -0.42 2.95
C9 FNR J . 14.83 -1.41 1.72
C1' FNR J . 17.23 -2.97 2.00
C2' FNR J . 17.94 -1.84 2.69
O2' FNR J . 19.08 -1.58 1.89
C3' FNR J . 18.36 -2.15 4.13
O3' FNR J . 19.39 -3.11 4.12
C4' FNR J . 17.26 -2.74 4.99
O4' FNR J . 16.05 -1.98 4.83
C5' FNR J . 17.68 -2.83 6.43
O5' FNR J . 17.97 -1.49 6.91
P FNR J . 16.89 -0.78 7.88
O1P FNR J . 16.59 -1.73 9.02
O2P FNR J . 15.69 -0.56 7.02
O3P FNR J . 17.56 0.49 8.34
C1 MLI K . 15.74 -4.93 -3.43
C2 MLI K . 16.17 -5.33 -2.02
C3 MLI K . 14.28 -4.54 -3.63
O6 MLI K . 17.24 -5.96 -1.89
O7 MLI K . 15.46 -5.00 -1.07
O8 MLI K . 13.60 -4.21 -2.64
O9 MLI K . 13.85 -4.54 -4.79
C1 MLI L . 30.56 -16.22 18.38
C2 MLI L . 31.09 -16.22 16.93
C3 MLI L . 30.75 -17.53 19.18
O6 MLI L . 31.22 -15.13 16.33
O7 MLI L . 31.37 -17.31 16.42
O8 MLI L . 31.74 -17.61 19.94
O9 MLI L . 29.92 -18.45 19.02
C1 MLI M . 10.84 -5.03 -15.31
C2 MLI M . 10.11 -5.60 -14.10
C3 MLI M . 11.25 -6.02 -16.41
O6 MLI M . 9.78 -6.81 -14.08
O7 MLI M . 9.89 -4.84 -13.17
O8 MLI M . 11.25 -7.26 -16.14
O9 MLI M . 11.58 -5.56 -17.50
C1 MLI N . 44.98 -6.76 -3.01
C2 MLI N . 44.95 -5.44 -3.75
C3 MLI N . 45.78 -6.77 -1.70
O6 MLI N . 45.67 -5.32 -4.77
O7 MLI N . 44.20 -4.53 -3.32
O8 MLI N . 46.16 -7.87 -1.23
O9 MLI N . 46.00 -5.68 -1.14
C9A FNR O . -4.58 3.69 -14.31
N10 FNR O . -5.08 4.49 -15.38
CAA FNR O . -4.25 4.77 -16.47
N1 FNR O . -4.76 5.27 -17.64
C2 FNR O . -3.97 5.48 -18.75
O2 FNR O . -4.42 5.92 -19.78
N3 FNR O . -2.63 5.18 -18.64
C4 FNR O . -2.05 4.63 -17.52
O4 FNR O . -0.85 4.36 -17.55
C4A FNR O . -2.87 4.45 -16.38
N5 FNR O . -2.39 3.92 -15.24
C5A FNR O . -3.21 3.43 -14.25
C6 FNR O . -2.70 2.64 -13.24
C7 FNR O . -3.52 2.12 -12.26
C7M FNR O . -2.93 1.28 -11.17
C8 FNR O . -4.93 2.38 -12.32
C8M FNR O . -5.86 1.84 -11.28
C9 FNR O . -5.42 3.15 -13.34
C1' FNR O . -6.54 4.81 -15.42
C2' FNR O . -7.33 3.63 -16.00
O2' FNR O . -6.92 3.44 -17.37
C3' FNR O . -8.85 3.80 -15.97
O3' FNR O . -9.19 4.78 -16.95
C4' FNR O . -9.44 4.14 -14.59
O4' FNR O . -8.87 3.35 -13.55
C5' FNR O . -10.94 3.94 -14.54
O5' FNR O . -11.24 2.56 -14.90
P FNR O . -11.59 1.50 -13.70
O1P FNR O . -11.91 0.18 -14.37
O2P FNR O . -12.77 2.08 -12.95
O3P FNR O . -10.35 1.42 -12.85
N1 ORO P . -2.82 7.12 -13.82
C2 ORO P . -4.06 7.40 -14.30
O2 ORO P . -5.09 7.27 -13.63
N3 ORO P . -4.11 7.85 -15.60
C4 ORO P . -3.05 8.05 -16.44
O4 ORO P . -3.24 8.47 -17.58
C5 ORO P . -1.76 7.75 -15.86
C6 ORO P . -1.68 7.27 -14.57
C7 ORO P . -0.42 6.94 -13.85
O71 ORO P . 0.59 6.86 -14.52
O72 ORO P . -0.49 6.85 -12.66
C1 MLI Q . -27.39 15.98 -22.33
C2 MLI Q . -26.19 16.18 -23.26
C3 MLI Q . -28.44 17.08 -22.39
O6 MLI Q . -25.59 15.18 -23.69
O7 MLI Q . -25.84 17.33 -23.54
O8 MLI Q . -28.17 18.16 -21.85
O9 MLI Q . -29.52 16.84 -22.98
C1 MLI R . 11.95 9.70 -13.99
C2 MLI R . 12.61 10.85 -13.25
C3 MLI R . 11.18 8.78 -13.07
O6 MLI R . 11.86 11.72 -12.77
O7 MLI R . 13.86 10.84 -13.12
O8 MLI R . 11.64 7.65 -12.87
O9 MLI R . 10.13 9.19 -12.53
C1 MLI S . -0.04 -2.20 -12.19
C2 MLI S . -0.60 -3.58 -12.49
C3 MLI S . 0.74 -2.15 -10.89
O6 MLI S . -1.84 -3.75 -12.39
O7 MLI S . 0.20 -4.48 -12.81
O8 MLI S . 0.10 -2.20 -9.82
O9 MLI S . 1.98 -2.07 -10.95
C9A FNR T . -28.74 19.30 -4.38
N10 FNR T . -27.60 20.15 -4.40
CAA FNR T . -27.81 21.52 -4.41
N1 FNR T . -26.79 22.37 -4.13
C2 FNR T . -27.00 23.73 -4.06
O2 FNR T . -26.07 24.48 -3.84
N3 FNR T . -28.26 24.20 -4.25
C4 FNR T . -29.37 23.41 -4.51
O4 FNR T . -30.47 23.94 -4.68
C4A FNR T . -29.14 22.04 -4.62
N5 FNR T . -30.18 21.21 -4.84
C5A FNR T . -30.04 19.86 -4.61
C6 FNR T . -31.18 19.08 -4.49
C7 FNR T . -31.07 17.73 -4.21
C7M FNR T . -32.32 16.90 -4.13
C8 FNR T . -29.76 17.16 -3.97
C8M FNR T . -29.56 15.71 -3.65
C9 FNR T . -28.64 17.96 -4.06
C1' FNR T . -26.23 19.61 -4.10
C2' FNR T . -25.95 19.44 -2.57
O2' FNR T . -26.00 20.70 -1.86
C3' FNR T . -24.57 18.80 -2.34
O3' FNR T . -23.57 19.69 -2.86
C4' FNR T . -24.36 17.44 -3.01
O4' FNR T . -25.56 16.68 -2.96
C5' FNR T . -23.29 16.56 -2.36
O5' FNR T . -23.65 16.24 -1.00
P FNR T . -24.13 14.76 -0.57
O1P FNR T . -24.32 14.89 0.94
O2P FNR T . -23.02 13.80 -0.98
O3P FNR T . -25.46 14.57 -1.32
N1 ORO U . -28.69 20.75 -8.03
C2 ORO U . -27.38 20.54 -7.71
O2 ORO U . -26.87 19.42 -7.69
N3 ORO U . -26.65 21.68 -7.45
C4 ORO U . -27.12 22.97 -7.43
O4 ORO U . -26.33 23.89 -7.15
C5 ORO U . -28.50 23.12 -7.77
C6 ORO U . -29.25 21.99 -8.03
C7 ORO U . -30.67 22.01 -8.42
O71 ORO U . -31.33 22.96 -8.07
O72 ORO U . -31.04 21.11 -9.16
C1 MLI V . -1.40 18.85 -3.71
C2 MLI V . -0.05 18.62 -4.41
C3 MLI V . -2.15 20.15 -4.04
O6 MLI V . -0.07 18.30 -5.63
O7 MLI V . 1.02 18.78 -3.76
O8 MLI V . -1.98 20.66 -5.15
O9 MLI V . -2.92 20.63 -3.20
#